data_3IMP
#
_entry.id   3IMP
#
_cell.length_a   107.560
_cell.length_b   100.336
_cell.length_c   108.490
_cell.angle_alpha   90.000
_cell.angle_beta   119.510
_cell.angle_gamma   90.000
#
_symmetry.space_group_name_H-M   'P 1 21 1'
#
loop_
_entity.id
_entity.type
_entity.pdbx_description
1 polymer 'Chemotaxis protein motB'
2 non-polymer 'NICKEL (II) ION'
3 non-polymer 'CHLORIDE ION'
4 water water
#
_entity_poly.entity_id   1
_entity_poly.type   'polypeptide(L)'
_entity_poly.pdbx_seq_one_letter_code
;GIDPFTFENATSDAINQDMMLYIERIAKIIQKLPKRVHINVRGFTDDTPLVKTRFKSHYELAANRAYRVMKVLIQYGVNP
NQLSFSSYGSTNPIAPNDSLENRMKNNRVEIFFSTDANDLSKIHSILDNEFNPHKQQE
;
_entity_poly.pdbx_strand_id   B,C,D,E,A,F,G,H,I,J,K,L
#
# COMPACT_ATOMS: atom_id res chain seq x y z
N GLY A 1 -31.07 -17.89 34.19
CA GLY A 1 -31.43 -16.48 34.53
C GLY A 1 -30.24 -15.57 34.82
N ILE A 2 -29.69 -14.97 33.75
CA ILE A 2 -28.89 -13.76 33.87
C ILE A 2 -29.89 -12.60 33.80
N ASP A 3 -30.18 -11.96 34.93
CA ASP A 3 -31.23 -10.92 34.97
C ASP A 3 -30.84 -9.60 34.30
N PRO A 4 -31.84 -8.83 33.84
CA PRO A 4 -31.61 -7.47 33.40
C PRO A 4 -31.28 -6.59 34.63
N PHE A 5 -31.00 -5.32 34.40
CA PHE A 5 -30.91 -4.40 35.51
C PHE A 5 -32.27 -3.77 35.70
N THR A 6 -32.78 -3.84 36.92
CA THR A 6 -34.10 -3.36 37.26
C THR A 6 -33.97 -2.13 38.11
N PHE A 7 -34.62 -1.05 37.71
CA PHE A 7 -34.53 0.22 38.45
C PHE A 7 -35.45 0.28 39.63
N GLU A 8 -35.14 1.14 40.59
CA GLU A 8 -35.81 1.12 41.89
C GLU A 8 -37.28 1.54 41.74
N ASN A 9 -37.49 2.71 41.17
CA ASN A 9 -38.86 3.15 41.00
C ASN A 9 -39.22 3.36 39.55
N ALA A 10 -40.52 3.31 39.28
CA ALA A 10 -41.09 3.52 37.98
C ALA A 10 -40.44 4.65 37.16
N THR A 11 -40.23 5.81 37.78
CA THR A 11 -39.82 6.99 37.05
C THR A 11 -38.37 7.41 37.28
N SER A 12 -37.55 6.53 37.84
CA SER A 12 -36.18 6.86 38.19
C SER A 12 -35.18 6.27 37.21
N ASP A 13 -34.08 6.97 36.99
CA ASP A 13 -32.98 6.40 36.26
C ASP A 13 -31.74 6.28 37.11
N ALA A 14 -31.93 6.19 38.43
CA ALA A 14 -30.81 6.19 39.35
C ALA A 14 -30.21 4.81 39.39
N ILE A 15 -28.90 4.73 39.42
CA ILE A 15 -28.25 3.45 39.51
C ILE A 15 -27.74 3.33 40.93
N ASN A 16 -28.37 2.44 41.71
CA ASN A 16 -27.97 2.22 43.10
C ASN A 16 -26.71 1.35 43.19
N GLN A 17 -26.11 1.30 44.36
CA GLN A 17 -24.87 0.59 44.56
C GLN A 17 -25.04 -0.91 44.24
N ASP A 18 -26.26 -1.44 44.38
CA ASP A 18 -26.57 -2.84 44.07
C ASP A 18 -26.39 -3.09 42.59
N MET A 19 -26.95 -2.18 41.81
CA MET A 19 -26.93 -2.30 40.37
C MET A 19 -25.54 -2.00 39.79
N MET A 20 -24.81 -1.11 40.45
CA MET A 20 -23.43 -0.85 40.09
C MET A 20 -22.60 -2.13 40.15
N LEU A 21 -22.80 -2.93 41.18
CA LEU A 21 -22.02 -4.13 41.32
C LEU A 21 -22.33 -5.06 40.17
N TYR A 22 -23.59 -5.09 39.80
CA TYR A 22 -24.02 -6.02 38.80
C TYR A 22 -23.54 -5.56 37.41
N ILE A 23 -23.70 -4.27 37.10
CA ILE A 23 -23.11 -3.73 35.87
C ILE A 23 -21.60 -3.98 35.77
N GLU A 24 -20.88 -3.90 36.89
CA GLU A 24 -19.43 -4.11 36.87
C GLU A 24 -19.08 -5.57 36.51
N ARG A 25 -19.84 -6.50 37.06
CA ARG A 25 -19.75 -7.91 36.78
C ARG A 25 -19.97 -8.12 35.32
N ILE A 26 -21.01 -7.50 34.79
CA ILE A 26 -21.26 -7.58 33.35
C ILE A 26 -20.10 -7.03 32.52
N ALA A 27 -19.48 -5.95 32.99
CA ALA A 27 -18.39 -5.33 32.24
C ALA A 27 -17.17 -6.27 32.18
N LYS A 28 -16.99 -7.07 33.22
CA LYS A 28 -15.87 -7.98 33.25
C LYS A 28 -16.10 -9.04 32.20
N ILE A 29 -17.33 -9.52 32.11
CA ILE A 29 -17.70 -10.54 31.15
C ILE A 29 -17.43 -10.03 29.72
N ILE A 30 -18.08 -8.93 29.37
CA ILE A 30 -17.87 -8.29 28.07
C ILE A 30 -16.40 -8.22 27.67
N GLN A 31 -15.54 -7.84 28.60
CA GLN A 31 -14.10 -7.76 28.34
C GLN A 31 -13.40 -9.10 28.08
N LYS A 32 -14.00 -10.20 28.49
CA LYS A 32 -13.48 -11.53 28.12
C LYS A 32 -13.96 -12.01 26.74
N LEU A 33 -14.97 -11.34 26.18
CA LEU A 33 -15.60 -11.80 24.94
C LEU A 33 -14.76 -11.46 23.69
N PRO A 34 -14.94 -12.22 22.60
CA PRO A 34 -14.24 -11.88 21.35
C PRO A 34 -14.50 -10.43 20.90
N LYS A 35 -13.49 -9.79 20.33
CA LYS A 35 -13.59 -8.41 19.87
C LYS A 35 -14.65 -8.15 18.79
N ARG A 36 -15.09 -9.19 18.08
CA ARG A 36 -16.08 -9.01 17.01
C ARG A 36 -17.52 -9.01 17.55
N VAL A 37 -17.70 -9.28 18.84
CA VAL A 37 -19.02 -9.23 19.47
C VAL A 37 -19.32 -7.82 20.00
N HIS A 38 -20.47 -7.28 19.64
CA HIS A 38 -20.92 -5.98 20.15
C HIS A 38 -22.10 -6.09 21.11
N ILE A 39 -22.25 -5.04 21.91
CA ILE A 39 -23.16 -5.00 23.00
C ILE A 39 -24.15 -3.84 22.85
N ASN A 40 -25.43 -4.13 22.77
CA ASN A 40 -26.46 -3.09 22.68
C ASN A 40 -27.19 -3.04 24.01
N VAL A 41 -27.22 -1.84 24.61
CA VAL A 41 -27.79 -1.65 25.94
C VAL A 41 -29.21 -1.07 25.77
N ARG A 42 -30.23 -1.85 26.14
CA ARG A 42 -31.61 -1.56 25.78
C ARG A 42 -32.41 -1.15 26.96
N GLY A 43 -33.06 -0.01 26.84
CA GLY A 43 -33.86 0.55 27.92
C GLY A 43 -35.36 0.43 27.73
N PHE A 44 -36.09 0.16 28.84
CA PHE A 44 -37.54 -0.01 28.85
C PHE A 44 -38.18 0.65 30.03
N THR A 45 -39.47 0.93 29.94
CA THR A 45 -40.23 1.39 31.09
C THR A 45 -41.52 0.58 31.20
N ASP A 46 -42.16 0.67 32.38
CA ASP A 46 -43.57 0.32 32.52
C ASP A 46 -44.40 1.44 31.90
N ASP A 47 -45.71 1.43 32.09
CA ASP A 47 -46.57 2.48 31.53
C ASP A 47 -47.17 3.34 32.61
N THR A 48 -46.38 3.56 33.65
CA THR A 48 -46.71 4.43 34.76
C THR A 48 -46.63 5.87 34.26
N PRO A 49 -47.77 6.60 34.31
CA PRO A 49 -47.92 8.01 33.91
C PRO A 49 -46.81 8.87 34.48
N LEU A 50 -46.31 9.82 33.70
CA LEU A 50 -45.06 10.48 34.05
C LEU A 50 -45.09 11.80 34.81
N VAL A 51 -46.25 12.28 35.20
CA VAL A 51 -46.30 13.55 35.94
C VAL A 51 -45.24 13.58 37.05
N LYS A 52 -44.84 14.78 37.47
CA LYS A 52 -43.95 15.01 38.61
C LYS A 52 -42.58 14.36 38.42
N THR A 53 -42.11 14.36 37.18
CA THR A 53 -40.73 14.05 36.90
C THR A 53 -40.21 14.95 35.79
N ARG A 54 -38.89 14.97 35.66
CA ARG A 54 -38.26 15.72 34.58
C ARG A 54 -38.67 15.15 33.20
N PHE A 55 -38.92 13.85 33.15
CA PHE A 55 -39.07 13.15 31.86
C PHE A 55 -40.40 13.46 31.16
N LYS A 56 -40.29 13.83 29.89
CA LYS A 56 -41.44 14.18 29.04
C LYS A 56 -42.09 12.98 28.35
N SER A 57 -41.46 11.82 28.45
CA SER A 57 -41.95 10.65 27.77
C SER A 57 -41.17 9.46 28.24
N HIS A 58 -41.79 8.30 28.13
CA HIS A 58 -41.14 7.04 28.48
C HIS A 58 -39.86 6.74 27.68
N TYR A 59 -39.83 7.13 26.42
CA TYR A 59 -38.61 6.98 25.63
C TYR A 59 -37.47 7.80 26.23
N GLU A 60 -37.78 8.96 26.82
CA GLU A 60 -36.72 9.77 27.38
C GLU A 60 -36.20 9.07 28.62
N LEU A 61 -37.13 8.56 29.42
CA LEU A 61 -36.77 7.78 30.59
C LEU A 61 -35.94 6.52 30.24
N ALA A 62 -36.48 5.70 29.36
CA ALA A 62 -35.81 4.49 28.93
C ALA A 62 -34.43 4.81 28.28
N ALA A 63 -34.37 5.90 27.49
CA ALA A 63 -33.09 6.29 26.85
C ALA A 63 -32.07 6.69 27.90
N ASN A 64 -32.54 7.40 28.91
CA ASN A 64 -31.66 7.77 30.01
C ASN A 64 -31.15 6.59 30.81
N ARG A 65 -32.00 5.61 31.08
CA ARG A 65 -31.55 4.42 31.83
C ARG A 65 -30.44 3.69 31.03
N ALA A 66 -30.64 3.57 29.73
CA ALA A 66 -29.77 2.76 28.92
C ALA A 66 -28.44 3.46 28.70
N TYR A 67 -28.51 4.77 28.38
CA TYR A 67 -27.31 5.58 28.33
C TYR A 67 -26.54 5.47 29.64
N ARG A 68 -27.20 5.64 30.78
CA ARG A 68 -26.46 5.55 32.03
C ARG A 68 -25.73 4.21 32.22
N VAL A 69 -26.44 3.11 31.97
CA VAL A 69 -25.84 1.80 32.09
C VAL A 69 -24.58 1.70 31.20
N MET A 70 -24.71 2.13 29.94
CA MET A 70 -23.61 2.08 28.99
C MET A 70 -22.44 2.92 29.48
N LYS A 71 -22.73 4.10 29.97
CA LYS A 71 -21.74 5.00 30.51
C LYS A 71 -21.01 4.31 31.68
N VAL A 72 -21.75 3.57 32.50
CA VAL A 72 -21.11 2.84 33.57
C VAL A 72 -20.23 1.70 33.03
N LEU A 73 -20.71 1.00 31.99
CA LEU A 73 -19.95 -0.11 31.42
C LEU A 73 -18.59 0.35 30.91
N ILE A 74 -18.59 1.54 30.33
CA ILE A 74 -17.39 2.13 29.80
C ILE A 74 -16.50 2.49 30.96
N GLN A 75 -17.10 3.09 31.98
CA GLN A 75 -16.41 3.47 33.21
C GLN A 75 -15.61 2.30 33.77
N TYR A 76 -16.19 1.09 33.70
CA TYR A 76 -15.50 -0.11 34.13
C TYR A 76 -14.65 -0.80 33.04
N GLY A 77 -14.23 -0.04 32.03
CA GLY A 77 -13.28 -0.56 31.05
C GLY A 77 -13.80 -1.10 29.71
N VAL A 78 -15.11 -1.14 29.49
CA VAL A 78 -15.59 -1.66 28.21
C VAL A 78 -15.30 -0.66 27.08
N ASN A 79 -14.68 -1.15 25.99
CA ASN A 79 -14.43 -0.38 24.75
C ASN A 79 -15.72 0.25 24.17
N PRO A 80 -15.80 1.58 24.17
CA PRO A 80 -16.92 2.31 23.58
C PRO A 80 -17.20 1.82 22.16
N ASN A 81 -16.20 1.33 21.48
CA ASN A 81 -16.38 0.84 20.13
C ASN A 81 -17.26 -0.42 20.02
N GLN A 82 -17.52 -1.05 21.16
CA GLN A 82 -18.29 -2.27 21.21
C GLN A 82 -19.68 -1.99 21.75
N LEU A 83 -19.95 -0.72 22.06
CA LEU A 83 -21.17 -0.34 22.76
C LEU A 83 -22.13 0.52 21.97
N SER A 84 -23.42 0.42 22.27
CA SER A 84 -24.42 1.32 21.77
C SER A 84 -25.57 1.21 22.72
N PHE A 85 -26.53 2.14 22.64
CA PHE A 85 -27.68 2.10 23.53
C PHE A 85 -28.98 2.36 22.79
N SER A 86 -30.09 1.84 23.30
CA SER A 86 -31.37 2.04 22.57
C SER A 86 -32.48 2.23 23.55
N SER A 87 -33.48 3.01 23.16
CA SER A 87 -34.60 3.27 24.03
C SER A 87 -35.81 2.67 23.37
N TYR A 88 -36.59 1.92 24.15
CA TYR A 88 -37.81 1.25 23.65
C TYR A 88 -39.02 1.77 24.39
N GLY A 89 -38.82 2.75 25.26
CA GLY A 89 -39.97 3.38 25.97
C GLY A 89 -40.72 2.36 26.80
N SER A 90 -42.06 2.42 26.77
CA SER A 90 -42.89 1.42 27.42
C SER A 90 -43.28 0.23 26.53
N THR A 91 -42.74 0.15 25.32
CA THR A 91 -43.00 -0.98 24.44
C THR A 91 -42.35 -2.25 24.97
N ASN A 92 -42.78 -3.41 24.46
CA ASN A 92 -42.08 -4.68 24.70
C ASN A 92 -41.98 -5.04 26.19
N PRO A 93 -43.09 -4.91 26.93
CA PRO A 93 -43.05 -5.19 28.35
C PRO A 93 -42.73 -6.65 28.52
N ILE A 94 -41.94 -7.03 29.53
CA ILE A 94 -41.74 -8.46 29.77
C ILE A 94 -42.89 -9.04 30.57
N ALA A 95 -43.73 -8.18 31.15
CA ALA A 95 -44.82 -8.64 31.98
C ALA A 95 -46.04 -7.70 31.89
N PRO A 96 -47.26 -8.21 32.16
CA PRO A 96 -48.41 -7.32 32.13
C PRO A 96 -48.21 -6.14 33.09
N ASN A 97 -48.71 -4.96 32.72
CA ASN A 97 -48.62 -3.81 33.61
C ASN A 97 -49.79 -3.66 34.59
N ASP A 98 -49.97 -4.65 35.45
CA ASP A 98 -50.97 -4.56 36.52
C ASP A 98 -50.31 -4.22 37.89
N SER A 99 -50.07 -5.19 38.77
CA SER A 99 -49.42 -4.91 40.07
C SER A 99 -48.10 -4.11 39.98
N LEU A 100 -47.76 -3.38 41.05
CA LEU A 100 -46.47 -2.70 41.17
C LEU A 100 -45.30 -3.66 40.94
N GLU A 101 -45.45 -4.90 41.38
CA GLU A 101 -44.39 -5.87 41.25
C GLU A 101 -44.11 -6.11 39.78
N ASN A 102 -45.17 -6.28 39.00
CA ASN A 102 -45.04 -6.55 37.58
C ASN A 102 -44.56 -5.34 36.78
N ARG A 103 -45.10 -4.17 37.12
CA ARG A 103 -44.64 -2.92 36.52
C ARG A 103 -43.13 -2.77 36.65
N MET A 104 -42.59 -3.15 37.81
CA MET A 104 -41.14 -3.05 38.08
C MET A 104 -40.28 -3.95 37.19
N LYS A 105 -40.67 -5.20 36.94
CA LYS A 105 -39.96 -6.03 35.95
C LYS A 105 -39.83 -5.30 34.60
N ASN A 106 -40.78 -4.41 34.30
CA ASN A 106 -40.73 -3.65 33.06
C ASN A 106 -39.77 -2.45 33.07
N ASN A 107 -39.48 -1.94 34.27
CA ASN A 107 -38.56 -0.83 34.41
C ASN A 107 -37.15 -1.37 34.46
N ARG A 108 -36.56 -1.58 33.30
CA ARG A 108 -35.31 -2.30 33.26
C ARG A 108 -34.46 -2.00 32.06
N VAL A 109 -33.19 -2.40 32.15
CA VAL A 109 -32.23 -2.37 31.04
C VAL A 109 -31.74 -3.78 30.76
N GLU A 110 -31.72 -4.13 29.48
CA GLU A 110 -31.33 -5.47 29.00
C GLU A 110 -30.06 -5.35 28.17
N ILE A 111 -29.24 -6.41 28.14
CA ILE A 111 -28.01 -6.43 27.40
C ILE A 111 -28.20 -7.44 26.28
N PHE A 112 -28.00 -6.99 25.02
CA PHE A 112 -28.05 -7.86 23.84
C PHE A 112 -26.66 -7.99 23.23
N PHE A 113 -26.29 -9.22 22.88
CA PHE A 113 -25.02 -9.52 22.29
C PHE A 113 -25.25 -9.74 20.82
N SER A 114 -24.40 -9.14 20.01
CA SER A 114 -24.41 -9.32 18.57
C SER A 114 -23.19 -10.20 18.20
N THR A 115 -23.43 -11.38 17.63
CA THR A 115 -22.43 -12.43 17.52
C THR A 115 -22.66 -13.42 16.39
N ASP A 116 -21.56 -13.93 15.83
CA ASP A 116 -21.71 -14.96 14.81
C ASP A 116 -21.94 -16.33 15.46
N ALA A 117 -22.27 -17.34 14.67
CA ALA A 117 -22.50 -18.67 15.18
C ALA A 117 -21.27 -19.22 16.00
N ASN A 118 -20.06 -18.90 15.57
CA ASN A 118 -18.88 -19.47 16.21
C ASN A 118 -18.54 -18.80 17.55
N ASP A 119 -18.69 -17.49 17.61
CA ASP A 119 -18.44 -16.79 18.85
C ASP A 119 -19.55 -17.00 19.87
N LEU A 120 -20.63 -17.65 19.44
CA LEU A 120 -21.74 -17.90 20.34
C LEU A 120 -21.35 -18.87 21.47
N SER A 121 -20.62 -19.92 21.13
CA SER A 121 -20.07 -20.87 22.13
C SER A 121 -19.13 -20.18 23.10
N LYS A 122 -18.14 -19.46 22.58
CA LYS A 122 -17.24 -18.71 23.43
C LYS A 122 -17.99 -17.86 24.46
N ILE A 123 -19.13 -17.30 24.07
CA ILE A 123 -19.95 -16.47 24.97
C ILE A 123 -20.71 -17.33 25.99
N HIS A 124 -21.23 -18.46 25.51
CA HIS A 124 -21.92 -19.41 26.36
C HIS A 124 -21.06 -19.85 27.55
N SER A 125 -19.92 -20.50 27.29
CA SER A 125 -19.09 -20.94 28.39
C SER A 125 -18.58 -19.80 29.25
N ILE A 126 -18.27 -18.64 28.65
CA ILE A 126 -17.92 -17.48 29.49
C ILE A 126 -19.08 -17.14 30.44
N LEU A 127 -20.30 -17.04 29.91
CA LEU A 127 -21.48 -16.73 30.75
C LEU A 127 -21.72 -17.85 31.77
N ASP A 128 -21.67 -19.09 31.32
CA ASP A 128 -21.88 -20.25 32.20
C ASP A 128 -20.84 -20.29 33.31
N ASN A 129 -19.57 -20.03 32.97
CA ASN A 129 -18.48 -19.96 33.97
C ASN A 129 -18.84 -18.98 35.07
N GLU A 130 -19.59 -17.94 34.70
CA GLU A 130 -19.83 -16.84 35.60
C GLU A 130 -21.18 -16.87 36.36
N PHE A 131 -22.15 -17.66 35.90
CA PHE A 131 -23.50 -17.61 36.45
C PHE A 131 -24.13 -18.98 36.73
N ASN A 132 -23.33 -20.04 36.68
CA ASN A 132 -23.85 -21.41 36.91
C ASN A 132 -22.86 -22.32 37.65
N PRO A 133 -23.39 -23.38 38.31
CA PRO A 133 -22.57 -24.51 38.80
C PRO A 133 -21.54 -25.06 37.80
N GLY B 1 -20.21 26.01 4.63
CA GLY B 1 -20.77 24.83 5.33
C GLY B 1 -20.37 24.77 6.79
N ILE B 2 -21.17 24.08 7.60
CA ILE B 2 -20.90 23.94 9.03
C ILE B 2 -19.67 23.07 9.30
N ASP B 3 -18.89 23.46 10.30
CA ASP B 3 -17.60 22.83 10.61
C ASP B 3 -17.79 21.60 11.47
N PRO B 4 -16.91 20.59 11.27
CA PRO B 4 -16.96 19.40 12.14
C PRO B 4 -16.17 19.70 13.41
N PHE B 5 -16.15 18.78 14.36
CA PHE B 5 -15.30 18.96 15.52
C PHE B 5 -13.93 18.34 15.22
N THR B 6 -12.94 19.23 15.02
CA THR B 6 -11.56 18.85 14.62
C THR B 6 -10.71 18.56 15.84
N PHE B 7 -10.04 17.41 15.86
CA PHE B 7 -9.09 17.14 16.93
C PHE B 7 -7.68 17.44 16.41
N GLU B 8 -7.08 18.48 16.97
CA GLU B 8 -5.73 18.89 16.57
C GLU B 8 -4.68 17.87 17.04
N ASN B 9 -4.89 17.26 18.19
CA ASN B 9 -4.02 16.17 18.61
C ASN B 9 -4.44 14.86 17.95
N ALA B 10 -3.66 14.43 16.96
CA ALA B 10 -3.99 13.27 16.13
C ALA B 10 -4.22 11.98 16.91
N THR B 11 -3.58 11.83 18.06
CA THR B 11 -3.70 10.59 18.80
C THR B 11 -4.59 10.64 20.04
N SER B 12 -5.25 11.77 20.31
CA SER B 12 -6.12 11.84 21.47
C SER B 12 -7.60 12.18 21.19
N ASP B 13 -8.42 11.88 22.18
CA ASP B 13 -9.83 12.14 22.14
C ASP B 13 -10.20 13.33 22.99
N ALA B 14 -9.18 14.10 23.39
CA ALA B 14 -9.36 15.24 24.28
C ALA B 14 -10.09 16.38 23.58
N ILE B 15 -11.12 16.89 24.23
CA ILE B 15 -11.90 17.99 23.73
C ILE B 15 -11.41 19.21 24.48
N ASN B 16 -10.73 20.11 23.79
CA ASN B 16 -10.27 21.34 24.44
C ASN B 16 -11.42 22.33 24.73
N GLN B 17 -11.10 23.58 25.06
CA GLN B 17 -12.10 24.55 25.52
C GLN B 17 -12.85 25.23 24.36
N ASP B 18 -12.12 25.58 23.30
CA ASP B 18 -12.72 26.14 22.08
C ASP B 18 -13.76 25.19 21.48
N MET B 19 -13.44 23.90 21.47
CA MET B 19 -14.31 22.86 20.96
C MET B 19 -15.54 22.63 21.84
N MET B 20 -15.34 22.65 23.17
CA MET B 20 -16.46 22.62 24.11
C MET B 20 -17.50 23.69 23.80
N LEU B 21 -17.06 24.91 23.52
CA LEU B 21 -17.98 26.03 23.26
C LEU B 21 -18.76 25.75 21.96
N TYR B 22 -18.06 25.18 20.99
CA TYR B 22 -18.65 24.90 19.70
C TYR B 22 -19.69 23.76 19.82
N ILE B 23 -19.30 22.69 20.51
CA ILE B 23 -20.25 21.62 20.87
C ILE B 23 -21.48 22.22 21.56
N GLU B 24 -21.28 23.22 22.39
CA GLU B 24 -22.40 23.82 23.13
C GLU B 24 -23.36 24.53 22.18
N ARG B 25 -22.83 25.16 21.15
CA ARG B 25 -23.65 25.85 20.17
C ARG B 25 -24.51 24.88 19.43
N ILE B 26 -23.86 23.83 18.91
CA ILE B 26 -24.58 22.74 18.24
C ILE B 26 -25.65 22.14 19.14
N ALA B 27 -25.35 21.97 20.42
CA ALA B 27 -26.32 21.50 21.40
C ALA B 27 -27.52 22.42 21.45
N LYS B 28 -27.28 23.73 21.50
CA LYS B 28 -28.38 24.71 21.49
C LYS B 28 -29.22 24.57 20.20
N ILE B 29 -28.56 24.47 19.05
CA ILE B 29 -29.23 24.17 17.80
C ILE B 29 -30.07 22.88 17.89
N ILE B 30 -29.45 21.79 18.32
CA ILE B 30 -30.17 20.54 18.40
C ILE B 30 -31.48 20.61 19.20
N GLN B 31 -31.47 21.22 20.38
CA GLN B 31 -32.67 21.28 21.22
C GLN B 31 -33.79 22.13 20.62
N LYS B 32 -33.50 22.85 19.55
CA LYS B 32 -34.53 23.66 18.89
C LYS B 32 -35.18 22.91 17.76
N LEU B 33 -34.61 21.78 17.39
CA LEU B 33 -35.03 21.01 16.24
C LEU B 33 -36.24 20.17 16.61
N PRO B 34 -37.06 19.76 15.61
CA PRO B 34 -38.20 18.91 15.96
C PRO B 34 -37.72 17.62 16.61
N LYS B 35 -38.52 17.11 17.55
CA LYS B 35 -38.20 15.91 18.33
C LYS B 35 -38.04 14.63 17.53
N ARG B 36 -38.63 14.58 16.35
CA ARG B 36 -38.51 13.39 15.51
C ARG B 36 -37.18 13.35 14.71
N VAL B 37 -36.32 14.34 14.92
CA VAL B 37 -34.97 14.39 14.35
C VAL B 37 -33.96 13.79 15.32
N HIS B 38 -33.27 12.75 14.90
CA HIS B 38 -32.17 12.17 15.70
C HIS B 38 -30.80 12.56 15.18
N ILE B 39 -29.81 12.48 16.07
CA ILE B 39 -28.48 12.92 15.83
C ILE B 39 -27.52 11.75 16.04
N ASN B 40 -26.70 11.48 15.04
CA ASN B 40 -25.73 10.39 15.08
C ASN B 40 -24.39 11.07 15.07
N VAL B 41 -23.64 10.87 16.13
CA VAL B 41 -22.34 11.51 16.25
C VAL B 41 -21.28 10.51 15.73
N ARG B 42 -20.64 10.83 14.63
CA ARG B 42 -19.71 9.90 13.99
C ARG B 42 -18.25 10.24 14.22
N GLY B 43 -17.45 9.21 14.52
CA GLY B 43 -16.04 9.36 14.87
C GLY B 43 -15.05 8.90 13.79
N PHE B 44 -14.04 9.73 13.53
CA PHE B 44 -13.04 9.44 12.51
C PHE B 44 -11.60 9.72 12.98
N THR B 45 -10.63 9.12 12.30
CA THR B 45 -9.23 9.41 12.57
C THR B 45 -8.48 9.45 11.28
N ASP B 46 -7.27 10.00 11.35
CA ASP B 46 -6.24 9.83 10.35
C ASP B 46 -5.62 8.42 10.51
N ASP B 47 -4.38 8.24 10.05
CA ASP B 47 -3.69 6.96 10.15
C ASP B 47 -2.39 7.09 10.94
N THR B 48 -2.27 8.16 11.73
CA THR B 48 -1.12 8.31 12.64
C THR B 48 -0.99 7.07 13.56
N PRO B 49 0.20 6.45 13.59
CA PRO B 49 0.47 5.35 14.52
C PRO B 49 -0.01 5.61 15.95
N LEU B 50 -0.51 4.57 16.60
CA LEU B 50 -1.10 4.73 17.93
C LEU B 50 -0.23 4.20 19.06
N VAL B 51 0.98 3.74 18.73
CA VAL B 51 1.81 2.90 19.60
C VAL B 51 2.00 3.36 21.06
N LYS B 52 2.32 4.64 21.25
CA LYS B 52 2.62 5.16 22.58
C LYS B 52 1.38 5.63 23.38
N THR B 53 0.18 5.25 22.90
CA THR B 53 -1.08 5.56 23.58
C THR B 53 -1.77 4.32 24.18
N ARG B 54 -2.95 4.53 24.75
CA ARG B 54 -3.73 3.41 25.25
C ARG B 54 -4.51 2.70 24.15
N PHE B 55 -4.72 3.34 23.01
CA PHE B 55 -5.64 2.78 22.02
C PHE B 55 -5.00 1.66 21.21
N LYS B 56 -5.73 0.55 21.08
CA LYS B 56 -5.32 -0.59 20.22
C LYS B 56 -5.61 -0.40 18.73
N SER B 57 -6.50 0.52 18.39
CA SER B 57 -6.95 0.68 17.02
C SER B 57 -7.50 2.05 16.82
N HIS B 58 -7.66 2.43 15.56
CA HIS B 58 -8.22 3.71 15.22
C HIS B 58 -9.73 3.71 15.43
N TYR B 59 -10.35 2.57 15.19
CA TYR B 59 -11.75 2.42 15.55
C TYR B 59 -11.95 2.80 17.00
N GLU B 60 -11.07 2.29 17.85
CA GLU B 60 -11.20 2.53 19.28
C GLU B 60 -11.06 4.03 19.62
N LEU B 61 -10.03 4.65 19.04
CA LEU B 61 -9.85 6.10 19.10
C LEU B 61 -11.04 6.94 18.59
N ALA B 62 -11.59 6.55 17.45
CA ALA B 62 -12.71 7.26 16.88
C ALA B 62 -13.97 7.01 17.73
N ALA B 63 -14.10 5.79 18.26
CA ALA B 63 -15.24 5.55 19.14
C ALA B 63 -15.15 6.48 20.32
N ASN B 64 -13.97 6.59 20.93
CA ASN B 64 -13.86 7.43 22.10
C ASN B 64 -14.16 8.90 21.84
N ARG B 65 -13.75 9.37 20.68
CA ARG B 65 -14.02 10.71 20.23
C ARG B 65 -15.51 10.94 20.05
N ALA B 66 -16.18 10.08 19.32
CA ALA B 66 -17.61 10.25 19.10
C ALA B 66 -18.39 10.11 20.42
N TYR B 67 -18.00 9.14 21.25
CA TYR B 67 -18.70 8.94 22.51
C TYR B 67 -18.53 10.22 23.35
N ARG B 68 -17.32 10.73 23.39
CA ARG B 68 -17.07 11.87 24.24
C ARG B 68 -17.83 13.13 23.80
N VAL B 69 -17.94 13.36 22.49
CA VAL B 69 -18.71 14.48 21.95
C VAL B 69 -20.17 14.32 22.28
N MET B 70 -20.65 13.08 22.12
CA MET B 70 -21.99 12.73 22.53
C MET B 70 -22.25 13.04 23.99
N LYS B 71 -21.30 12.65 24.86
CA LYS B 71 -21.37 12.94 26.30
C LYS B 71 -21.57 14.45 26.53
N VAL B 72 -20.73 15.25 25.89
CA VAL B 72 -20.82 16.71 25.97
C VAL B 72 -22.18 17.29 25.52
N LEU B 73 -22.69 16.86 24.37
CA LEU B 73 -24.02 17.27 23.92
C LEU B 73 -25.09 16.99 25.00
N ILE B 74 -24.92 15.86 25.69
CA ILE B 74 -25.87 15.52 26.75
C ILE B 74 -25.66 16.45 27.91
N GLN B 75 -24.40 16.77 28.22
CA GLN B 75 -24.09 17.72 29.30
C GLN B 75 -24.86 19.02 29.10
N TYR B 76 -24.99 19.44 27.85
CA TYR B 76 -25.59 20.74 27.56
C TYR B 76 -27.06 20.60 27.25
N GLY B 77 -27.64 19.47 27.62
CA GLY B 77 -29.09 19.31 27.62
C GLY B 77 -29.72 18.64 26.40
N VAL B 78 -28.92 18.01 25.55
CA VAL B 78 -29.54 17.24 24.46
C VAL B 78 -30.09 15.95 25.04
N ASN B 79 -31.33 15.61 24.69
CA ASN B 79 -31.91 14.38 25.18
C ASN B 79 -31.17 13.18 24.61
N PRO B 80 -30.69 12.25 25.48
CA PRO B 80 -30.06 10.98 25.05
C PRO B 80 -30.93 10.16 24.09
N ASN B 81 -32.23 10.34 24.16
CA ASN B 81 -33.13 9.73 23.21
C ASN B 81 -32.98 10.16 21.76
N GLN B 82 -32.46 11.36 21.52
CA GLN B 82 -32.18 11.76 20.14
C GLN B 82 -30.75 11.43 19.69
N LEU B 83 -29.96 10.73 20.53
CA LEU B 83 -28.52 10.60 20.24
C LEU B 83 -27.99 9.19 20.04
N SER B 84 -26.89 9.09 19.30
CA SER B 84 -26.19 7.82 19.17
C SER B 84 -24.82 8.19 18.68
N PHE B 85 -23.91 7.22 18.68
CA PHE B 85 -22.55 7.47 18.27
C PHE B 85 -22.01 6.34 17.43
N SER B 86 -21.12 6.66 16.49
CA SER B 86 -20.54 5.59 15.66
C SER B 86 -19.09 5.83 15.40
N SER B 87 -18.32 4.75 15.24
CA SER B 87 -16.91 4.85 14.89
C SER B 87 -16.66 4.33 13.49
N TYR B 88 -15.95 5.15 12.70
CA TYR B 88 -15.52 4.76 11.35
C TYR B 88 -14.00 4.52 11.32
N GLY B 89 -13.35 4.73 12.46
CA GLY B 89 -11.92 4.50 12.58
C GLY B 89 -11.20 5.36 11.57
N SER B 90 -10.18 4.79 10.91
CA SER B 90 -9.45 5.47 9.86
C SER B 90 -10.04 5.32 8.44
N THR B 91 -11.20 4.69 8.31
CA THR B 91 -11.92 4.64 7.05
C THR B 91 -12.65 5.95 6.81
N ASN B 92 -13.02 6.19 5.55
CA ASN B 92 -13.81 7.37 5.15
C ASN B 92 -13.09 8.70 5.38
N PRO B 93 -11.85 8.78 4.93
CA PRO B 93 -11.16 10.07 5.17
C PRO B 93 -11.76 11.23 4.34
N ILE B 94 -11.65 12.47 4.84
CA ILE B 94 -11.98 13.69 4.07
C ILE B 94 -10.91 13.93 3.01
N ALA B 95 -9.65 13.71 3.41
CA ALA B 95 -8.50 13.96 2.56
C ALA B 95 -7.57 12.78 2.70
N PRO B 96 -6.64 12.56 1.74
CA PRO B 96 -5.62 11.50 1.96
C PRO B 96 -4.74 11.85 3.16
N ASN B 97 -3.97 10.90 3.67
CA ASN B 97 -3.16 11.10 4.89
C ASN B 97 -1.68 11.48 4.63
N ASP B 98 -1.43 12.13 3.50
CA ASP B 98 -0.07 12.48 3.12
C ASP B 98 0.56 13.57 4.01
N SER B 99 -0.20 14.62 4.30
CA SER B 99 0.35 15.77 5.01
C SER B 99 -0.39 16.08 6.28
N LEU B 100 0.25 16.86 7.15
CA LEU B 100 -0.30 17.36 8.42
C LEU B 100 -1.63 18.11 8.24
N GLU B 101 -1.71 18.91 7.19
CA GLU B 101 -2.92 19.64 6.87
C GLU B 101 -4.06 18.68 6.56
N ASN B 102 -3.82 17.73 5.66
CA ASN B 102 -4.86 16.77 5.34
C ASN B 102 -5.18 15.80 6.47
N ARG B 103 -4.20 15.43 7.26
CA ARG B 103 -4.49 14.51 8.39
C ARG B 103 -5.44 15.10 9.45
N MET B 104 -5.40 16.43 9.61
CA MET B 104 -6.28 17.16 10.53
C MET B 104 -7.68 17.05 10.01
N LYS B 105 -7.83 17.16 8.71
CA LYS B 105 -9.15 16.98 8.11
C LYS B 105 -9.73 15.64 8.55
N ASN B 106 -8.87 14.61 8.65
CA ASN B 106 -9.34 13.26 9.00
C ASN B 106 -9.60 13.02 10.51
N ASN B 107 -8.97 13.85 11.36
CA ASN B 107 -9.20 13.79 12.80
C ASN B 107 -10.41 14.64 13.26
N ARG B 108 -11.59 14.05 13.17
CA ARG B 108 -12.79 14.82 13.46
C ARG B 108 -13.97 13.93 13.89
N VAL B 109 -15.01 14.61 14.37
CA VAL B 109 -16.30 14.03 14.65
C VAL B 109 -17.29 14.85 13.83
N GLU B 110 -18.22 14.14 13.20
CA GLU B 110 -19.19 14.72 12.28
C GLU B 110 -20.56 14.48 12.85
N ILE B 111 -21.46 15.44 12.68
CA ILE B 111 -22.83 15.29 13.12
C ILE B 111 -23.70 14.87 11.93
N PHE B 112 -24.42 13.77 12.06
CA PHE B 112 -25.45 13.41 11.07
C PHE B 112 -26.89 13.50 11.58
N PHE B 113 -27.73 14.18 10.83
CA PHE B 113 -29.16 14.33 11.14
C PHE B 113 -29.96 13.23 10.48
N SER B 114 -30.86 12.61 11.23
CA SER B 114 -31.79 11.68 10.67
C SER B 114 -33.14 12.40 10.75
N THR B 115 -33.72 12.70 9.58
CA THR B 115 -34.89 13.57 9.45
C THR B 115 -35.80 13.13 8.31
N ASP B 116 -37.10 13.47 8.42
CA ASP B 116 -37.95 13.25 7.28
C ASP B 116 -37.87 14.45 6.38
N ALA B 117 -38.61 14.38 5.28
CA ALA B 117 -38.53 15.39 4.27
C ALA B 117 -39.09 16.72 4.79
N ASN B 118 -40.11 16.69 5.63
CA ASN B 118 -40.66 17.96 6.05
C ASN B 118 -39.80 18.61 7.12
N ASP B 119 -39.25 17.81 8.03
CA ASP B 119 -38.40 18.36 9.08
C ASP B 119 -37.04 18.85 8.56
N LEU B 120 -36.63 18.35 7.40
CA LEU B 120 -35.41 18.81 6.72
C LEU B 120 -35.37 20.34 6.47
N SER B 121 -36.48 20.92 6.02
CA SER B 121 -36.57 22.40 5.85
C SER B 121 -36.34 23.15 7.18
N LYS B 122 -36.99 22.68 8.23
CA LYS B 122 -36.83 23.27 9.55
C LYS B 122 -35.37 23.24 9.99
N ILE B 123 -34.69 22.10 9.85
CA ILE B 123 -33.29 22.00 10.22
C ILE B 123 -32.59 23.03 9.37
N HIS B 124 -32.83 22.99 8.06
CA HIS B 124 -32.12 23.90 7.19
C HIS B 124 -32.26 25.34 7.70
N SER B 125 -33.49 25.81 7.85
CA SER B 125 -33.77 27.16 8.35
C SER B 125 -33.11 27.47 9.72
N ILE B 126 -33.23 26.57 10.68
CA ILE B 126 -32.61 26.78 11.99
C ILE B 126 -31.08 26.90 11.89
N LEU B 127 -30.45 26.02 11.11
CA LEU B 127 -28.99 26.07 10.92
C LEU B 127 -28.53 27.39 10.27
N ASP B 128 -29.31 27.87 9.29
CA ASP B 128 -29.04 29.13 8.61
C ASP B 128 -29.02 30.34 9.56
N ASN B 129 -30.00 30.39 10.46
CA ASN B 129 -30.12 31.53 11.37
C ASN B 129 -28.97 31.64 12.34
N GLU B 130 -28.48 30.50 12.83
CA GLU B 130 -27.45 30.51 13.85
C GLU B 130 -26.04 30.62 13.30
N PHE B 131 -25.81 30.15 12.08
CA PHE B 131 -24.46 30.05 11.56
C PHE B 131 -24.04 31.07 10.53
N ASN B 132 -25.02 31.53 9.74
CA ASN B 132 -24.74 32.55 8.74
C ASN B 132 -25.42 33.89 9.09
N PRO B 133 -24.62 34.92 9.44
CA PRO B 133 -25.08 36.21 9.98
C PRO B 133 -26.33 36.76 9.30
N GLY C 1 -46.88 19.36 2.65
CA GLY C 1 -45.48 18.85 2.54
C GLY C 1 -45.36 17.56 1.73
N ILE C 2 -44.28 16.82 1.96
CA ILE C 2 -44.07 15.54 1.30
C ILE C 2 -44.71 14.43 2.12
N ASP C 3 -45.70 13.74 1.53
CA ASP C 3 -46.49 12.70 2.23
C ASP C 3 -45.74 11.37 2.42
N PRO C 4 -46.09 10.64 3.50
CA PRO C 4 -45.70 9.24 3.66
C PRO C 4 -46.41 8.36 2.62
N PHE C 5 -46.00 7.10 2.52
CA PHE C 5 -46.75 6.14 1.73
C PHE C 5 -47.78 5.61 2.68
N THR C 6 -49.03 5.92 2.39
CA THR C 6 -50.16 5.56 3.20
C THR C 6 -50.86 4.35 2.58
N PHE C 7 -51.04 3.29 3.36
CA PHE C 7 -51.65 2.04 2.87
C PHE C 7 -53.17 2.02 2.90
N GLU C 8 -53.78 1.22 2.00
CA GLU C 8 -55.22 1.29 1.73
C GLU C 8 -56.07 0.81 2.89
N ASN C 9 -55.71 -0.33 3.49
CA ASN C 9 -56.45 -0.78 4.64
C ASN C 9 -55.55 -1.20 5.78
N ALA C 10 -56.16 -1.19 6.97
CA ALA C 10 -55.46 -1.31 8.20
C ALA C 10 -54.55 -2.52 8.25
N THR C 11 -54.96 -3.64 7.66
CA THR C 11 -54.23 -4.90 7.84
C THR C 11 -53.39 -5.32 6.63
N SER C 12 -53.29 -4.43 5.63
CA SER C 12 -52.75 -4.75 4.33
C SER C 12 -51.34 -4.26 4.22
N ASP C 13 -50.53 -5.01 3.50
CA ASP C 13 -49.20 -4.50 3.18
C ASP C 13 -49.06 -4.38 1.69
N ALA C 14 -50.19 -4.22 1.01
CA ALA C 14 -50.13 -4.22 -0.45
C ALA C 14 -49.79 -2.84 -0.94
N ILE C 15 -49.05 -2.81 -2.04
CA ILE C 15 -48.63 -1.56 -2.64
C ILE C 15 -49.38 -1.45 -3.94
N ASN C 16 -50.40 -0.59 -3.96
CA ASN C 16 -51.23 -0.47 -5.15
C ASN C 16 -50.52 0.38 -6.22
N GLN C 17 -51.11 0.48 -7.40
CA GLN C 17 -50.47 1.25 -8.45
C GLN C 17 -50.23 2.69 -8.06
N ASP C 18 -51.17 3.33 -7.36
CA ASP C 18 -50.98 4.72 -6.93
C ASP C 18 -49.70 4.87 -6.11
N MET C 19 -49.46 3.90 -5.24
CA MET C 19 -48.30 3.97 -4.35
C MET C 19 -46.97 3.60 -5.07
N MET C 20 -47.05 2.68 -6.03
CA MET C 20 -45.87 2.36 -6.87
C MET C 20 -45.31 3.63 -7.50
N LEU C 21 -46.21 4.42 -8.09
CA LEU C 21 -45.82 5.62 -8.78
C LEU C 21 -45.16 6.59 -7.83
N TYR C 22 -45.66 6.65 -6.62
CA TYR C 22 -45.15 7.62 -5.71
C TYR C 22 -43.77 7.16 -5.20
N ILE C 23 -43.63 5.86 -5.00
CA ILE C 23 -42.34 5.29 -4.61
C ILE C 23 -41.32 5.49 -5.74
N GLU C 24 -41.75 5.36 -6.98
CA GLU C 24 -40.83 5.62 -8.11
C GLU C 24 -40.30 7.09 -8.12
N ARG C 25 -41.21 8.03 -7.84
CA ARG C 25 -40.85 9.42 -7.70
C ARG C 25 -39.74 9.56 -6.66
N ILE C 26 -39.96 9.05 -5.43
CA ILE C 26 -38.96 9.12 -4.37
C ILE C 26 -37.62 8.44 -4.73
N ALA C 27 -37.70 7.28 -5.37
CA ALA C 27 -36.49 6.59 -5.83
C ALA C 27 -35.67 7.43 -6.80
N LYS C 28 -36.36 8.27 -7.57
CA LYS C 28 -35.67 9.11 -8.55
C LYS C 28 -34.98 10.23 -7.80
N ILE C 29 -35.67 10.80 -6.82
CA ILE C 29 -35.10 11.78 -5.93
C ILE C 29 -33.84 11.22 -5.20
N ILE C 30 -33.98 10.07 -4.56
CA ILE C 30 -32.86 9.45 -3.82
C ILE C 30 -31.56 9.34 -4.66
N GLN C 31 -31.73 9.05 -5.94
CA GLN C 31 -30.60 8.86 -6.88
C GLN C 31 -29.93 10.17 -7.30
N LYS C 32 -30.63 11.29 -7.12
CA LYS C 32 -30.00 12.60 -7.29
C LYS C 32 -29.18 13.03 -6.05
N LEU C 33 -29.44 12.39 -4.91
CA LEU C 33 -28.81 12.81 -3.67
C LEU C 33 -27.36 12.37 -3.55
N PRO C 34 -26.60 13.10 -2.74
CA PRO C 34 -25.20 12.75 -2.49
C PRO C 34 -25.01 11.32 -1.96
N LYS C 35 -23.99 10.63 -2.47
CA LYS C 35 -23.60 9.28 -2.02
C LYS C 35 -23.53 9.08 -0.51
N ARG C 36 -23.17 10.11 0.25
CA ARG C 36 -23.05 9.97 1.70
C ARG C 36 -24.38 10.01 2.46
N VAL C 37 -25.49 10.30 1.77
CA VAL C 37 -26.81 10.28 2.41
C VAL C 37 -27.43 8.89 2.33
N HIS C 38 -27.94 8.40 3.47
CA HIS C 38 -28.61 7.11 3.56
C HIS C 38 -30.08 7.26 3.88
N ILE C 39 -30.84 6.23 3.46
CA ILE C 39 -32.28 6.24 3.54
C ILE C 39 -32.80 5.13 4.43
N ASN C 40 -33.73 5.46 5.32
CA ASN C 40 -34.25 4.48 6.26
C ASN C 40 -35.74 4.42 5.99
N VAL C 41 -36.24 3.23 5.72
CA VAL C 41 -37.63 3.11 5.37
C VAL C 41 -38.30 2.60 6.64
N ARG C 42 -39.17 3.42 7.22
CA ARG C 42 -39.78 3.17 8.53
C ARG C 42 -41.24 2.87 8.34
N GLY C 43 -41.64 1.74 8.91
CA GLY C 43 -43.04 1.29 8.84
C GLY C 43 -43.81 1.47 10.13
N PHE C 44 -45.11 1.80 10.02
CA PHE C 44 -45.97 1.94 11.17
C PHE C 44 -47.33 1.36 10.90
N THR C 45 -48.03 0.98 11.97
CA THR C 45 -49.42 0.60 11.90
C THR C 45 -50.29 1.47 12.84
N ASP C 46 -51.61 1.43 12.62
CA ASP C 46 -52.55 1.97 13.60
C ASP C 46 -52.70 0.91 14.70
N ASP C 47 -53.73 1.01 15.54
CA ASP C 47 -53.84 0.02 16.62
C ASP C 47 -55.04 -0.89 16.50
N THR C 48 -55.51 -1.02 15.25
CA THR C 48 -56.54 -1.97 14.81
C THR C 48 -56.11 -3.40 15.10
N PRO C 49 -56.98 -4.21 15.76
CA PRO C 49 -56.68 -5.60 16.08
C PRO C 49 -56.45 -6.44 14.82
N LEU C 50 -55.58 -7.44 14.92
CA LEU C 50 -55.22 -8.25 13.77
C LEU C 50 -56.04 -9.54 13.58
N VAL C 51 -57.36 -9.39 13.60
CA VAL C 51 -58.26 -10.46 13.19
C VAL C 51 -58.06 -10.85 11.70
N LYS C 52 -58.31 -12.14 11.40
CA LYS C 52 -58.32 -12.71 10.05
C LYS C 52 -57.01 -12.61 9.23
N THR C 53 -56.01 -11.90 9.74
CA THR C 53 -54.77 -11.66 9.00
C THR C 53 -53.72 -12.74 9.27
N ARG C 54 -52.64 -12.73 8.48
CA ARG C 54 -51.51 -13.63 8.68
C ARG C 54 -50.49 -13.06 9.67
N PHE C 55 -50.58 -11.76 9.96
CA PHE C 55 -49.61 -11.13 10.85
C PHE C 55 -49.99 -11.35 12.31
N LYS C 56 -48.99 -11.75 13.10
CA LYS C 56 -49.15 -12.06 14.52
C LYS C 56 -48.85 -10.85 15.42
N SER C 57 -48.45 -9.74 14.80
CA SER C 57 -48.24 -8.49 15.52
C SER C 57 -48.16 -7.29 14.58
N HIS C 58 -48.38 -6.11 15.13
CA HIS C 58 -48.19 -4.87 14.38
C HIS C 58 -46.76 -4.66 13.88
N TYR C 59 -45.75 -5.12 14.59
CA TYR C 59 -44.35 -5.05 14.11
C TYR C 59 -44.15 -5.89 12.89
N GLU C 60 -44.84 -7.02 12.79
CA GLU C 60 -44.70 -7.85 11.60
C GLU C 60 -45.24 -7.11 10.39
N LEU C 61 -46.48 -6.64 10.53
CA LEU C 61 -47.15 -5.86 9.49
C LEU C 61 -46.34 -4.61 9.14
N ALA C 62 -45.94 -3.83 10.13
CA ALA C 62 -45.11 -2.67 9.91
C ALA C 62 -43.76 -3.03 9.27
N ALA C 63 -43.10 -4.07 9.77
CA ALA C 63 -41.87 -4.57 9.15
C ALA C 63 -42.10 -4.94 7.68
N ASN C 64 -43.23 -5.57 7.40
CA ASN C 64 -43.51 -5.97 6.02
C ASN C 64 -43.75 -4.81 5.08
N ARG C 65 -44.51 -3.80 5.54
CA ARG C 65 -44.72 -2.54 4.77
C ARG C 65 -43.39 -1.88 4.44
N ALA C 66 -42.51 -1.75 5.42
CA ALA C 66 -41.25 -1.10 5.19
C ALA C 66 -40.33 -1.89 4.24
N TYR C 67 -40.20 -3.19 4.50
CA TYR C 67 -39.39 -4.03 3.66
C TYR C 67 -39.83 -3.92 2.22
N ARG C 68 -41.14 -4.00 1.97
CA ARG C 68 -41.66 -3.96 0.60
C ARG C 68 -41.39 -2.63 -0.10
N VAL C 69 -41.64 -1.52 0.58
CA VAL C 69 -41.27 -0.19 0.06
C VAL C 69 -39.78 -0.17 -0.28
N MET C 70 -38.92 -0.56 0.67
CA MET C 70 -37.47 -0.64 0.37
C MET C 70 -37.19 -1.51 -0.86
N LYS C 71 -37.83 -2.67 -0.92
CA LYS C 71 -37.65 -3.60 -2.03
C LYS C 71 -38.08 -2.96 -3.37
N VAL C 72 -39.18 -2.19 -3.36
CA VAL C 72 -39.56 -1.46 -4.55
C VAL C 72 -38.54 -0.35 -4.91
N LEU C 73 -38.03 0.39 -3.92
CA LEU C 73 -37.01 1.42 -4.20
C LEU C 73 -35.79 0.86 -4.93
N ILE C 74 -35.35 -0.32 -4.50
CA ILE C 74 -34.21 -1.00 -5.12
C ILE C 74 -34.61 -1.44 -6.52
N GLN C 75 -35.87 -1.84 -6.71
CA GLN C 75 -36.33 -2.19 -8.06
C GLN C 75 -36.23 -0.98 -8.99
N TYR C 76 -36.46 0.20 -8.45
CA TYR C 76 -36.36 1.43 -9.21
C TYR C 76 -34.95 2.04 -9.22
N GLY C 77 -33.92 1.22 -9.01
CA GLY C 77 -32.56 1.70 -9.14
C GLY C 77 -31.85 2.21 -7.88
N VAL C 78 -32.53 2.36 -6.75
CA VAL C 78 -31.80 2.80 -5.53
C VAL C 78 -30.78 1.76 -5.03
N ASN C 79 -29.55 2.22 -4.79
CA ASN C 79 -28.45 1.39 -4.25
C ASN C 79 -28.82 0.77 -2.89
N PRO C 80 -28.83 -0.57 -2.79
CA PRO C 80 -29.08 -1.23 -1.50
C PRO C 80 -28.10 -0.80 -0.39
N ASN C 81 -26.90 -0.40 -0.75
CA ASN C 81 -25.96 0.10 0.23
C ASN C 81 -26.39 1.37 0.98
N GLN C 82 -27.41 2.05 0.46
CA GLN C 82 -27.85 3.35 0.98
C GLN C 82 -29.12 3.18 1.80
N LEU C 83 -29.60 1.94 1.83
CA LEU C 83 -30.94 1.65 2.33
C LEU C 83 -30.97 0.74 3.54
N SER C 84 -31.99 0.96 4.38
CA SER C 84 -32.35 0.06 5.45
C SER C 84 -33.81 0.30 5.74
N PHE C 85 -34.42 -0.61 6.52
CA PHE C 85 -35.81 -0.58 6.84
C PHE C 85 -35.97 -0.86 8.31
N SER C 86 -37.02 -0.29 8.91
CA SER C 86 -37.24 -0.45 10.35
C SER C 86 -38.72 -0.54 10.64
N SER C 87 -39.03 -1.25 11.70
CA SER C 87 -40.41 -1.44 12.03
C SER C 87 -40.73 -0.84 13.38
N TYR C 88 -41.81 -0.05 13.42
CA TYR C 88 -42.23 0.61 14.66
C TYR C 88 -43.60 0.15 15.11
N GLY C 89 -44.12 -0.88 14.46
CA GLY C 89 -45.41 -1.42 14.89
C GLY C 89 -46.46 -0.32 15.01
N SER C 90 -47.19 -0.30 16.12
CA SER C 90 -48.22 0.72 16.30
C SER C 90 -47.77 1.94 17.12
N THR C 91 -46.47 2.01 17.41
CA THR C 91 -45.90 3.12 18.20
C THR C 91 -45.89 4.37 17.31
N ASN C 92 -45.72 5.54 17.93
CA ASN C 92 -45.43 6.78 17.18
C ASN C 92 -46.51 7.25 16.20
N PRO C 93 -47.79 7.16 16.62
CA PRO C 93 -48.84 7.50 15.66
C PRO C 93 -48.71 8.94 15.28
N ILE C 94 -49.01 9.29 14.03
CA ILE C 94 -49.12 10.69 13.67
C ILE C 94 -50.45 11.26 14.12
N ALA C 95 -51.49 10.42 14.22
CA ALA C 95 -52.86 10.83 14.54
C ALA C 95 -53.52 9.98 15.66
N PRO C 96 -54.54 10.53 16.35
CA PRO C 96 -55.19 9.66 17.33
C PRO C 96 -55.87 8.46 16.64
N ASN C 97 -55.91 7.30 17.30
CA ASN C 97 -56.63 6.17 16.73
C ASN C 97 -58.12 6.14 17.06
N ASP C 98 -58.88 7.10 16.53
CA ASP C 98 -60.30 7.25 16.93
C ASP C 98 -61.32 7.25 15.79
N SER C 99 -60.85 7.12 14.56
CA SER C 99 -61.74 7.11 13.39
C SER C 99 -61.02 6.42 12.24
N LEU C 100 -61.78 5.89 11.29
CA LEU C 100 -61.17 5.15 10.19
C LEU C 100 -60.25 6.03 9.36
N GLU C 101 -60.60 7.31 9.24
CA GLU C 101 -59.70 8.29 8.61
C GLU C 101 -58.38 8.45 9.37
N ASN C 102 -58.48 8.76 10.66
CA ASN C 102 -57.31 9.01 11.51
C ASN C 102 -56.41 7.77 11.62
N ARG C 103 -57.03 6.60 11.74
CA ARG C 103 -56.30 5.34 11.81
C ARG C 103 -55.45 5.17 10.59
N MET C 104 -56.02 5.59 9.46
CA MET C 104 -55.41 5.41 8.17
C MET C 104 -54.17 6.23 8.03
N LYS C 105 -54.16 7.47 8.50
CA LYS C 105 -52.89 8.22 8.55
C LYS C 105 -51.77 7.48 9.32
N ASN C 106 -52.12 6.57 10.23
CA ASN C 106 -51.10 5.86 10.98
C ASN C 106 -50.53 4.63 10.26
N ASN C 107 -51.31 4.11 9.31
CA ASN C 107 -50.87 2.96 8.52
C ASN C 107 -49.99 3.45 7.39
N ARG C 108 -48.69 3.55 7.63
CA ARG C 108 -47.87 4.23 6.65
C ARG C 108 -46.41 3.83 6.71
N VAL C 109 -45.69 4.21 5.67
CA VAL C 109 -44.26 4.11 5.66
C VAL C 109 -43.74 5.53 5.42
N GLU C 110 -42.67 5.86 6.19
CA GLU C 110 -41.96 7.13 6.12
C GLU C 110 -40.51 6.93 5.75
N ILE C 111 -39.97 7.97 5.10
CA ILE C 111 -38.62 7.99 4.57
C ILE C 111 -37.83 8.95 5.44
N PHE C 112 -36.76 8.47 6.07
CA PHE C 112 -35.87 9.33 6.80
C PHE C 112 -34.52 9.40 6.10
N PHE C 113 -34.00 10.62 5.98
CA PHE C 113 -32.72 10.84 5.37
C PHE C 113 -31.72 10.97 6.48
N SER C 114 -30.52 10.42 6.26
CA SER C 114 -29.45 10.55 7.21
C SER C 114 -28.38 11.35 6.47
N THR C 115 -28.02 12.52 7.01
CA THR C 115 -27.28 13.52 6.28
C THR C 115 -26.49 14.49 7.17
N ASP C 116 -25.32 14.90 6.72
CA ASP C 116 -24.63 15.97 7.43
C ASP C 116 -25.26 17.34 7.08
N ALA C 117 -24.82 18.36 7.81
CA ALA C 117 -25.31 19.73 7.66
C ALA C 117 -25.09 20.32 6.23
N ASN C 118 -24.00 19.89 5.57
CA ASN C 118 -23.70 20.34 4.23
C ASN C 118 -24.62 19.76 3.16
N ASP C 119 -24.82 18.45 3.15
CA ASP C 119 -25.67 17.86 2.15
C ASP C 119 -27.15 18.13 2.41
N LEU C 120 -27.45 18.79 3.52
CA LEU C 120 -28.84 19.05 3.86
C LEU C 120 -29.49 20.04 2.87
N SER C 121 -28.73 21.05 2.49
CA SER C 121 -29.12 22.04 1.48
C SER C 121 -29.29 21.43 0.11
N LYS C 122 -28.38 20.51 -0.23
CA LYS C 122 -28.50 19.78 -1.48
C LYS C 122 -29.78 18.95 -1.52
N ILE C 123 -30.18 18.33 -0.42
CA ILE C 123 -31.44 17.57 -0.43
C ILE C 123 -32.64 18.52 -0.44
N HIS C 124 -32.48 19.64 0.23
CA HIS C 124 -33.52 20.62 0.37
C HIS C 124 -33.98 21.17 -0.99
N SER C 125 -33.03 21.65 -1.80
CA SER C 125 -33.42 22.11 -3.12
C SER C 125 -33.81 20.97 -4.06
N ILE C 126 -33.22 19.77 -3.91
CA ILE C 126 -33.67 18.65 -4.76
C ILE C 126 -35.13 18.31 -4.47
N LEU C 127 -35.55 18.44 -3.22
CA LEU C 127 -36.93 18.20 -2.80
C LEU C 127 -37.83 19.37 -3.25
N ASP C 128 -37.40 20.60 -2.94
CA ASP C 128 -38.13 21.82 -3.26
C ASP C 128 -38.40 21.92 -4.77
N ASN C 129 -37.35 21.72 -5.56
CA ASN C 129 -37.44 21.69 -7.03
C ASN C 129 -38.21 20.48 -7.54
N GLU C 130 -39.01 19.85 -6.69
CA GLU C 130 -39.69 18.63 -7.08
C GLU C 130 -41.11 18.51 -6.51
N PHE C 131 -41.42 19.26 -5.46
CA PHE C 131 -42.67 19.09 -4.72
C PHE C 131 -43.33 20.41 -4.35
N ASN C 132 -42.90 21.51 -4.96
CA ASN C 132 -43.44 22.82 -4.63
C ASN C 132 -43.42 23.77 -5.80
N GLY D 1 -16.93 -25.50 12.62
CA GLY D 1 -17.77 -24.27 12.69
C GLY D 1 -18.92 -24.24 11.68
N ILE D 2 -19.75 -23.20 11.76
CA ILE D 2 -20.83 -22.99 10.79
C ILE D 2 -20.37 -22.06 9.67
N ASP D 3 -20.50 -22.54 8.43
CA ASP D 3 -19.95 -21.89 7.23
C ASP D 3 -20.74 -20.65 6.89
N PRO D 4 -20.05 -19.63 6.35
CA PRO D 4 -20.83 -18.48 5.90
C PRO D 4 -21.31 -18.79 4.48
N PHE D 5 -22.06 -17.88 3.86
CA PHE D 5 -22.46 -18.05 2.48
C PHE D 5 -21.35 -17.50 1.61
N THR D 6 -20.69 -18.40 0.89
CA THR D 6 -19.46 -18.11 0.16
C THR D 6 -19.78 -17.93 -1.31
N PHE D 7 -19.42 -16.77 -1.86
CA PHE D 7 -19.62 -16.54 -3.28
C PHE D 7 -18.35 -16.90 -4.03
N GLU D 8 -18.43 -17.96 -4.86
CA GLU D 8 -17.27 -18.45 -5.61
C GLU D 8 -16.89 -17.42 -6.67
N ASN D 9 -17.88 -16.77 -7.28
CA ASN D 9 -17.58 -15.72 -8.26
C ASN D 9 -17.26 -14.39 -7.58
N ALA D 10 -15.98 -14.03 -7.55
CA ALA D 10 -15.52 -12.87 -6.78
C ALA D 10 -16.29 -11.56 -7.03
N THR D 11 -16.76 -11.35 -8.25
CA THR D 11 -17.32 -10.06 -8.64
C THR D 11 -18.85 -10.03 -8.75
N SER D 12 -19.51 -11.13 -8.40
CA SER D 12 -20.95 -11.20 -8.53
C SER D 12 -21.70 -11.45 -7.22
N ASP D 13 -22.99 -11.12 -7.24
CA ASP D 13 -23.90 -11.32 -6.11
C ASP D 13 -24.85 -12.48 -6.31
N ALA D 14 -24.60 -13.32 -7.32
CA ALA D 14 -25.47 -14.46 -7.62
C ALA D 14 -25.33 -15.64 -6.63
N ILE D 15 -26.46 -16.27 -6.34
CA ILE D 15 -26.52 -17.36 -5.36
C ILE D 15 -26.79 -18.71 -6.03
N ASN D 16 -25.82 -19.64 -5.89
CA ASN D 16 -25.95 -21.04 -6.32
C ASN D 16 -27.14 -21.78 -5.74
N GLN D 17 -27.57 -22.85 -6.42
CA GLN D 17 -28.50 -23.82 -5.86
C GLN D 17 -27.94 -24.39 -4.55
N ASP D 18 -26.66 -24.71 -4.56
CA ASP D 18 -25.95 -25.16 -3.38
C ASP D 18 -26.15 -24.16 -2.23
N MET D 19 -25.82 -22.89 -2.50
CA MET D 19 -26.03 -21.83 -1.53
C MET D 19 -27.50 -21.63 -1.18
N MET D 20 -28.40 -21.66 -2.16
CA MET D 20 -29.85 -21.58 -1.90
C MET D 20 -30.33 -22.62 -0.87
N LEU D 21 -29.80 -23.84 -0.96
CA LEU D 21 -30.21 -24.90 -0.04
C LEU D 21 -29.68 -24.68 1.37
N TYR D 22 -28.48 -24.14 1.47
CA TYR D 22 -27.88 -23.87 2.76
C TYR D 22 -28.65 -22.72 3.44
N ILE D 23 -29.00 -21.70 2.64
CA ILE D 23 -29.78 -20.55 3.09
C ILE D 23 -31.14 -21.02 3.59
N GLU D 24 -31.69 -22.04 2.96
CA GLU D 24 -32.96 -22.61 3.41
C GLU D 24 -32.80 -23.26 4.79
N ARG D 25 -31.65 -23.89 4.99
CA ARG D 25 -31.37 -24.60 6.23
C ARG D 25 -31.29 -23.59 7.36
N ILE D 26 -30.54 -22.51 7.14
CA ILE D 26 -30.46 -21.40 8.09
C ILE D 26 -31.84 -20.79 8.39
N ALA D 27 -32.66 -20.61 7.35
CA ALA D 27 -33.99 -20.03 7.51
C ALA D 27 -34.84 -20.88 8.45
N LYS D 28 -34.74 -22.20 8.32
CA LYS D 28 -35.47 -23.12 9.19
C LYS D 28 -34.94 -23.13 10.64
N ILE D 29 -33.63 -22.98 10.79
CA ILE D 29 -33.03 -22.66 12.09
C ILE D 29 -33.55 -21.32 12.65
N ILE D 30 -33.42 -20.24 11.87
CA ILE D 30 -33.89 -18.96 12.35
C ILE D 30 -35.33 -19.00 12.89
N GLN D 31 -36.23 -19.67 12.16
CA GLN D 31 -37.64 -19.75 12.55
C GLN D 31 -37.93 -20.60 13.80
N LYS D 32 -36.98 -21.39 14.24
CA LYS D 32 -37.13 -22.09 15.53
C LYS D 32 -36.63 -21.24 16.71
N LEU D 33 -35.89 -20.17 16.43
CA LEU D 33 -35.29 -19.35 17.51
C LEU D 33 -36.31 -18.47 18.22
N PRO D 34 -35.98 -18.02 19.46
CA PRO D 34 -36.91 -17.14 20.20
C PRO D 34 -37.17 -15.92 19.36
N LYS D 35 -38.39 -15.41 19.42
CA LYS D 35 -38.77 -14.26 18.59
C LYS D 35 -37.97 -12.99 18.91
N ARG D 36 -37.44 -12.89 20.13
CA ARG D 36 -36.67 -11.70 20.51
C ARG D 36 -35.24 -11.67 19.93
N VAL D 37 -34.86 -12.75 19.23
CA VAL D 37 -33.59 -12.81 18.53
C VAL D 37 -33.71 -12.24 17.12
N HIS D 38 -32.89 -11.23 16.82
CA HIS D 38 -32.81 -10.70 15.47
C HIS D 38 -31.56 -11.15 14.72
N ILE D 39 -31.66 -11.09 13.40
CA ILE D 39 -30.64 -11.57 12.50
C ILE D 39 -30.10 -10.41 11.65
N ASN D 40 -28.79 -10.27 11.61
CA ASN D 40 -28.18 -9.23 10.80
C ASN D 40 -27.37 -9.93 9.74
N VAL D 41 -27.73 -9.67 8.46
CA VAL D 41 -27.04 -10.29 7.35
C VAL D 41 -25.94 -9.33 6.83
N ARG D 42 -24.70 -9.76 7.01
CA ARG D 42 -23.55 -8.91 6.69
C ARG D 42 -22.86 -9.40 5.44
N GLY D 43 -22.60 -8.46 4.52
CA GLY D 43 -21.93 -8.73 3.23
C GLY D 43 -20.49 -8.24 3.14
N PHE D 44 -19.62 -9.05 2.53
CA PHE D 44 -18.22 -8.72 2.45
C PHE D 44 -17.69 -9.06 1.06
N THR D 45 -16.55 -8.49 0.70
CA THR D 45 -15.90 -8.85 -0.57
C THR D 45 -14.38 -8.97 -0.35
N ASP D 46 -13.69 -9.59 -1.31
CA ASP D 46 -12.25 -9.47 -1.44
C ASP D 46 -11.91 -8.11 -2.05
N ASP D 47 -10.74 -7.99 -2.66
CA ASP D 47 -10.34 -6.71 -3.23
C ASP D 47 -10.26 -6.73 -4.76
N THR D 48 -10.91 -7.71 -5.39
CA THR D 48 -10.87 -7.89 -6.86
C THR D 48 -11.45 -6.68 -7.61
N PRO D 49 -10.73 -6.16 -8.62
CA PRO D 49 -11.22 -4.97 -9.33
C PRO D 49 -12.63 -5.23 -9.85
N LEU D 50 -13.49 -4.21 -9.76
CA LEU D 50 -14.87 -4.39 -10.17
C LEU D 50 -15.16 -4.04 -11.61
N VAL D 51 -14.17 -3.46 -12.31
CA VAL D 51 -14.40 -2.89 -13.64
C VAL D 51 -14.96 -3.97 -14.55
N LYS D 52 -16.00 -3.64 -15.28
CA LYS D 52 -16.66 -4.61 -16.16
C LYS D 52 -17.91 -5.16 -15.48
N THR D 53 -18.24 -4.60 -14.32
CA THR D 53 -19.51 -4.90 -13.70
C THR D 53 -20.36 -3.62 -13.49
N ARG D 54 -21.55 -3.83 -12.91
CA ARG D 54 -22.47 -2.74 -12.54
C ARG D 54 -21.87 -1.97 -11.37
N PHE D 55 -21.09 -2.65 -10.55
CA PHE D 55 -20.77 -2.13 -9.22
C PHE D 55 -19.73 -1.01 -9.25
N LYS D 56 -20.06 0.09 -8.59
CA LYS D 56 -19.11 1.22 -8.43
C LYS D 56 -18.12 0.99 -7.28
N SER D 57 -18.46 0.08 -6.37
CA SER D 57 -17.62 -0.15 -5.22
C SER D 57 -17.89 -1.51 -4.61
N HIS D 58 -17.01 -1.92 -3.70
CA HIS D 58 -17.14 -3.19 -3.02
C HIS D 58 -18.25 -3.08 -2.02
N TYR D 59 -18.42 -1.91 -1.43
CA TYR D 59 -19.59 -1.68 -0.60
C TYR D 59 -20.86 -2.04 -1.34
N GLU D 60 -20.96 -1.62 -2.59
CA GLU D 60 -22.20 -1.82 -3.31
C GLU D 60 -22.40 -3.32 -3.59
N LEU D 61 -21.29 -4.01 -3.89
CA LEU D 61 -21.32 -5.45 -4.17
C LEU D 61 -21.72 -6.23 -2.92
N ALA D 62 -21.09 -5.89 -1.81
CA ALA D 62 -21.33 -6.50 -0.54
C ALA D 62 -22.77 -6.19 -0.06
N ALA D 63 -23.23 -4.95 -0.25
CA ALA D 63 -24.62 -4.66 0.11
C ALA D 63 -25.58 -5.52 -0.70
N ASN D 64 -25.27 -5.71 -2.01
CA ASN D 64 -26.11 -6.55 -2.87
C ASN D 64 -26.16 -8.02 -2.46
N ARG D 65 -25.03 -8.57 -1.99
CA ARG D 65 -24.98 -9.93 -1.51
C ARG D 65 -25.81 -10.11 -0.25
N ALA D 66 -25.60 -9.22 0.70
CA ALA D 66 -26.28 -9.27 1.98
C ALA D 66 -27.81 -9.12 1.81
N TYR D 67 -28.20 -8.14 1.01
CA TYR D 67 -29.60 -7.90 0.71
C TYR D 67 -30.22 -9.15 0.10
N ARG D 68 -29.49 -9.77 -0.83
CA ARG D 68 -30.06 -10.86 -1.61
C ARG D 68 -30.22 -12.10 -0.75
N VAL D 69 -29.26 -12.37 0.12
CA VAL D 69 -29.37 -13.49 1.02
C VAL D 69 -30.54 -13.22 1.94
N MET D 70 -30.65 -11.98 2.40
CA MET D 70 -31.78 -11.56 3.23
C MET D 70 -33.12 -11.80 2.54
N LYS D 71 -33.18 -11.44 1.26
CA LYS D 71 -34.37 -11.65 0.44
C LYS D 71 -34.71 -13.16 0.47
N VAL D 72 -33.69 -14.01 0.39
CA VAL D 72 -33.88 -15.48 0.33
C VAL D 72 -34.35 -16.03 1.67
N LEU D 73 -33.81 -15.49 2.77
CA LEU D 73 -34.30 -15.86 4.09
C LEU D 73 -35.80 -15.58 4.21
N ILE D 74 -36.24 -14.44 3.66
CA ILE D 74 -37.65 -14.09 3.67
C ILE D 74 -38.48 -15.00 2.77
N GLN D 75 -37.98 -15.26 1.54
CA GLN D 75 -38.63 -16.20 0.60
C GLN D 75 -38.91 -17.54 1.29
N TYR D 76 -38.05 -17.91 2.24
CA TYR D 76 -38.21 -19.14 3.02
C TYR D 76 -38.87 -18.97 4.40
N GLY D 77 -39.52 -17.82 4.65
CA GLY D 77 -40.41 -17.67 5.81
C GLY D 77 -39.82 -17.07 7.08
N VAL D 78 -38.61 -16.50 7.01
CA VAL D 78 -38.08 -15.72 8.13
C VAL D 78 -38.84 -14.42 8.08
N ASN D 79 -39.31 -13.96 9.23
CA ASN D 79 -40.07 -12.72 9.26
C ASN D 79 -39.13 -11.53 9.04
N PRO D 80 -39.50 -10.61 8.12
CA PRO D 80 -38.69 -9.38 7.96
C PRO D 80 -38.42 -8.59 9.26
N ASN D 81 -39.32 -8.69 10.23
CA ASN D 81 -39.18 -8.00 11.52
C ASN D 81 -37.99 -8.48 12.30
N GLN D 82 -37.50 -9.66 11.96
CA GLN D 82 -36.33 -10.18 12.62
C GLN D 82 -35.05 -9.97 11.85
N LEU D 83 -35.11 -9.24 10.73
CA LEU D 83 -33.96 -9.13 9.79
C LEU D 83 -33.48 -7.72 9.50
N SER D 84 -32.22 -7.63 9.11
CA SER D 84 -31.63 -6.45 8.51
C SER D 84 -30.43 -6.92 7.75
N PHE D 85 -29.76 -5.98 7.08
CA PHE D 85 -28.61 -6.31 6.24
C PHE D 85 -27.55 -5.21 6.34
N SER D 86 -26.28 -5.59 6.27
CA SER D 86 -25.20 -4.61 6.40
C SER D 86 -24.11 -4.90 5.42
N SER D 87 -23.49 -3.83 4.92
CA SER D 87 -22.40 -4.03 3.97
C SER D 87 -21.06 -3.60 4.55
N TYR D 88 -20.05 -4.44 4.41
CA TYR D 88 -18.72 -4.06 4.89
C TYR D 88 -17.73 -3.84 3.76
N GLY D 89 -18.19 -3.94 2.53
CA GLY D 89 -17.36 -3.69 1.38
C GLY D 89 -16.19 -4.61 1.48
N SER D 90 -14.99 -4.12 1.15
CA SER D 90 -13.80 -4.97 1.24
C SER D 90 -13.08 -4.86 2.57
N THR D 91 -13.70 -4.20 3.57
CA THR D 91 -13.10 -4.11 4.91
C THR D 91 -13.34 -5.41 5.70
N ASN D 92 -12.66 -5.54 6.84
CA ASN D 92 -12.82 -6.71 7.70
C ASN D 92 -12.62 -8.03 6.96
N PRO D 93 -11.51 -8.15 6.22
CA PRO D 93 -11.34 -9.49 5.62
C PRO D 93 -11.08 -10.54 6.70
N ILE D 94 -11.42 -11.78 6.41
CA ILE D 94 -10.93 -12.91 7.19
C ILE D 94 -9.43 -13.12 6.90
N ALA D 95 -9.08 -13.19 5.61
CA ALA D 95 -7.72 -13.56 5.22
C ALA D 95 -7.09 -12.46 4.37
N PRO D 96 -5.76 -12.52 4.12
CA PRO D 96 -5.23 -11.49 3.24
C PRO D 96 -5.82 -11.71 1.85
N ASN D 97 -5.68 -10.73 0.94
CA ASN D 97 -6.12 -10.94 -0.44
C ASN D 97 -5.04 -11.43 -1.41
N ASP D 98 -3.96 -12.00 -0.88
CA ASP D 98 -2.83 -12.42 -1.70
C ASP D 98 -3.17 -13.53 -2.71
N SER D 99 -3.87 -14.56 -2.26
CA SER D 99 -4.13 -15.74 -3.09
C SER D 99 -5.61 -15.95 -3.36
N LEU D 100 -5.89 -16.94 -4.20
CA LEU D 100 -7.23 -17.33 -4.58
C LEU D 100 -8.04 -17.91 -3.43
N GLU D 101 -7.49 -18.89 -2.70
CA GLU D 101 -8.18 -19.49 -1.54
C GLU D 101 -8.44 -18.49 -0.42
N ASN D 102 -7.54 -17.54 -0.23
CA ASN D 102 -7.82 -16.53 0.78
C ASN D 102 -8.87 -15.55 0.34
N ARG D 103 -8.82 -15.15 -0.93
CA ARG D 103 -9.82 -14.18 -1.44
C ARG D 103 -11.23 -14.75 -1.37
N MET D 104 -11.35 -16.07 -1.61
CA MET D 104 -12.64 -16.75 -1.52
C MET D 104 -13.15 -16.78 -0.09
N LYS D 105 -12.25 -16.71 0.87
CA LYS D 105 -12.67 -16.61 2.26
C LYS D 105 -13.31 -15.25 2.53
N ASN D 106 -12.97 -14.27 1.70
CA ASN D 106 -13.39 -12.88 1.90
C ASN D 106 -14.70 -12.51 1.19
N ASN D 107 -15.06 -13.29 0.16
CA ASN D 107 -16.32 -13.13 -0.56
C ASN D 107 -17.39 -13.97 0.12
N ARG D 108 -18.06 -13.36 1.09
CA ARG D 108 -18.99 -14.15 1.88
C ARG D 108 -20.07 -13.26 2.41
N VAL D 109 -21.15 -13.88 2.84
CA VAL D 109 -22.12 -13.26 3.68
C VAL D 109 -22.09 -13.99 5.00
N GLU D 110 -22.15 -13.23 6.11
CA GLU D 110 -22.14 -13.75 7.48
C GLU D 110 -23.45 -13.43 8.20
N ILE D 111 -23.85 -14.35 9.06
CA ILE D 111 -25.05 -14.22 9.81
C ILE D 111 -24.66 -13.77 11.23
N PHE D 112 -25.21 -12.66 11.70
CA PHE D 112 -25.02 -12.30 13.11
C PHE D 112 -26.30 -12.33 13.94
N PHE D 113 -26.23 -12.96 15.11
CA PHE D 113 -27.41 -13.12 15.92
C PHE D 113 -27.38 -12.00 16.93
N SER D 114 -28.52 -11.36 17.17
CA SER D 114 -28.57 -10.38 18.22
C SER D 114 -29.50 -10.93 19.33
N THR D 115 -28.94 -11.16 20.52
CA THR D 115 -29.59 -11.97 21.53
C THR D 115 -29.24 -11.59 22.96
N ASP D 116 -30.15 -11.86 23.89
CA ASP D 116 -29.82 -11.61 25.28
C ASP D 116 -29.14 -12.84 25.86
N ALA D 117 -28.65 -12.72 27.09
CA ALA D 117 -27.88 -13.79 27.69
C ALA D 117 -28.65 -15.11 27.81
N ASN D 118 -29.95 -15.05 28.06
CA ASN D 118 -30.76 -16.26 28.24
C ASN D 118 -31.05 -16.95 26.91
N ASP D 119 -31.34 -16.16 25.89
CA ASP D 119 -31.69 -16.70 24.59
C ASP D 119 -30.49 -17.29 23.88
N LEU D 120 -29.31 -16.77 24.21
CA LEU D 120 -28.05 -17.28 23.67
C LEU D 120 -27.89 -18.82 23.84
N SER D 121 -28.31 -19.35 25.00
CA SER D 121 -28.29 -20.80 25.27
C SER D 121 -29.17 -21.57 24.28
N LYS D 122 -30.39 -21.07 24.07
CA LYS D 122 -31.30 -21.68 23.15
C LYS D 122 -30.72 -21.71 21.73
N ILE D 123 -30.17 -20.58 21.24
CA ILE D 123 -29.60 -20.57 19.91
C ILE D 123 -28.52 -21.64 19.84
N HIS D 124 -27.64 -21.62 20.83
CA HIS D 124 -26.57 -22.58 20.94
C HIS D 124 -27.01 -24.05 20.76
N SER D 125 -28.07 -24.47 21.46
CA SER D 125 -28.64 -25.82 21.31
C SER D 125 -29.25 -26.06 19.91
N ILE D 126 -30.04 -25.11 19.43
CA ILE D 126 -30.63 -25.22 18.10
C ILE D 126 -29.53 -25.32 17.02
N LEU D 127 -28.38 -24.67 17.23
CA LEU D 127 -27.29 -24.78 16.27
C LEU D 127 -26.59 -26.14 16.37
N ASP D 128 -26.46 -26.62 17.62
CA ASP D 128 -25.86 -27.91 17.91
C ASP D 128 -26.66 -29.08 17.32
N ASN D 129 -27.96 -29.15 17.63
CA ASN D 129 -28.80 -30.23 17.11
C ASN D 129 -28.78 -30.31 15.57
N GLU D 130 -28.83 -29.15 14.91
CA GLU D 130 -28.99 -29.11 13.46
C GLU D 130 -27.67 -29.25 12.65
N PHE D 131 -26.53 -28.95 13.26
CA PHE D 131 -25.23 -29.07 12.59
C PHE D 131 -24.27 -30.03 13.27
N ASN D 132 -24.79 -31.17 13.72
CA ASN D 132 -23.99 -32.22 14.36
C ASN D 132 -24.56 -33.62 14.13
N GLY E 1 -2.23 -18.97 20.46
CA GLY E 1 -1.08 -19.79 19.99
C GLY E 1 0.22 -19.32 20.61
N ILE E 2 1.35 -19.67 19.99
CA ILE E 2 2.66 -19.14 20.38
C ILE E 2 3.01 -18.01 19.41
N ASP E 3 3.15 -16.80 19.95
CA ASP E 3 3.37 -15.59 19.15
C ASP E 3 4.70 -15.53 18.39
N PRO E 4 4.68 -14.96 17.17
CA PRO E 4 5.90 -14.74 16.39
C PRO E 4 6.69 -13.62 17.04
N PHE E 5 7.71 -13.11 16.37
CA PHE E 5 8.43 -11.95 16.86
C PHE E 5 8.00 -10.75 16.05
N THR E 6 7.17 -9.91 16.66
CA THR E 6 6.54 -8.82 15.95
C THR E 6 7.33 -7.52 16.15
N PHE E 7 7.75 -6.90 15.04
CA PHE E 7 8.63 -5.71 15.03
C PHE E 7 7.96 -4.37 15.43
N GLU E 8 8.77 -3.34 15.64
CA GLU E 8 8.26 -2.02 16.00
C GLU E 8 7.66 -1.27 14.80
N ASN E 9 8.41 -0.30 14.25
CA ASN E 9 8.01 0.39 13.01
C ASN E 9 8.20 -0.56 11.82
N ALA E 10 7.30 -0.43 10.84
CA ALA E 10 7.21 -1.30 9.66
C ALA E 10 8.50 -1.53 8.84
N THR E 11 9.44 -0.58 8.91
CA THR E 11 10.63 -0.60 8.05
C THR E 11 11.95 -0.92 8.79
N SER E 12 11.82 -1.30 10.08
CA SER E 12 13.02 -1.48 10.90
C SER E 12 13.31 -2.93 11.20
N ASP E 13 14.61 -3.21 11.31
CA ASP E 13 15.06 -4.49 11.82
C ASP E 13 15.64 -4.28 13.23
N ALA E 14 15.01 -3.43 14.02
CA ALA E 14 15.50 -3.18 15.38
C ALA E 14 14.75 -4.04 16.39
N ILE E 15 15.50 -4.70 17.26
CA ILE E 15 14.90 -5.59 18.26
C ILE E 15 14.79 -4.86 19.59
N ASN E 16 13.61 -4.33 19.82
CA ASN E 16 13.29 -3.56 21.02
C ASN E 16 13.55 -4.37 22.29
N GLN E 17 13.52 -3.69 23.43
CA GLN E 17 13.96 -4.29 24.69
C GLN E 17 13.32 -5.64 25.03
N ASP E 18 12.00 -5.68 25.13
CA ASP E 18 11.31 -6.87 25.63
C ASP E 18 11.00 -7.89 24.54
N MET E 19 11.55 -7.66 23.34
CA MET E 19 11.56 -8.66 22.28
C MET E 19 12.86 -9.44 22.43
N MET E 20 13.84 -8.81 23.07
CA MET E 20 15.07 -9.47 23.49
C MET E 20 14.76 -10.52 24.54
N LEU E 21 13.91 -10.15 25.50
CA LEU E 21 13.46 -11.09 26.54
C LEU E 21 12.73 -12.27 25.92
N TYR E 22 11.83 -11.97 24.98
CA TYR E 22 11.01 -13.00 24.38
C TYR E 22 11.85 -13.91 23.52
N ILE E 23 12.82 -13.35 22.78
CA ILE E 23 13.74 -14.19 22.04
C ILE E 23 14.48 -15.10 23.02
N GLU E 24 14.82 -14.54 24.18
CA GLU E 24 15.51 -15.29 25.22
C GLU E 24 14.77 -16.53 25.72
N ARG E 25 13.46 -16.43 25.92
CA ARG E 25 12.66 -17.59 26.36
C ARG E 25 12.67 -18.69 25.32
N ILE E 26 12.50 -18.29 24.06
CA ILE E 26 12.53 -19.22 22.94
C ILE E 26 13.90 -19.88 22.84
N ALA E 27 14.96 -19.09 23.00
CA ALA E 27 16.30 -19.62 22.84
C ALA E 27 16.57 -20.64 23.94
N LYS E 28 15.96 -20.41 25.11
CA LYS E 28 16.05 -21.34 26.22
C LYS E 28 15.25 -22.61 25.93
N ILE E 29 14.04 -22.46 25.39
CA ILE E 29 13.23 -23.60 24.90
C ILE E 29 14.01 -24.48 23.92
N ILE E 30 14.54 -23.88 22.86
CA ILE E 30 15.28 -24.63 21.84
C ILE E 30 16.36 -25.55 22.44
N GLN E 31 17.06 -25.05 23.44
CA GLN E 31 18.12 -25.82 24.11
C GLN E 31 17.66 -27.07 24.83
N LYS E 32 16.36 -27.15 25.17
CA LYS E 32 15.80 -28.35 25.77
C LYS E 32 15.17 -29.31 24.77
N LEU E 33 15.23 -28.94 23.48
CA LEU E 33 14.71 -29.80 22.43
C LEU E 33 15.84 -30.70 21.99
N PRO E 34 15.52 -31.89 21.44
CA PRO E 34 16.56 -32.80 21.00
C PRO E 34 17.42 -32.18 19.89
N LYS E 35 18.59 -32.76 19.65
CA LYS E 35 19.59 -32.21 18.73
C LYS E 35 19.20 -32.40 17.29
N ARG E 36 18.54 -33.51 17.00
CA ARG E 36 18.04 -33.79 15.66
C ARG E 36 16.90 -32.82 15.22
N VAL E 37 16.51 -31.88 16.09
CA VAL E 37 15.57 -30.83 15.72
C VAL E 37 16.34 -29.54 15.36
N HIS E 38 16.10 -29.02 14.14
CA HIS E 38 16.71 -27.76 13.69
C HIS E 38 15.71 -26.60 13.62
N ILE E 39 16.20 -25.38 13.78
CA ILE E 39 15.36 -24.18 13.81
C ILE E 39 15.66 -23.32 12.59
N ASN E 40 14.62 -23.08 11.79
CA ASN E 40 14.73 -22.15 10.70
C ASN E 40 14.05 -20.85 11.14
N VAL E 41 14.79 -19.74 11.07
CA VAL E 41 14.31 -18.42 11.47
C VAL E 41 13.94 -17.60 10.24
N ARG E 42 12.68 -17.17 10.15
CA ARG E 42 12.12 -16.62 8.90
C ARG E 42 11.58 -15.21 9.00
N GLY E 43 12.08 -14.33 8.13
CA GLY E 43 11.61 -12.94 8.08
C GLY E 43 10.56 -12.67 7.00
N PHE E 44 9.61 -11.80 7.35
CA PHE E 44 8.58 -11.31 6.44
C PHE E 44 8.50 -9.84 6.69
N THR E 45 8.11 -9.11 5.64
CA THR E 45 7.82 -7.70 5.70
C THR E 45 6.36 -7.54 5.29
N ASP E 46 5.91 -6.29 5.14
CA ASP E 46 4.69 -5.98 4.40
C ASP E 46 5.14 -5.30 3.09
N ASP E 47 4.27 -4.48 2.48
CA ASP E 47 4.62 -3.80 1.20
C ASP E 47 4.84 -2.29 1.30
N THR E 48 5.15 -1.82 2.50
CA THR E 48 5.44 -0.41 2.65
C THR E 48 6.69 -0.02 1.86
N PRO E 49 6.57 1.01 0.99
CA PRO E 49 7.69 1.69 0.36
C PRO E 49 8.97 1.70 1.20
N LEU E 50 10.10 1.33 0.52
CA LEU E 50 11.39 1.21 1.20
C LEU E 50 12.34 2.37 0.90
N VAL E 51 11.81 3.38 0.19
CA VAL E 51 12.51 4.63 0.09
C VAL E 51 12.78 5.13 1.53
N LYS E 52 13.81 6.03 1.64
CA LYS E 52 14.31 6.50 2.94
C LYS E 52 14.90 5.44 3.90
N THR E 53 14.72 4.15 3.64
CA THR E 53 15.48 3.12 4.40
C THR E 53 16.68 2.66 3.59
N ARG E 54 17.63 2.03 4.27
CA ARG E 54 18.79 1.45 3.58
C ARG E 54 18.41 0.23 2.71
N PHE E 55 17.24 -0.37 2.97
CA PHE E 55 16.85 -1.66 2.36
C PHE E 55 16.29 -1.57 0.93
N LYS E 56 17.03 -2.10 -0.05
CA LYS E 56 16.66 -1.98 -1.48
C LYS E 56 15.52 -2.88 -1.94
N SER E 57 15.04 -3.75 -1.05
CA SER E 57 13.91 -4.63 -1.33
C SER E 57 13.41 -5.18 -0.01
N HIS E 58 12.21 -5.72 -0.02
CA HIS E 58 11.64 -6.30 1.18
C HIS E 58 12.38 -7.60 1.56
N TYR E 59 12.97 -8.26 0.57
CA TYR E 59 13.79 -9.41 0.84
C TYR E 59 14.99 -9.04 1.73
N GLU E 60 15.58 -7.87 1.47
CA GLU E 60 16.67 -7.36 2.31
C GLU E 60 16.26 -7.13 3.76
N LEU E 61 15.14 -6.44 3.96
CA LEU E 61 14.62 -6.13 5.29
C LEU E 61 14.41 -7.41 6.08
N ALA E 62 13.65 -8.31 5.46
CA ALA E 62 13.28 -9.56 6.08
C ALA E 62 14.50 -10.46 6.32
N ALA E 63 15.50 -10.43 5.46
CA ALA E 63 16.67 -11.27 5.73
C ALA E 63 17.40 -10.71 6.94
N ASN E 64 17.53 -9.39 6.99
CA ASN E 64 18.17 -8.75 8.11
C ASN E 64 17.45 -9.05 9.41
N ARG E 65 16.12 -9.01 9.37
CA ARG E 65 15.31 -9.32 10.53
C ARG E 65 15.57 -10.74 11.05
N ALA E 66 15.43 -11.72 10.16
CA ALA E 66 15.72 -13.11 10.49
C ALA E 66 17.17 -13.29 10.89
N TYR E 67 18.09 -12.63 10.19
CA TYR E 67 19.49 -12.76 10.56
C TYR E 67 19.76 -12.21 11.96
N ARG E 68 19.11 -11.09 12.29
CA ARG E 68 19.30 -10.46 13.57
C ARG E 68 18.78 -11.33 14.73
N VAL E 69 17.56 -11.85 14.58
CA VAL E 69 16.95 -12.76 15.56
C VAL E 69 17.75 -14.05 15.71
N MET E 70 18.23 -14.60 14.60
CA MET E 70 19.15 -15.72 14.66
C MET E 70 20.41 -15.37 15.46
N LYS E 71 21.05 -14.27 15.09
CA LYS E 71 22.27 -13.89 15.77
C LYS E 71 21.98 -13.76 17.26
N VAL E 72 20.83 -13.17 17.61
CA VAL E 72 20.43 -13.04 19.00
C VAL E 72 20.18 -14.40 19.65
N LEU E 73 19.53 -15.32 18.93
CA LEU E 73 19.38 -16.69 19.46
C LEU E 73 20.72 -17.41 19.80
N ILE E 74 21.75 -17.19 18.98
CA ILE E 74 23.10 -17.67 19.28
C ILE E 74 23.70 -16.99 20.53
N GLN E 75 23.45 -15.69 20.70
CA GLN E 75 23.91 -14.99 21.89
C GLN E 75 23.37 -15.65 23.17
N TYR E 76 22.09 -16.03 23.14
CA TYR E 76 21.44 -16.62 24.29
C TYR E 76 21.64 -18.13 24.40
N GLY E 77 22.60 -18.66 23.62
CA GLY E 77 23.08 -20.04 23.79
C GLY E 77 22.51 -21.13 22.91
N VAL E 78 21.86 -20.78 21.81
CA VAL E 78 21.47 -21.80 20.85
C VAL E 78 22.68 -22.19 19.96
N ASN E 79 22.86 -23.47 19.69
CA ASN E 79 23.97 -23.95 18.86
C ASN E 79 23.74 -23.55 17.37
N PRO E 80 24.71 -22.79 16.77
CA PRO E 80 24.63 -22.43 15.36
C PRO E 80 24.40 -23.61 14.43
N ASN E 81 24.86 -24.79 14.81
CA ASN E 81 24.61 -25.95 13.97
C ASN E 81 23.12 -26.33 13.87
N GLN E 82 22.28 -25.71 14.68
CA GLN E 82 20.86 -26.03 14.68
C GLN E 82 20.07 -24.95 13.98
N LEU E 83 20.79 -23.94 13.51
CA LEU E 83 20.14 -22.73 13.05
C LEU E 83 20.35 -22.40 11.59
N SER E 84 19.31 -21.80 11.01
CA SER E 84 19.35 -21.11 9.73
C SER E 84 18.34 -19.98 9.71
N PHE E 85 18.48 -19.10 8.73
CA PHE E 85 17.53 -18.03 8.52
C PHE E 85 17.14 -17.95 7.04
N SER E 86 15.96 -17.38 6.77
CA SER E 86 15.42 -17.29 5.42
C SER E 86 14.59 -16.04 5.32
N SER E 87 14.65 -15.42 4.16
CA SER E 87 13.91 -14.20 3.90
C SER E 87 12.71 -14.55 3.04
N TYR E 88 11.55 -14.03 3.40
CA TYR E 88 10.36 -14.25 2.59
C TYR E 88 9.82 -12.98 1.91
N GLY E 89 10.58 -11.88 2.02
CA GLY E 89 10.26 -10.63 1.36
C GLY E 89 8.85 -10.20 1.70
N SER E 90 8.10 -9.74 0.66
CA SER E 90 6.71 -9.21 0.76
C SER E 90 5.68 -10.34 0.87
N THR E 91 6.12 -11.58 0.68
CA THR E 91 5.20 -12.69 0.34
C THR E 91 4.60 -13.37 1.59
N ASN E 92 3.67 -14.30 1.37
CA ASN E 92 3.02 -15.06 2.47
C ASN E 92 2.56 -14.27 3.71
N PRO E 93 1.72 -13.22 3.56
CA PRO E 93 1.28 -12.47 4.76
C PRO E 93 0.42 -13.25 5.78
N ILE E 94 0.48 -12.82 7.04
CA ILE E 94 -0.23 -13.49 8.14
C ILE E 94 -1.59 -12.81 8.38
N ALA E 95 -1.61 -11.48 8.15
CA ALA E 95 -2.82 -10.71 8.24
C ALA E 95 -2.98 -10.02 6.86
N PRO E 96 -4.22 -9.47 6.61
CA PRO E 96 -4.42 -8.66 5.40
C PRO E 96 -3.47 -7.43 5.36
N ASN E 97 -3.61 -6.76 4.09
CA ASN E 97 -2.98 -5.46 3.86
C ASN E 97 -3.89 -4.27 4.26
N ASP E 98 -4.93 -4.58 5.03
CA ASP E 98 -5.95 -3.63 5.51
C ASP E 98 -5.44 -2.26 5.91
N SER E 99 -5.30 -2.11 7.25
CA SER E 99 -4.97 -0.85 7.86
C SER E 99 -3.67 -1.02 8.61
N LEU E 100 -3.28 0.04 9.31
CA LEU E 100 -2.13 0.05 10.20
C LEU E 100 -2.08 -1.23 11.05
N GLU E 101 -3.13 -1.42 11.85
CA GLU E 101 -3.30 -2.55 12.77
C GLU E 101 -2.86 -3.89 12.17
N ASN E 102 -3.31 -4.13 10.94
CA ASN E 102 -3.06 -5.39 10.25
C ASN E 102 -1.68 -5.49 9.61
N ARG E 103 -1.33 -4.53 8.74
CA ARG E 103 -0.05 -4.53 8.04
C ARG E 103 1.11 -4.80 8.98
N MET E 104 1.23 -3.95 9.99
CA MET E 104 2.12 -4.11 11.15
C MET E 104 2.37 -5.58 11.52
N LYS E 105 1.29 -6.35 11.65
CA LYS E 105 1.37 -7.79 11.96
C LYS E 105 2.24 -8.60 11.01
N ASN E 106 2.23 -8.23 9.73
CA ASN E 106 3.08 -8.92 8.72
C ASN E 106 4.58 -8.65 8.86
N ASN E 107 4.93 -7.70 9.72
CA ASN E 107 6.34 -7.42 10.01
C ASN E 107 6.84 -8.27 11.19
N ARG E 108 7.32 -9.48 10.88
CA ARG E 108 7.63 -10.45 11.91
C ARG E 108 8.69 -11.48 11.53
N VAL E 109 9.32 -12.04 12.56
CA VAL E 109 10.09 -13.24 12.37
C VAL E 109 9.34 -14.42 12.98
N GLU E 110 9.30 -15.53 12.23
CA GLU E 110 8.69 -16.77 12.64
C GLU E 110 9.75 -17.85 12.82
N ILE E 111 9.57 -18.67 13.86
CA ILE E 111 10.43 -19.82 14.13
C ILE E 111 9.80 -21.07 13.57
N PHE E 112 10.51 -21.75 12.66
CA PHE E 112 10.08 -23.05 12.18
C PHE E 112 10.96 -24.18 12.73
N PHE E 113 10.31 -25.23 13.23
CA PHE E 113 11.02 -26.40 13.72
C PHE E 113 11.03 -27.42 12.60
N SER E 114 12.08 -28.21 12.59
CA SER E 114 12.34 -29.16 11.54
C SER E 114 12.62 -30.42 12.32
N THR E 115 11.68 -31.37 12.29
CA THR E 115 11.68 -32.48 13.25
C THR E 115 11.10 -33.76 12.67
N ASP E 116 11.58 -34.91 13.16
CA ASP E 116 10.91 -36.17 12.85
C ASP E 116 9.63 -36.32 13.68
N ALA E 117 8.84 -37.34 13.38
CA ALA E 117 7.57 -37.54 14.02
C ALA E 117 7.67 -37.83 15.52
N ASN E 118 8.65 -38.64 15.91
CA ASN E 118 8.86 -39.03 17.30
C ASN E 118 9.28 -37.84 18.17
N ASP E 119 10.25 -37.05 17.70
CA ASP E 119 10.71 -35.87 18.45
C ASP E 119 9.69 -34.76 18.52
N LEU E 120 8.77 -34.75 17.55
CA LEU E 120 7.71 -33.75 17.48
C LEU E 120 6.85 -33.77 18.76
N SER E 121 6.50 -34.97 19.24
CA SER E 121 5.75 -35.13 20.51
C SER E 121 6.49 -34.54 21.71
N LYS E 122 7.82 -34.63 21.69
CA LYS E 122 8.64 -34.04 22.73
C LYS E 122 8.56 -32.51 22.70
N ILE E 123 8.63 -31.95 21.50
CA ILE E 123 8.52 -30.50 21.31
C ILE E 123 7.16 -30.02 21.78
N HIS E 124 6.13 -30.75 21.37
CA HIS E 124 4.76 -30.44 21.76
C HIS E 124 4.62 -30.40 23.27
N SER E 125 5.43 -31.20 23.98
CA SER E 125 5.44 -31.24 25.46
C SER E 125 6.17 -30.06 26.08
N ILE E 126 7.42 -29.85 25.67
CA ILE E 126 8.23 -28.73 26.13
C ILE E 126 7.51 -27.40 25.88
N LEU E 127 6.92 -27.25 24.69
CA LEU E 127 6.13 -26.06 24.36
C LEU E 127 4.91 -25.87 25.26
N ASP E 128 4.19 -26.96 25.54
CA ASP E 128 3.04 -26.88 26.44
C ASP E 128 3.40 -26.33 27.80
N ASN E 129 4.50 -26.83 28.36
CA ASN E 129 5.03 -26.33 29.63
C ASN E 129 5.27 -24.82 29.62
N GLU E 130 5.93 -24.34 28.57
CA GLU E 130 6.38 -22.94 28.51
C GLU E 130 5.25 -21.89 28.45
N PHE E 131 4.12 -22.28 27.89
CA PHE E 131 2.98 -21.35 27.73
C PHE E 131 1.70 -21.92 28.34
N GLY F 1 43.79 -20.94 -8.50
CA GLY F 1 42.74 -19.93 -8.17
C GLY F 1 42.45 -19.79 -6.69
N ILE F 2 41.22 -19.34 -6.39
CA ILE F 2 40.77 -18.97 -5.02
C ILE F 2 40.95 -20.12 -4.01
N ASP F 3 41.42 -19.77 -2.81
CA ASP F 3 41.66 -20.71 -1.73
C ASP F 3 40.58 -20.59 -0.68
N PRO F 4 40.39 -21.64 0.13
CA PRO F 4 39.40 -21.64 1.20
C PRO F 4 39.93 -20.84 2.40
N PHE F 5 39.09 -20.57 3.39
CA PHE F 5 39.60 -20.00 4.64
C PHE F 5 40.10 -21.12 5.54
N THR F 6 41.42 -21.30 5.55
CA THR F 6 42.01 -22.40 6.30
C THR F 6 42.26 -21.94 7.73
N PHE F 7 41.75 -22.70 8.70
CA PHE F 7 41.95 -22.37 10.12
C PHE F 7 43.26 -22.93 10.65
N GLU F 8 43.74 -22.33 11.74
CA GLU F 8 45.09 -22.59 12.27
C GLU F 8 45.36 -24.06 12.57
N ASN F 9 44.36 -24.71 13.16
CA ASN F 9 44.51 -26.07 13.65
C ASN F 9 43.17 -26.79 13.74
N ALA F 10 43.21 -27.98 14.34
CA ALA F 10 42.08 -28.91 14.33
C ALA F 10 40.81 -28.36 14.96
N THR F 11 40.94 -27.63 16.06
CA THR F 11 39.80 -27.38 16.95
C THR F 11 39.49 -25.89 17.10
N SER F 12 40.16 -25.09 16.29
CA SER F 12 40.05 -23.64 16.39
C SER F 12 39.04 -23.12 15.40
N ASP F 13 38.13 -22.28 15.89
CA ASP F 13 37.27 -21.48 15.01
C ASP F 13 37.75 -20.03 14.92
N ALA F 14 38.98 -19.75 15.36
CA ALA F 14 39.50 -18.38 15.35
C ALA F 14 39.83 -17.90 13.93
N ILE F 15 39.53 -16.64 13.66
CA ILE F 15 39.90 -15.99 12.40
C ILE F 15 41.09 -15.02 12.58
N ASN F 16 42.21 -15.35 11.93
CA ASN F 16 43.45 -14.57 11.92
C ASN F 16 43.27 -13.21 11.28
N GLN F 17 44.24 -12.32 11.48
CA GLN F 17 44.29 -11.05 10.76
C GLN F 17 44.49 -11.29 9.26
N ASP F 18 45.31 -12.30 8.93
CA ASP F 18 45.49 -12.72 7.53
C ASP F 18 44.17 -13.19 6.92
N MET F 19 43.39 -13.94 7.71
CA MET F 19 42.10 -14.42 7.27
C MET F 19 41.06 -13.29 7.24
N MET F 20 41.13 -12.34 8.17
CA MET F 20 40.22 -11.18 8.16
C MET F 20 40.39 -10.36 6.88
N LEU F 21 41.64 -10.13 6.47
CA LEU F 21 41.96 -9.42 5.23
C LEU F 21 41.42 -10.18 4.03
N TYR F 22 41.67 -11.47 4.00
CA TYR F 22 41.23 -12.33 2.90
C TYR F 22 39.68 -12.40 2.78
N ILE F 23 38.98 -12.49 3.91
CA ILE F 23 37.52 -12.45 3.90
C ILE F 23 37.04 -11.07 3.42
N GLU F 24 37.69 -10.02 3.92
CA GLU F 24 37.36 -8.67 3.49
C GLU F 24 37.54 -8.52 1.98
N ARG F 25 38.63 -9.06 1.44
CA ARG F 25 38.80 -9.20 -0.02
C ARG F 25 37.57 -9.86 -0.67
N ILE F 26 37.15 -11.02 -0.16
CA ILE F 26 36.06 -11.76 -0.76
C ILE F 26 34.74 -11.02 -0.60
N ALA F 27 34.53 -10.40 0.55
CA ALA F 27 33.31 -9.62 0.80
C ALA F 27 33.09 -8.54 -0.25
N LYS F 28 34.18 -8.01 -0.79
CA LYS F 28 34.16 -6.95 -1.79
C LYS F 28 33.72 -7.49 -3.15
N ILE F 29 34.32 -8.60 -3.56
CA ILE F 29 33.92 -9.31 -4.77
C ILE F 29 32.42 -9.54 -4.77
N ILE F 30 31.91 -10.11 -3.69
CA ILE F 30 30.49 -10.46 -3.60
C ILE F 30 29.62 -9.23 -3.87
N GLN F 31 30.05 -8.06 -3.38
CA GLN F 31 29.26 -6.84 -3.53
C GLN F 31 29.22 -6.38 -5.00
N LYS F 32 30.07 -6.97 -5.86
CA LYS F 32 30.10 -6.67 -7.31
C LYS F 32 29.39 -7.75 -8.14
N LEU F 33 29.14 -8.89 -7.53
CA LEU F 33 28.40 -9.97 -8.18
C LEU F 33 26.96 -9.52 -8.42
N PRO F 34 26.32 -10.07 -9.49
CA PRO F 34 24.96 -9.64 -9.78
C PRO F 34 24.06 -9.98 -8.60
N LYS F 35 22.98 -9.20 -8.43
CA LYS F 35 22.05 -9.38 -7.31
C LYS F 35 21.49 -10.80 -7.10
N ARG F 36 21.07 -11.47 -8.17
CA ARG F 36 20.47 -12.80 -8.09
C ARG F 36 21.48 -13.94 -7.76
N VAL F 37 22.69 -13.58 -7.34
CA VAL F 37 23.68 -14.59 -6.94
C VAL F 37 23.76 -14.69 -5.43
N HIS F 38 23.49 -15.87 -4.90
CA HIS F 38 23.61 -16.12 -3.47
C HIS F 38 24.90 -16.89 -3.11
N ILE F 39 25.28 -16.77 -1.85
CA ILE F 39 26.55 -17.23 -1.37
C ILE F 39 26.34 -18.14 -0.16
N ASN F 40 26.86 -19.35 -0.26
CA ASN F 40 26.72 -20.31 0.80
C ASN F 40 28.08 -20.50 1.49
N VAL F 41 28.14 -20.30 2.81
CA VAL F 41 29.41 -20.42 3.52
C VAL F 41 29.43 -21.81 4.17
N ARG F 42 30.37 -22.66 3.71
CA ARG F 42 30.38 -24.07 4.06
C ARG F 42 31.55 -24.35 4.99
N GLY F 43 31.26 -24.88 6.18
CA GLY F 43 32.27 -25.15 7.18
C GLY F 43 32.65 -26.60 7.12
N PHE F 44 33.93 -26.89 7.37
CA PHE F 44 34.42 -28.28 7.40
C PHE F 44 35.44 -28.54 8.52
N THR F 45 35.61 -29.81 8.91
CA THR F 45 36.69 -30.14 9.83
C THR F 45 37.49 -31.32 9.30
N ASP F 46 38.64 -31.55 9.92
CA ASP F 46 39.34 -32.81 9.72
C ASP F 46 38.63 -33.84 10.61
N ASP F 47 39.21 -35.03 10.76
CA ASP F 47 38.60 -36.05 11.63
C ASP F 47 39.32 -36.31 12.97
N THR F 48 40.17 -35.38 13.40
CA THR F 48 40.81 -35.51 14.71
C THR F 48 39.78 -35.35 15.83
N PRO F 49 39.69 -36.37 16.70
CA PRO F 49 38.82 -36.33 17.88
C PRO F 49 38.95 -35.02 18.66
N LEU F 50 37.81 -34.53 19.14
CA LEU F 50 37.78 -33.35 19.96
C LEU F 50 38.00 -33.77 21.41
N VAL F 51 38.68 -32.93 22.18
CA VAL F 51 38.97 -33.26 23.57
C VAL F 51 38.97 -31.98 24.45
N LYS F 52 40.07 -31.24 24.45
CA LYS F 52 40.12 -29.94 25.12
C LYS F 52 39.55 -28.84 24.20
N THR F 53 38.35 -29.09 23.68
CA THR F 53 37.62 -28.05 22.99
C THR F 53 36.20 -27.94 23.54
N ARG F 54 35.60 -26.78 23.29
CA ARG F 54 34.25 -26.48 23.70
C ARG F 54 33.18 -27.22 22.87
N PHE F 55 33.54 -27.71 21.69
CA PHE F 55 32.58 -28.40 20.80
C PHE F 55 32.36 -29.89 21.10
N LYS F 56 31.08 -30.29 21.00
CA LYS F 56 30.67 -31.68 21.25
C LYS F 56 30.55 -32.51 19.96
N SER F 57 30.68 -31.86 18.79
CA SER F 57 30.79 -32.56 17.50
C SER F 57 31.58 -31.74 16.48
N HIS F 58 32.02 -32.40 15.39
CA HIS F 58 32.65 -31.70 14.26
C HIS F 58 31.62 -30.84 13.51
N TYR F 59 30.35 -31.23 13.56
CA TYR F 59 29.30 -30.40 12.98
C TYR F 59 29.25 -29.04 13.64
N GLU F 60 29.31 -29.01 14.97
CA GLU F 60 29.27 -27.76 15.75
C GLU F 60 30.47 -26.88 15.44
N LEU F 61 31.65 -27.48 15.43
CA LEU F 61 32.87 -26.76 15.08
C LEU F 61 32.78 -26.16 13.66
N ALA F 62 32.48 -27.00 12.66
CA ALA F 62 32.32 -26.52 11.30
C ALA F 62 31.20 -25.48 11.18
N ALA F 63 30.12 -25.60 11.97
CA ALA F 63 29.01 -24.64 11.86
C ALA F 63 29.48 -23.34 12.43
N ASN F 64 30.24 -23.42 13.51
CA ASN F 64 30.84 -22.24 14.11
C ASN F 64 31.84 -21.51 13.22
N ARG F 65 32.67 -22.27 12.51
CA ARG F 65 33.56 -21.69 11.52
C ARG F 65 32.77 -20.98 10.39
N ALA F 66 31.82 -21.68 9.78
CA ALA F 66 31.07 -21.16 8.65
C ALA F 66 30.28 -19.91 9.08
N TYR F 67 29.51 -20.07 10.15
CA TYR F 67 28.75 -18.95 10.72
C TYR F 67 29.58 -17.72 11.02
N ARG F 68 30.78 -17.92 11.58
CA ARG F 68 31.63 -16.80 11.97
C ARG F 68 32.21 -16.10 10.74
N VAL F 69 32.59 -16.89 9.74
CA VAL F 69 33.01 -16.34 8.46
C VAL F 69 31.84 -15.53 7.86
N MET F 70 30.64 -16.07 8.00
CA MET F 70 29.45 -15.41 7.51
C MET F 70 29.25 -14.06 8.19
N LYS F 71 29.45 -14.01 9.52
CA LYS F 71 29.39 -12.74 10.26
C LYS F 71 30.40 -11.71 9.75
N VAL F 72 31.60 -12.16 9.41
CA VAL F 72 32.67 -11.25 8.98
C VAL F 72 32.35 -10.67 7.60
N LEU F 73 31.77 -11.49 6.73
CA LEU F 73 31.27 -11.03 5.44
C LEU F 73 30.16 -9.96 5.60
N ILE F 74 29.18 -10.24 6.46
CA ILE F 74 28.13 -9.26 6.75
C ILE F 74 28.73 -7.98 7.33
N GLN F 75 29.71 -8.11 8.24
CA GLN F 75 30.34 -6.93 8.86
C GLN F 75 31.12 -6.06 7.85
N TYR F 76 31.54 -6.64 6.73
CA TYR F 76 32.15 -5.90 5.62
C TYR F 76 31.13 -5.55 4.52
N GLY F 77 29.86 -5.76 4.82
CA GLY F 77 28.77 -5.23 4.00
C GLY F 77 28.21 -6.13 2.92
N VAL F 78 28.38 -7.46 3.05
CA VAL F 78 27.64 -8.38 2.19
C VAL F 78 26.20 -8.43 2.72
N ASN F 79 25.26 -8.27 1.82
CA ASN F 79 23.86 -8.35 2.13
C ASN F 79 23.48 -9.69 2.75
N PRO F 80 22.92 -9.68 3.97
CA PRO F 80 22.46 -10.93 4.62
C PRO F 80 21.45 -11.75 3.79
N ASN F 81 20.70 -11.05 2.95
CA ASN F 81 19.80 -11.70 2.01
C ASN F 81 20.48 -12.67 1.06
N GLN F 82 21.76 -12.43 0.78
CA GLN F 82 22.50 -13.24 -0.16
C GLN F 82 23.33 -14.36 0.48
N LEU F 83 23.28 -14.44 1.82
CA LEU F 83 24.11 -15.39 2.56
C LEU F 83 23.33 -16.47 3.28
N SER F 84 23.96 -17.65 3.36
CA SER F 84 23.54 -18.74 4.25
C SER F 84 24.82 -19.44 4.68
N PHE F 85 24.74 -20.14 5.81
CA PHE F 85 25.87 -20.96 6.27
C PHE F 85 25.47 -22.41 6.41
N SER F 86 26.42 -23.32 6.17
CA SER F 86 26.20 -24.77 6.23
C SER F 86 27.40 -25.51 6.89
N SER F 87 27.10 -26.65 7.51
CA SER F 87 28.05 -27.39 8.27
C SER F 87 28.14 -28.77 7.66
N TYR F 88 29.34 -29.16 7.23
CA TYR F 88 29.63 -30.46 6.70
C TYR F 88 30.41 -31.32 7.68
N GLY F 89 30.67 -30.80 8.88
CA GLY F 89 31.49 -31.51 9.88
C GLY F 89 32.76 -32.08 9.26
N SER F 90 33.01 -33.37 9.52
CA SER F 90 34.20 -34.06 8.94
C SER F 90 33.93 -34.70 7.59
N THR F 91 32.75 -34.46 7.01
CA THR F 91 32.43 -35.00 5.67
C THR F 91 33.22 -34.27 4.61
N ASN F 92 33.21 -34.82 3.40
CA ASN F 92 33.75 -34.13 2.23
C ASN F 92 35.14 -33.49 2.41
N PRO F 93 36.12 -34.30 2.88
CA PRO F 93 37.47 -33.75 2.99
C PRO F 93 38.04 -33.50 1.61
N ILE F 94 38.85 -32.46 1.44
CA ILE F 94 39.47 -32.30 0.14
C ILE F 94 40.78 -33.06 0.04
N ALA F 95 41.27 -33.56 1.17
CA ALA F 95 42.52 -34.30 1.23
C ALA F 95 42.33 -35.43 2.25
N PRO F 96 43.11 -36.52 2.15
CA PRO F 96 42.91 -37.59 3.13
C PRO F 96 43.47 -37.20 4.51
N ASN F 97 42.85 -37.67 5.59
CA ASN F 97 43.35 -37.38 6.93
C ASN F 97 44.39 -38.39 7.38
N ASP F 98 45.58 -38.35 6.77
CA ASP F 98 46.62 -39.33 7.10
C ASP F 98 47.93 -38.67 7.48
N SER F 99 47.88 -37.39 7.81
CA SER F 99 49.09 -36.64 8.18
C SER F 99 48.68 -35.26 8.63
N LEU F 100 49.56 -34.59 9.36
CA LEU F 100 49.30 -33.25 9.85
C LEU F 100 48.96 -32.31 8.73
N GLU F 101 49.84 -32.23 7.73
CA GLU F 101 49.62 -31.36 6.58
C GLU F 101 48.25 -31.57 5.95
N ASN F 102 47.93 -32.84 5.69
CA ASN F 102 46.68 -33.19 5.04
C ASN F 102 45.45 -32.94 5.90
N ARG F 103 45.54 -33.25 7.20
CA ARG F 103 44.48 -32.90 8.16
C ARG F 103 44.26 -31.39 8.20
N MET F 104 45.36 -30.62 8.25
CA MET F 104 45.25 -29.15 8.26
C MET F 104 44.43 -28.62 7.09
N LYS F 105 44.60 -29.19 5.91
CA LYS F 105 43.89 -28.73 4.71
C LYS F 105 42.38 -28.83 4.86
N ASN F 106 41.90 -29.81 5.63
CA ASN F 106 40.47 -30.05 5.77
C ASN F 106 39.75 -29.07 6.72
N ASN F 107 40.52 -28.46 7.60
CA ASN F 107 39.96 -27.44 8.49
C ASN F 107 39.77 -26.12 7.75
N ARG F 108 38.59 -25.98 7.15
CA ARG F 108 38.38 -24.86 6.24
C ARG F 108 36.91 -24.46 6.03
N VAL F 109 36.73 -23.24 5.54
CA VAL F 109 35.43 -22.74 5.09
C VAL F 109 35.49 -22.44 3.57
N GLU F 110 34.48 -22.92 2.84
CA GLU F 110 34.41 -22.74 1.39
C GLU F 110 33.25 -21.84 1.02
N ILE F 111 33.45 -21.07 -0.06
CA ILE F 111 32.41 -20.23 -0.58
C ILE F 111 31.77 -20.90 -1.82
N PHE F 112 30.47 -21.13 -1.73
CA PHE F 112 29.78 -21.61 -2.89
C PHE F 112 28.92 -20.50 -3.45
N PHE F 113 28.97 -20.38 -4.77
CA PHE F 113 28.18 -19.43 -5.53
C PHE F 113 27.02 -20.16 -6.16
N SER F 114 25.87 -19.51 -6.17
CA SER F 114 24.65 -20.09 -6.68
C SER F 114 24.21 -19.09 -7.74
N THR F 115 24.02 -19.56 -8.97
CA THR F 115 23.99 -18.67 -10.13
C THR F 115 23.37 -19.31 -11.36
N ASP F 116 22.62 -18.54 -12.13
CA ASP F 116 22.19 -19.02 -13.40
C ASP F 116 23.35 -18.97 -14.39
N ALA F 117 23.12 -19.48 -15.60
CA ALA F 117 24.20 -19.64 -16.55
C ALA F 117 24.74 -18.31 -17.06
N ASN F 118 23.87 -17.32 -17.20
CA ASN F 118 24.28 -16.04 -17.76
C ASN F 118 25.10 -15.18 -16.80
N ASP F 119 24.67 -15.07 -15.55
CA ASP F 119 25.46 -14.39 -14.49
C ASP F 119 26.76 -15.11 -14.16
N LEU F 120 26.84 -16.41 -14.42
CA LEU F 120 28.08 -17.19 -14.25
C LEU F 120 29.29 -16.54 -14.95
N SER F 121 29.09 -16.05 -16.19
CA SER F 121 30.12 -15.32 -16.92
C SER F 121 30.58 -14.08 -16.17
N LYS F 122 29.65 -13.43 -15.48
CA LYS F 122 29.93 -12.16 -14.85
C LYS F 122 30.67 -12.35 -13.53
N ILE F 123 30.31 -13.38 -12.78
CA ILE F 123 31.10 -13.78 -11.63
C ILE F 123 32.49 -14.11 -12.15
N HIS F 124 32.59 -14.72 -13.33
CA HIS F 124 33.87 -15.29 -13.78
C HIS F 124 34.90 -14.20 -14.06
N SER F 125 34.46 -13.16 -14.75
CA SER F 125 35.31 -12.03 -15.10
C SER F 125 35.73 -11.22 -13.90
N ILE F 126 34.79 -10.98 -12.98
CA ILE F 126 35.10 -10.32 -11.72
C ILE F 126 36.21 -11.07 -10.99
N LEU F 127 36.08 -12.38 -10.91
CA LEU F 127 37.07 -13.22 -10.25
C LEU F 127 38.42 -13.16 -10.95
N ASP F 128 38.41 -13.47 -12.25
CA ASP F 128 39.61 -13.54 -13.06
C ASP F 128 40.44 -12.27 -12.97
N ASN F 129 39.78 -11.12 -13.05
CA ASN F 129 40.49 -9.84 -13.01
C ASN F 129 40.85 -9.42 -11.57
N GLU F 130 40.22 -10.04 -10.57
CA GLU F 130 40.57 -9.75 -9.18
C GLU F 130 41.72 -10.63 -8.71
N PHE F 131 41.74 -11.87 -9.18
CA PHE F 131 42.80 -12.83 -8.83
C PHE F 131 43.82 -13.07 -9.95
N ASN F 132 43.79 -12.23 -10.99
CA ASN F 132 44.82 -12.18 -12.05
C ASN F 132 44.95 -10.76 -12.61
N PRO F 133 46.17 -10.35 -13.02
CA PRO F 133 46.34 -9.00 -13.59
C PRO F 133 45.43 -8.74 -14.79
N GLY G 1 22.93 -16.45 -24.61
CA GLY G 1 23.00 -17.12 -23.28
C GLY G 1 21.95 -18.22 -23.18
N ILE G 2 22.12 -19.10 -22.20
CA ILE G 2 21.29 -20.32 -22.05
C ILE G 2 19.85 -19.95 -21.75
N ASP G 3 18.93 -20.53 -22.51
CA ASP G 3 17.53 -20.20 -22.30
C ASP G 3 16.84 -21.08 -21.27
N PRO G 4 15.83 -20.51 -20.59
CA PRO G 4 14.95 -21.21 -19.66
C PRO G 4 14.14 -22.23 -20.40
N PHE G 5 13.62 -23.22 -19.69
CA PHE G 5 12.64 -24.13 -20.29
C PHE G 5 11.27 -23.41 -20.19
N THR G 6 10.68 -23.01 -21.32
CA THR G 6 9.47 -22.15 -21.32
C THR G 6 8.23 -22.94 -21.68
N PHE G 7 7.23 -22.90 -20.80
CA PHE G 7 5.97 -23.61 -21.03
C PHE G 7 5.06 -22.97 -22.07
N GLU G 8 4.13 -23.75 -22.64
CA GLU G 8 3.39 -23.29 -23.82
C GLU G 8 2.27 -22.28 -23.48
N ASN G 9 1.72 -22.35 -22.27
CA ASN G 9 0.72 -21.37 -21.82
C ASN G 9 0.81 -21.14 -20.31
N ALA G 10 -0.05 -20.25 -19.81
CA ALA G 10 0.01 -19.79 -18.43
C ALA G 10 -0.21 -20.85 -17.35
N THR G 11 -1.02 -21.87 -17.65
CA THR G 11 -1.46 -22.81 -16.62
C THR G 11 -1.00 -24.24 -16.82
N SER G 12 -0.13 -24.47 -17.81
CA SER G 12 0.31 -25.82 -18.12
C SER G 12 1.65 -26.20 -17.50
N ASP G 13 1.75 -27.45 -17.06
CA ASP G 13 3.04 -28.01 -16.66
C ASP G 13 3.51 -29.14 -17.58
N ALA G 14 2.91 -29.16 -18.78
CA ALA G 14 3.27 -30.11 -19.82
C ALA G 14 4.57 -29.71 -20.50
N ILE G 15 5.32 -30.72 -20.93
CA ILE G 15 6.61 -30.55 -21.58
C ILE G 15 6.47 -31.09 -23.00
N ASN G 16 6.49 -30.21 -24.01
CA ASN G 16 6.38 -30.69 -25.41
C ASN G 16 7.71 -31.34 -25.85
N GLN G 17 7.73 -31.99 -27.00
CA GLN G 17 8.93 -32.71 -27.43
C GLN G 17 10.11 -31.78 -27.61
N ASP G 18 9.83 -30.60 -28.15
CA ASP G 18 10.84 -29.55 -28.26
C ASP G 18 11.51 -29.36 -26.92
N MET G 19 10.70 -29.15 -25.88
CA MET G 19 11.25 -28.97 -24.53
C MET G 19 12.03 -30.20 -24.05
N MET G 20 11.50 -31.40 -24.26
CA MET G 20 12.20 -32.63 -23.91
C MET G 20 13.59 -32.67 -24.55
N LEU G 21 13.64 -32.53 -25.88
CA LEU G 21 14.90 -32.51 -26.62
C LEU G 21 15.91 -31.54 -26.03
N TYR G 22 15.42 -30.44 -25.49
CA TYR G 22 16.29 -29.39 -24.97
C TYR G 22 16.75 -29.71 -23.54
N ILE G 23 15.84 -30.24 -22.71
CA ILE G 23 16.23 -30.71 -21.38
C ILE G 23 17.30 -31.81 -21.50
N GLU G 24 17.20 -32.60 -22.57
CA GLU G 24 18.18 -33.65 -22.87
C GLU G 24 19.55 -33.09 -23.23
N ARG G 25 19.58 -31.98 -23.96
CA ARG G 25 20.82 -31.29 -24.26
C ARG G 25 21.45 -30.70 -22.98
N ILE G 26 20.62 -30.17 -22.10
CA ILE G 26 21.08 -29.61 -20.85
C ILE G 26 21.53 -30.69 -19.86
N ALA G 27 20.83 -31.83 -19.85
CA ALA G 27 21.22 -32.99 -19.06
C ALA G 27 22.62 -33.53 -19.43
N LYS G 28 22.91 -33.67 -20.72
CA LYS G 28 24.21 -34.15 -21.16
C LYS G 28 25.26 -33.17 -20.67
N ILE G 29 25.05 -31.90 -20.97
CA ILE G 29 25.93 -30.84 -20.47
C ILE G 29 26.22 -31.00 -18.96
N ILE G 30 25.17 -31.04 -18.14
CA ILE G 30 25.35 -31.16 -16.69
C ILE G 30 26.22 -32.37 -16.33
N GLN G 31 26.11 -33.43 -17.12
CA GLN G 31 26.85 -34.63 -16.83
C GLN G 31 28.38 -34.47 -17.03
N LYS G 32 28.78 -33.48 -17.84
CA LYS G 32 30.19 -33.05 -18.03
C LYS G 32 30.79 -32.27 -16.85
N LEU G 33 29.94 -31.67 -16.03
CA LEU G 33 30.39 -30.76 -14.96
C LEU G 33 31.05 -31.56 -13.83
N PRO G 34 31.83 -30.88 -12.97
CA PRO G 34 32.37 -31.60 -11.82
C PRO G 34 31.26 -32.00 -10.83
N LYS G 35 31.46 -33.13 -10.18
CA LYS G 35 30.42 -33.72 -9.33
C LYS G 35 30.06 -32.86 -8.15
N ARG G 36 30.90 -31.88 -7.80
CA ARG G 36 30.66 -30.97 -6.68
C ARG G 36 29.67 -29.83 -7.03
N VAL G 37 29.27 -29.78 -8.29
CA VAL G 37 28.42 -28.73 -8.75
C VAL G 37 27.03 -29.28 -8.58
N HIS G 38 26.18 -28.57 -7.85
CA HIS G 38 24.79 -28.98 -7.71
C HIS G 38 23.90 -28.10 -8.54
N ILE G 39 22.80 -28.67 -9.01
CA ILE G 39 21.88 -28.06 -9.94
C ILE G 39 20.55 -27.83 -9.22
N ASN G 40 20.09 -26.60 -9.22
CA ASN G 40 18.81 -26.29 -8.59
C ASN G 40 17.84 -25.90 -9.68
N VAL G 41 16.73 -26.64 -9.71
CA VAL G 41 15.73 -26.50 -10.77
C VAL G 41 14.60 -25.58 -10.28
N ARG G 42 14.49 -24.40 -10.87
CA ARG G 42 13.57 -23.40 -10.34
C ARG G 42 12.40 -23.18 -11.24
N GLY G 43 11.21 -23.15 -10.62
CA GLY G 43 9.94 -23.01 -11.35
C GLY G 43 9.30 -21.66 -11.11
N PHE G 44 8.68 -21.10 -12.16
CA PHE G 44 8.14 -19.76 -12.16
C PHE G 44 6.82 -19.68 -12.89
N THR G 45 6.02 -18.63 -12.62
CA THR G 45 4.80 -18.38 -13.39
C THR G 45 4.68 -16.91 -13.78
N ASP G 46 3.79 -16.62 -14.73
CA ASP G 46 3.28 -15.26 -14.85
C ASP G 46 2.27 -15.02 -13.74
N ASP G 47 1.65 -13.84 -13.73
CA ASP G 47 0.68 -13.46 -12.73
C ASP G 47 -0.74 -13.68 -13.19
N THR G 48 -0.93 -14.60 -14.12
CA THR G 48 -2.25 -14.84 -14.63
C THR G 48 -3.13 -15.49 -13.58
N PRO G 49 -4.28 -14.84 -13.26
CA PRO G 49 -5.18 -15.41 -12.25
C PRO G 49 -5.53 -16.84 -12.64
N LEU G 50 -5.26 -17.78 -11.75
CA LEU G 50 -5.56 -19.16 -12.00
C LEU G 50 -7.06 -19.34 -12.08
N VAL G 51 -7.57 -19.57 -13.29
CA VAL G 51 -9.03 -19.47 -13.46
C VAL G 51 -9.78 -20.67 -12.82
N LYS G 52 -10.30 -21.57 -13.66
CA LYS G 52 -11.02 -22.73 -13.16
C LYS G 52 -10.19 -24.02 -13.30
N THR G 53 -8.90 -23.88 -13.66
CA THR G 53 -7.98 -25.03 -13.67
C THR G 53 -7.64 -25.55 -12.26
N ARG G 54 -6.85 -26.61 -12.18
CA ARG G 54 -6.76 -27.36 -10.93
C ARG G 54 -5.82 -26.79 -9.86
N PHE G 55 -4.90 -25.92 -10.25
CA PHE G 55 -4.01 -25.27 -9.28
C PHE G 55 -4.73 -24.09 -8.63
N LYS G 56 -4.50 -23.91 -7.33
CA LYS G 56 -5.09 -22.77 -6.61
C LYS G 56 -4.03 -21.71 -6.25
N SER G 57 -2.76 -22.13 -6.30
CA SER G 57 -1.62 -21.29 -6.03
C SER G 57 -0.62 -21.34 -7.19
N HIS G 58 -0.09 -20.18 -7.59
CA HIS G 58 1.03 -20.18 -8.55
C HIS G 58 2.25 -20.99 -8.04
N TYR G 59 2.41 -21.13 -6.72
CA TYR G 59 3.51 -21.91 -6.18
C TYR G 59 3.39 -23.39 -6.50
N GLU G 60 2.17 -23.91 -6.51
CA GLU G 60 1.91 -25.29 -6.90
C GLU G 60 2.31 -25.46 -8.35
N LEU G 61 1.84 -24.58 -9.21
CA LEU G 61 2.15 -24.71 -10.62
C LEU G 61 3.66 -24.60 -10.89
N ALA G 62 4.31 -23.59 -10.31
CA ALA G 62 5.78 -23.50 -10.38
C ALA G 62 6.52 -24.75 -9.86
N ALA G 63 6.16 -25.23 -8.67
CA ALA G 63 6.73 -26.44 -8.07
C ALA G 63 6.59 -27.61 -9.04
N ASN G 64 5.39 -27.76 -9.58
CA ASN G 64 5.14 -28.76 -10.57
C ASN G 64 6.01 -28.71 -11.83
N ARG G 65 6.17 -27.50 -12.37
CA ARG G 65 7.01 -27.30 -13.53
C ARG G 65 8.43 -27.76 -13.16
N ALA G 66 8.92 -27.27 -12.03
CA ALA G 66 10.26 -27.56 -11.62
C ALA G 66 10.46 -29.07 -11.38
N TYR G 67 9.59 -29.68 -10.61
CA TYR G 67 9.70 -31.07 -10.31
C TYR G 67 9.67 -31.90 -11.60
N ARG G 68 8.77 -31.58 -12.51
CA ARG G 68 8.71 -32.35 -13.75
C ARG G 68 9.96 -32.19 -14.64
N VAL G 69 10.51 -30.97 -14.76
CA VAL G 69 11.83 -30.79 -15.40
C VAL G 69 12.93 -31.66 -14.72
N MET G 70 12.97 -31.59 -13.39
CA MET G 70 13.89 -32.41 -12.62
C MET G 70 13.83 -33.93 -12.90
N LYS G 71 12.63 -34.51 -12.90
CA LYS G 71 12.45 -35.92 -13.26
C LYS G 71 13.01 -36.15 -14.64
N VAL G 72 12.78 -35.20 -15.53
CA VAL G 72 13.25 -35.42 -16.88
C VAL G 72 14.77 -35.44 -16.90
N LEU G 73 15.37 -34.48 -16.19
CA LEU G 73 16.82 -34.44 -16.05
C LEU G 73 17.37 -35.76 -15.52
N ILE G 74 16.76 -36.28 -14.46
CA ILE G 74 17.08 -37.59 -13.91
C ILE G 74 16.87 -38.73 -14.93
N GLN G 75 15.72 -38.71 -15.61
CA GLN G 75 15.47 -39.65 -16.74
C GLN G 75 16.63 -39.64 -17.74
N TYR G 76 17.26 -38.48 -17.92
CA TYR G 76 18.35 -38.38 -18.90
C TYR G 76 19.73 -38.60 -18.30
N GLY G 77 19.79 -39.06 -17.06
CA GLY G 77 21.05 -39.52 -16.48
C GLY G 77 21.69 -38.58 -15.49
N VAL G 78 21.08 -37.41 -15.27
CA VAL G 78 21.58 -36.53 -14.21
C VAL G 78 21.35 -37.16 -12.84
N ASN G 79 22.42 -37.34 -12.11
CA ASN G 79 22.37 -37.84 -10.73
C ASN G 79 21.50 -37.03 -9.76
N PRO G 80 20.51 -37.68 -9.16
CA PRO G 80 19.62 -37.10 -8.19
C PRO G 80 20.38 -36.49 -7.03
N ASN G 81 21.54 -37.02 -6.67
CA ASN G 81 22.33 -36.38 -5.64
C ASN G 81 22.79 -34.92 -5.96
N GLN G 82 22.81 -34.55 -7.24
CA GLN G 82 23.16 -33.21 -7.68
C GLN G 82 21.95 -32.32 -7.91
N LEU G 83 20.76 -32.82 -7.62
CA LEU G 83 19.59 -32.05 -8.00
C LEU G 83 18.71 -31.65 -6.84
N SER G 84 17.98 -30.56 -7.02
CA SER G 84 16.88 -30.22 -6.14
C SER G 84 15.97 -29.39 -6.96
N PHE G 85 14.77 -29.11 -6.41
CA PHE G 85 13.85 -28.23 -7.10
C PHE G 85 13.21 -27.17 -6.21
N SER G 86 12.91 -26.03 -6.84
CA SER G 86 12.32 -24.89 -6.13
C SER G 86 11.15 -24.23 -6.87
N SER G 87 10.22 -23.70 -6.09
CA SER G 87 9.04 -22.99 -6.55
C SER G 87 9.20 -21.53 -6.19
N TYR G 88 9.09 -20.65 -7.18
CA TYR G 88 9.20 -19.20 -6.93
C TYR G 88 7.93 -18.43 -7.20
N GLY G 89 6.89 -19.13 -7.62
CA GLY G 89 5.60 -18.54 -7.95
C GLY G 89 5.81 -17.54 -9.08
N SER G 90 5.34 -16.32 -8.90
CA SER G 90 5.33 -15.38 -9.97
C SER G 90 6.35 -14.29 -9.66
N THR G 91 7.06 -14.47 -8.55
CA THR G 91 8.16 -13.58 -8.15
C THR G 91 9.37 -13.76 -9.10
N ASN G 92 10.28 -12.78 -9.07
CA ASN G 92 11.44 -12.73 -10.01
C ASN G 92 11.16 -12.95 -11.50
N PRO G 93 10.15 -12.27 -12.07
CA PRO G 93 9.87 -12.44 -13.51
C PRO G 93 11.03 -11.97 -14.37
N ILE G 94 11.14 -12.49 -15.60
CA ILE G 94 12.18 -12.06 -16.54
C ILE G 94 11.73 -10.95 -17.47
N ALA G 95 10.45 -10.61 -17.38
CA ALA G 95 9.80 -9.63 -18.25
C ALA G 95 8.57 -9.13 -17.50
N PRO G 96 8.14 -7.88 -17.76
CA PRO G 96 6.88 -7.38 -17.19
C PRO G 96 5.66 -8.22 -17.57
N ASN G 97 4.68 -8.32 -16.68
CA ASN G 97 3.41 -9.02 -16.99
C ASN G 97 2.41 -8.03 -17.60
N ASP G 98 2.84 -7.34 -18.66
CA ASP G 98 2.09 -6.21 -19.23
C ASP G 98 1.42 -6.48 -20.58
N SER G 99 1.95 -7.46 -21.31
CA SER G 99 1.35 -7.94 -22.56
C SER G 99 1.45 -9.46 -22.55
N LEU G 100 0.53 -10.11 -23.27
CA LEU G 100 0.47 -11.58 -23.32
C LEU G 100 1.85 -12.18 -23.63
N GLU G 101 2.51 -11.66 -24.66
CA GLU G 101 3.85 -12.07 -25.08
C GLU G 101 4.90 -12.12 -23.96
N ASN G 102 4.84 -11.15 -23.05
CA ASN G 102 5.80 -11.03 -21.96
C ASN G 102 5.42 -11.93 -20.79
N ARG G 103 4.13 -11.95 -20.44
CA ARG G 103 3.64 -12.85 -19.40
C ARG G 103 4.08 -14.27 -19.74
N MET G 104 3.83 -14.68 -20.99
CA MET G 104 4.17 -16.01 -21.46
C MET G 104 5.63 -16.41 -21.20
N LYS G 105 6.54 -15.44 -21.21
CA LYS G 105 7.96 -15.68 -20.90
C LYS G 105 8.18 -15.98 -19.44
N ASN G 106 7.25 -15.57 -18.59
CA ASN G 106 7.39 -15.79 -17.17
C ASN G 106 7.04 -17.22 -16.77
N ASN G 107 6.40 -17.94 -17.69
CA ASN G 107 6.08 -19.32 -17.42
C ASN G 107 7.26 -20.17 -17.84
N ARG G 108 8.09 -20.55 -16.86
CA ARG G 108 9.37 -21.19 -17.19
C ARG G 108 10.07 -21.84 -15.99
N VAL G 109 11.09 -22.64 -16.29
CA VAL G 109 11.94 -23.25 -15.31
C VAL G 109 13.37 -22.81 -15.64
N GLU G 110 14.15 -22.50 -14.63
CA GLU G 110 15.53 -22.12 -14.87
C GLU G 110 16.45 -23.00 -14.06
N ILE G 111 17.66 -23.21 -14.57
CA ILE G 111 18.68 -24.01 -13.94
C ILE G 111 19.61 -23.07 -13.19
N PHE G 112 19.84 -23.33 -11.89
CA PHE G 112 20.92 -22.59 -11.17
C PHE G 112 22.04 -23.52 -10.76
N PHE G 113 23.28 -23.11 -10.99
CA PHE G 113 24.48 -23.88 -10.59
C PHE G 113 24.96 -23.45 -9.22
N SER G 114 25.34 -24.41 -8.40
CA SER G 114 25.95 -24.17 -7.12
C SER G 114 27.38 -24.76 -7.18
N THR G 115 28.38 -23.89 -7.03
CA THR G 115 29.72 -24.18 -7.47
C THR G 115 30.70 -23.36 -6.69
N ASP G 116 31.88 -23.91 -6.41
CA ASP G 116 32.93 -23.12 -5.77
C ASP G 116 33.69 -22.27 -6.81
N ALA G 117 34.57 -21.40 -6.34
CA ALA G 117 35.20 -20.48 -7.24
C ALA G 117 36.03 -21.17 -8.36
N ASN G 118 36.57 -22.36 -8.09
CA ASN G 118 37.42 -23.05 -9.08
C ASN G 118 36.67 -23.92 -10.10
N ASP G 119 35.56 -24.53 -9.70
CA ASP G 119 34.75 -25.30 -10.64
C ASP G 119 33.96 -24.40 -11.59
N LEU G 120 33.74 -23.17 -11.17
CA LEU G 120 32.99 -22.15 -11.93
C LEU G 120 33.66 -21.85 -13.28
N SER G 121 34.98 -21.82 -13.28
CA SER G 121 35.76 -21.68 -14.51
C SER G 121 35.58 -22.90 -15.44
N LYS G 122 35.50 -24.11 -14.89
CA LYS G 122 35.26 -25.31 -15.71
C LYS G 122 33.87 -25.25 -16.37
N ILE G 123 32.87 -24.84 -15.60
CA ILE G 123 31.50 -24.71 -16.07
C ILE G 123 31.44 -23.72 -17.22
N HIS G 124 32.01 -22.53 -17.00
CA HIS G 124 32.10 -21.53 -18.05
C HIS G 124 32.57 -22.12 -19.37
N SER G 125 33.77 -22.70 -19.42
CA SER G 125 34.24 -23.21 -20.70
C SER G 125 33.35 -24.33 -21.25
N ILE G 126 32.72 -25.11 -20.38
CA ILE G 126 31.80 -26.14 -20.88
C ILE G 126 30.54 -25.48 -21.46
N LEU G 127 30.01 -24.50 -20.75
CA LEU G 127 28.84 -23.76 -21.22
C LEU G 127 29.13 -23.03 -22.56
N ASP G 128 30.26 -22.32 -22.59
CA ASP G 128 30.65 -21.56 -23.77
C ASP G 128 30.90 -22.43 -25.00
N ASN G 129 31.70 -23.48 -24.82
CA ASN G 129 31.96 -24.41 -25.91
C ASN G 129 30.73 -25.20 -26.38
N GLU G 130 29.63 -25.11 -25.64
CA GLU G 130 28.34 -25.63 -26.10
C GLU G 130 27.49 -24.53 -26.76
N PHE G 131 27.52 -23.32 -26.20
CA PHE G 131 26.65 -22.23 -26.68
C PHE G 131 27.36 -21.10 -27.46
N ASN G 132 27.92 -20.10 -26.76
CA ASN G 132 28.63 -19.00 -27.43
C ASN G 132 29.77 -19.45 -28.36
N GLY H 1 3.59 -46.70 15.70
CA GLY H 1 4.64 -47.35 14.87
C GLY H 1 5.12 -46.53 13.68
N ILE H 2 5.38 -45.23 13.92
CA ILE H 2 5.96 -44.33 12.89
C ILE H 2 7.45 -44.64 12.57
N ASP H 3 7.68 -45.81 11.98
CA ASP H 3 9.02 -46.23 11.54
C ASP H 3 9.51 -45.36 10.40
N PRO H 4 10.84 -45.30 10.23
CA PRO H 4 11.39 -44.81 8.98
C PRO H 4 11.09 -45.80 7.85
N PHE H 5 11.19 -45.35 6.61
CA PHE H 5 11.08 -46.26 5.47
C PHE H 5 12.42 -47.02 5.33
N THR H 6 12.31 -48.34 5.30
CA THR H 6 13.44 -49.20 5.54
C THR H 6 13.72 -49.97 4.27
N PHE H 7 14.97 -50.33 4.02
CA PHE H 7 15.33 -50.97 2.73
C PHE H 7 15.90 -52.34 2.95
N GLU H 8 15.30 -53.32 2.29
CA GLU H 8 15.69 -54.72 2.46
C GLU H 8 17.14 -54.98 2.06
N ASN H 9 17.60 -54.32 1.02
CA ASN H 9 18.90 -54.59 0.42
C ASN H 9 19.83 -53.41 0.67
N ALA H 10 20.98 -53.72 1.26
CA ALA H 10 21.93 -52.71 1.71
C ALA H 10 22.35 -51.78 0.58
N THR H 11 22.38 -52.31 -0.64
CA THR H 11 22.82 -51.50 -1.76
C THR H 11 21.70 -51.10 -2.72
N SER H 12 20.44 -51.34 -2.40
CA SER H 12 19.41 -50.98 -3.36
C SER H 12 18.47 -49.83 -2.93
N ASP H 13 17.84 -49.22 -3.93
CA ASP H 13 16.84 -48.19 -3.72
C ASP H 13 15.45 -48.74 -4.00
N ALA H 14 15.40 -50.05 -4.25
CA ALA H 14 14.16 -50.76 -4.47
C ALA H 14 13.22 -50.70 -3.27
N ILE H 15 11.99 -50.30 -3.56
CA ILE H 15 10.94 -50.19 -2.56
C ILE H 15 9.99 -51.39 -2.72
N ASN H 16 9.97 -52.30 -1.75
CA ASN H 16 8.98 -53.40 -1.77
C ASN H 16 7.52 -52.95 -1.53
N GLN H 17 6.58 -53.87 -1.67
CA GLN H 17 5.17 -53.47 -1.70
C GLN H 17 4.55 -53.21 -0.33
N ASP H 18 5.17 -53.74 0.72
CA ASP H 18 4.91 -53.32 2.09
C ASP H 18 5.32 -51.86 2.26
N MET H 19 6.52 -51.55 1.79
CA MET H 19 6.99 -50.20 1.89
C MET H 19 6.06 -49.31 1.08
N MET H 20 5.63 -49.78 -0.10
CA MET H 20 4.73 -48.98 -0.95
C MET H 20 3.48 -48.60 -0.19
N LEU H 21 2.90 -49.58 0.49
CA LEU H 21 1.65 -49.38 1.24
C LEU H 21 1.86 -48.42 2.40
N TYR H 22 3.00 -48.51 3.07
CA TYR H 22 3.24 -47.66 4.21
C TYR H 22 3.50 -46.20 3.78
N ILE H 23 4.24 -46.00 2.70
CA ILE H 23 4.37 -44.68 2.10
C ILE H 23 2.99 -44.06 1.79
N GLU H 24 2.08 -44.84 1.23
CA GLU H 24 0.75 -44.36 0.93
C GLU H 24 0.05 -43.87 2.19
N ARG H 25 0.24 -44.62 3.28
CA ARG H 25 -0.35 -44.25 4.55
C ARG H 25 0.23 -42.92 5.09
N ILE H 26 1.54 -42.72 4.93
CA ILE H 26 2.17 -41.44 5.21
C ILE H 26 1.70 -40.33 4.27
N ALA H 27 1.50 -40.65 2.99
CA ALA H 27 0.95 -39.65 2.06
C ALA H 27 -0.44 -39.20 2.53
N LYS H 28 -1.28 -40.15 2.92
CA LYS H 28 -2.60 -39.81 3.34
C LYS H 28 -2.56 -38.82 4.50
N ILE H 29 -1.63 -39.03 5.43
CA ILE H 29 -1.47 -38.15 6.60
C ILE H 29 -0.99 -36.76 6.22
N ILE H 30 0.14 -36.67 5.51
CA ILE H 30 0.66 -35.39 5.01
C ILE H 30 -0.44 -34.57 4.32
N GLN H 31 -1.34 -35.21 3.59
CA GLN H 31 -2.39 -34.45 2.91
C GLN H 31 -3.41 -33.81 3.84
N LYS H 32 -3.39 -34.22 5.12
CA LYS H 32 -4.35 -33.78 6.12
C LYS H 32 -3.77 -32.62 6.94
N LEU H 33 -2.49 -32.38 6.71
CA LEU H 33 -1.71 -31.46 7.51
C LEU H 33 -1.95 -30.01 7.06
N PRO H 34 -1.61 -29.02 7.91
CA PRO H 34 -1.78 -27.66 7.40
C PRO H 34 -0.91 -27.44 6.15
N LYS H 35 -1.39 -26.59 5.24
CA LYS H 35 -0.74 -26.38 3.93
C LYS H 35 0.67 -25.80 4.08
N ARG H 36 0.92 -25.08 5.16
CA ARG H 36 2.22 -24.43 5.40
C ARG H 36 3.22 -25.35 6.08
N VAL H 37 2.89 -26.63 6.25
CA VAL H 37 3.87 -27.59 6.75
C VAL H 37 4.59 -28.22 5.55
N HIS H 38 5.91 -28.29 5.60
CA HIS H 38 6.65 -28.88 4.49
C HIS H 38 7.37 -30.15 4.91
N ILE H 39 7.59 -31.03 3.93
CA ILE H 39 8.13 -32.33 4.20
C ILE H 39 9.47 -32.54 3.53
N ASN H 40 10.43 -33.00 4.33
CA ASN H 40 11.79 -33.23 3.86
C ASN H 40 12.05 -34.72 3.94
N VAL H 41 12.31 -35.32 2.78
CA VAL H 41 12.49 -36.76 2.66
C VAL H 41 14.00 -37.01 2.66
N ARG H 42 14.50 -37.57 3.77
CA ARG H 42 15.94 -37.71 3.98
C ARG H 42 16.39 -39.13 3.77
N GLY H 43 17.42 -39.33 2.96
CA GLY H 43 17.97 -40.67 2.65
C GLY H 43 19.26 -41.00 3.39
N PHE H 44 19.39 -42.27 3.78
CA PHE H 44 20.54 -42.74 4.59
C PHE H 44 21.04 -44.10 4.13
N THR H 45 22.29 -44.40 4.43
CA THR H 45 22.80 -45.75 4.22
C THR H 45 23.59 -46.26 5.44
N ASP H 46 23.95 -47.53 5.38
CA ASP H 46 25.01 -48.03 6.23
C ASP H 46 26.36 -47.63 5.64
N ASP H 47 27.43 -48.06 6.28
CA ASP H 47 28.75 -47.70 5.82
C ASP H 47 29.41 -48.84 5.08
N THR H 48 28.63 -49.84 4.62
CA THR H 48 29.28 -50.91 3.87
C THR H 48 29.77 -50.37 2.52
N PRO H 49 31.09 -50.55 2.26
CA PRO H 49 31.74 -50.19 1.00
C PRO H 49 30.92 -50.71 -0.17
N LEU H 50 30.75 -49.86 -1.19
CA LEU H 50 29.97 -50.15 -2.38
C LEU H 50 30.90 -50.64 -3.47
N VAL H 51 31.34 -51.87 -3.33
CA VAL H 51 32.31 -52.45 -4.25
C VAL H 51 31.59 -53.07 -5.45
N LYS H 52 31.73 -52.44 -6.62
CA LYS H 52 31.22 -52.94 -7.91
C LYS H 52 29.68 -53.02 -8.10
N THR H 53 28.93 -52.19 -7.36
CA THR H 53 27.49 -51.91 -7.58
C THR H 53 27.29 -50.80 -8.61
N ARG H 54 26.05 -50.49 -8.95
CA ARG H 54 25.79 -49.39 -9.87
C ARG H 54 25.96 -47.97 -9.24
N PHE H 55 25.78 -47.84 -7.94
CA PHE H 55 25.98 -46.55 -7.26
C PHE H 55 27.45 -46.20 -6.90
N LYS H 56 27.88 -44.97 -7.19
CA LYS H 56 29.28 -44.58 -7.00
C LYS H 56 29.63 -44.19 -5.57
N SER H 57 28.62 -43.86 -4.77
CA SER H 57 28.86 -43.44 -3.40
C SER H 57 27.62 -43.63 -2.58
N HIS H 58 27.79 -43.65 -1.27
CA HIS H 58 26.65 -43.68 -0.35
C HIS H 58 25.71 -42.48 -0.49
N TYR H 59 26.26 -41.29 -0.78
CA TYR H 59 25.41 -40.11 -1.00
C TYR H 59 24.52 -40.37 -2.19
N GLU H 60 25.11 -41.01 -3.21
CA GLU H 60 24.38 -41.30 -4.41
C GLU H 60 23.23 -42.28 -4.10
N LEU H 61 23.54 -43.41 -3.46
CA LEU H 61 22.47 -44.36 -3.04
C LEU H 61 21.37 -43.70 -2.16
N ALA H 62 21.77 -42.86 -1.21
CA ALA H 62 20.85 -42.22 -0.28
C ALA H 62 19.96 -41.19 -0.97
N ALA H 63 20.55 -40.45 -1.89
CA ALA H 63 19.80 -39.53 -2.73
C ALA H 63 18.72 -40.26 -3.57
N ASN H 64 19.09 -41.36 -4.22
CA ASN H 64 18.10 -42.12 -4.99
C ASN H 64 16.98 -42.66 -4.12
N ARG H 65 17.34 -43.12 -2.92
CA ARG H 65 16.37 -43.64 -1.98
C ARG H 65 15.39 -42.52 -1.61
N ALA H 66 15.96 -41.38 -1.21
CA ALA H 66 15.19 -40.25 -0.81
C ALA H 66 14.30 -39.77 -1.98
N TYR H 67 14.88 -39.69 -3.15
CA TYR H 67 14.12 -39.23 -4.30
C TYR H 67 12.97 -40.17 -4.68
N ARG H 68 13.21 -41.48 -4.64
CA ARG H 68 12.18 -42.42 -5.03
C ARG H 68 11.00 -42.36 -4.09
N VAL H 69 11.27 -42.33 -2.78
CA VAL H 69 10.21 -42.22 -1.78
C VAL H 69 9.41 -40.93 -2.02
N MET H 70 10.12 -39.81 -2.21
CA MET H 70 9.47 -38.57 -2.61
C MET H 70 8.57 -38.74 -3.81
N LYS H 71 9.07 -39.40 -4.86
CA LYS H 71 8.27 -39.65 -6.10
C LYS H 71 7.00 -40.44 -5.79
N VAL H 72 7.14 -41.46 -4.94
CA VAL H 72 6.00 -42.24 -4.55
C VAL H 72 4.99 -41.38 -3.77
N LEU H 73 5.46 -40.55 -2.83
CA LEU H 73 4.58 -39.70 -2.04
C LEU H 73 3.75 -38.79 -2.93
N ILE H 74 4.36 -38.28 -4.00
CA ILE H 74 3.68 -37.48 -5.03
C ILE H 74 2.64 -38.29 -5.84
N GLN H 75 2.99 -39.51 -6.26
CA GLN H 75 2.02 -40.44 -6.86
C GLN H 75 0.78 -40.68 -5.98
N TYR H 76 0.97 -40.78 -4.66
CA TYR H 76 -0.17 -40.89 -3.76
C TYR H 76 -0.80 -39.53 -3.38
N GLY H 77 -0.39 -38.48 -4.09
CA GLY H 77 -1.13 -37.22 -3.99
C GLY H 77 -0.58 -36.10 -3.10
N VAL H 78 0.59 -36.30 -2.50
CA VAL H 78 1.23 -35.16 -1.82
C VAL H 78 1.67 -34.13 -2.87
N ASN H 79 1.34 -32.88 -2.56
CA ASN H 79 1.73 -31.74 -3.36
C ASN H 79 3.25 -31.53 -3.51
N PRO H 80 3.77 -31.55 -4.75
CA PRO H 80 5.22 -31.32 -4.87
C PRO H 80 5.74 -30.04 -4.18
N ASN H 81 4.90 -29.00 -4.11
CA ASN H 81 5.27 -27.77 -3.41
C ASN H 81 5.56 -27.97 -1.89
N GLN H 82 5.10 -29.07 -1.30
CA GLN H 82 5.41 -29.28 0.10
C GLN H 82 6.64 -30.17 0.32
N LEU H 83 7.30 -30.57 -0.75
CA LEU H 83 8.33 -31.63 -0.67
C LEU H 83 9.71 -31.25 -1.09
N SER H 84 10.68 -31.96 -0.53
CA SER H 84 12.08 -31.89 -0.99
C SER H 84 12.73 -33.15 -0.55
N PHE H 85 13.91 -33.45 -1.11
CA PHE H 85 14.66 -34.61 -0.69
C PHE H 85 16.12 -34.30 -0.33
N SER H 86 16.67 -35.04 0.61
CA SER H 86 18.04 -34.77 0.99
C SER H 86 18.86 -36.04 1.12
N SER H 87 20.14 -36.01 0.75
CA SER H 87 20.97 -37.16 0.97
C SER H 87 21.97 -36.97 2.10
N TYR H 88 21.93 -37.90 3.06
CA TYR H 88 22.87 -37.93 4.16
C TYR H 88 23.98 -38.98 4.02
N GLY H 89 23.91 -39.77 2.94
CA GLY H 89 24.85 -40.87 2.71
C GLY H 89 24.89 -41.72 3.95
N SER H 90 26.09 -42.08 4.37
CA SER H 90 26.24 -42.92 5.56
C SER H 90 26.45 -42.16 6.86
N THR H 91 26.27 -40.85 6.87
CA THR H 91 26.36 -40.09 8.12
C THR H 91 25.06 -40.28 8.90
N ASN H 92 25.11 -40.02 10.22
CA ASN H 92 23.91 -40.06 11.06
C ASN H 92 23.25 -41.42 11.16
N PRO H 93 24.04 -42.48 11.28
CA PRO H 93 23.33 -43.72 11.39
C PRO H 93 22.55 -43.83 12.70
N ILE H 94 21.48 -44.65 12.67
CA ILE H 94 20.62 -44.98 13.83
C ILE H 94 21.30 -45.93 14.77
N ALA H 95 21.99 -46.93 14.21
CA ALA H 95 22.51 -48.08 14.97
C ALA H 95 23.97 -48.29 14.61
N PRO H 96 24.76 -48.92 15.49
CA PRO H 96 26.14 -49.20 15.07
C PRO H 96 26.17 -49.95 13.74
N ASN H 97 27.26 -49.84 12.98
CA ASN H 97 27.41 -50.64 11.77
C ASN H 97 28.17 -51.95 12.00
N ASP H 98 27.72 -52.77 12.96
CA ASP H 98 28.44 -53.99 13.38
C ASP H 98 27.74 -55.36 13.12
N SER H 99 26.73 -55.40 12.26
CA SER H 99 25.99 -56.64 12.01
C SER H 99 24.81 -56.37 11.09
N LEU H 100 24.58 -57.28 10.14
CA LEU H 100 23.40 -57.33 9.31
C LEU H 100 22.19 -56.64 9.94
N GLU H 101 21.68 -57.13 11.07
CA GLU H 101 20.52 -56.50 11.71
C GLU H 101 20.72 -55.00 11.89
N ASN H 102 21.85 -54.64 12.50
CA ASN H 102 22.17 -53.25 12.77
C ASN H 102 22.40 -52.41 11.52
N ARG H 103 23.29 -52.83 10.63
CA ARG H 103 23.47 -52.13 9.33
C ARG H 103 22.15 -51.90 8.58
N MET H 104 21.28 -52.89 8.56
CA MET H 104 19.96 -52.74 7.96
C MET H 104 19.14 -51.62 8.58
N LYS H 105 19.19 -51.40 9.90
CA LYS H 105 18.47 -50.25 10.50
C LYS H 105 18.85 -48.94 9.79
N ASN H 106 20.09 -48.87 9.30
CA ASN H 106 20.64 -47.63 8.75
C ASN H 106 20.25 -47.37 7.29
N ASN H 107 19.87 -48.41 6.54
CA ASN H 107 19.42 -48.27 5.17
C ASN H 107 17.95 -47.83 5.12
N ARG H 108 17.75 -46.52 5.22
CA ARG H 108 16.41 -46.03 5.46
C ARG H 108 16.17 -44.65 4.94
N VAL H 109 14.90 -44.30 4.88
CA VAL H 109 14.49 -42.94 4.58
C VAL H 109 13.63 -42.48 5.72
N GLU H 110 13.84 -41.23 6.12
CA GLU H 110 13.15 -40.65 7.25
C GLU H 110 12.38 -39.44 6.76
N ILE H 111 11.21 -39.19 7.32
CA ILE H 111 10.58 -37.94 6.98
C ILE H 111 10.64 -36.90 8.10
N PHE H 112 11.13 -35.72 7.76
CA PHE H 112 11.05 -34.59 8.68
C PHE H 112 9.96 -33.56 8.36
N PHE H 113 9.23 -33.15 9.38
CA PHE H 113 8.20 -32.11 9.22
C PHE H 113 8.79 -30.75 9.48
N SER H 114 8.43 -29.79 8.66
CA SER H 114 8.81 -28.44 8.91
C SER H 114 7.51 -27.61 9.21
N THR H 115 7.36 -27.17 10.46
CA THR H 115 6.11 -26.67 10.99
C THR H 115 6.40 -25.52 11.94
N ASP H 116 5.48 -24.56 12.06
CA ASP H 116 5.57 -23.60 13.13
C ASP H 116 5.00 -24.18 14.43
N ALA H 117 5.20 -23.46 15.53
CA ALA H 117 4.80 -23.93 16.85
C ALA H 117 3.28 -24.22 16.99
N ASN H 118 2.47 -23.56 16.16
CA ASN H 118 1.01 -23.70 16.22
C ASN H 118 0.46 -24.84 15.37
N ASP H 119 1.16 -25.17 14.30
CA ASP H 119 0.76 -26.23 13.42
C ASP H 119 1.29 -27.55 13.95
N LEU H 120 2.30 -27.46 14.81
CA LEU H 120 2.93 -28.64 15.40
C LEU H 120 1.94 -29.47 16.24
N SER H 121 1.01 -28.81 16.91
CA SER H 121 0.00 -29.55 17.64
C SER H 121 -0.96 -30.27 16.70
N LYS H 122 -1.38 -29.61 15.63
CA LYS H 122 -2.23 -30.24 14.61
C LYS H 122 -1.63 -31.54 14.07
N ILE H 123 -0.36 -31.49 13.70
CA ILE H 123 0.37 -32.66 13.23
C ILE H 123 0.31 -33.74 14.30
N HIS H 124 0.55 -33.35 15.55
CA HIS H 124 0.51 -34.31 16.67
C HIS H 124 -0.84 -35.02 16.81
N SER H 125 -1.94 -34.28 16.77
CA SER H 125 -3.30 -34.86 16.84
C SER H 125 -3.54 -35.89 15.76
N ILE H 126 -3.02 -35.60 14.56
CA ILE H 126 -3.22 -36.42 13.38
C ILE H 126 -2.31 -37.65 13.39
N LEU H 127 -1.10 -37.50 13.95
CA LEU H 127 -0.19 -38.63 14.13
C LEU H 127 -0.74 -39.54 15.24
N ASP H 128 -0.99 -38.95 16.40
CA ASP H 128 -1.60 -39.65 17.52
C ASP H 128 -3.10 -39.78 17.27
N ASN H 129 -3.45 -40.58 16.27
CA ASN H 129 -4.85 -40.96 15.98
C ASN H 129 -4.92 -41.93 14.81
N GLU H 130 -4.05 -41.74 13.82
CA GLU H 130 -3.89 -42.70 12.76
C GLU H 130 -2.88 -43.80 13.15
N PHE H 131 -2.18 -43.62 14.28
CA PHE H 131 -1.28 -44.66 14.82
C PHE H 131 -1.65 -45.18 16.22
N ASN H 132 -2.73 -44.64 16.80
CA ASN H 132 -3.27 -45.09 18.09
C ASN H 132 -4.73 -45.50 17.97
N GLY I 1 -16.85 20.77 -11.93
CA GLY I 1 -15.59 21.15 -12.62
C GLY I 1 -15.20 20.22 -13.75
N ILE I 2 -13.93 20.30 -14.17
CA ILE I 2 -13.40 19.48 -15.28
C ILE I 2 -12.63 18.28 -14.73
N ASP I 3 -12.91 17.10 -15.27
CA ASP I 3 -12.28 15.87 -14.83
C ASP I 3 -10.89 15.62 -15.44
N PRO I 4 -9.96 15.05 -14.63
CA PRO I 4 -8.61 14.67 -15.06
C PRO I 4 -8.68 13.53 -16.05
N PHE I 5 -7.54 13.00 -16.48
CA PHE I 5 -7.55 11.78 -17.30
C PHE I 5 -7.20 10.62 -16.39
N THR I 6 -8.18 9.75 -16.14
CA THR I 6 -8.01 8.68 -15.15
C THR I 6 -7.67 7.37 -15.84
N PHE I 7 -6.61 6.71 -15.38
CA PHE I 7 -6.10 5.52 -16.06
C PHE I 7 -6.77 4.25 -15.56
N GLU I 8 -6.82 3.23 -16.43
CA GLU I 8 -7.39 1.93 -16.06
C GLU I 8 -6.66 1.29 -14.87
N ASN I 9 -5.82 0.28 -15.14
CA ASN I 9 -5.08 -0.40 -14.07
C ASN I 9 -4.00 0.50 -13.46
N ALA I 10 -3.90 0.44 -12.12
CA ALA I 10 -2.95 1.22 -11.32
C ALA I 10 -1.49 1.34 -11.85
N THR I 11 -1.02 0.39 -12.68
CA THR I 11 0.39 0.45 -13.16
C THR I 11 0.60 0.73 -14.67
N SER I 12 -0.49 1.16 -15.33
CA SER I 12 -0.47 1.33 -16.78
C SER I 12 -0.42 2.78 -17.25
N ASP I 13 0.14 2.97 -18.44
CA ASP I 13 0.10 4.25 -19.11
C ASP I 13 -0.76 4.16 -20.36
N ALA I 14 -1.50 3.07 -20.49
CA ALA I 14 -2.32 2.85 -21.69
C ALA I 14 -3.49 3.83 -21.76
N ILE I 15 -3.69 4.38 -22.95
CA ILE I 15 -4.84 5.24 -23.24
C ILE I 15 -5.76 4.50 -24.20
N ASN I 16 -7.04 4.42 -23.86
CA ASN I 16 -8.01 3.69 -24.66
C ASN I 16 -9.17 4.55 -25.14
N GLN I 17 -10.05 3.94 -25.93
CA GLN I 17 -11.14 4.65 -26.62
C GLN I 17 -11.66 5.88 -25.86
N ASP I 18 -12.22 5.68 -24.68
CA ASP I 18 -12.87 6.78 -23.97
C ASP I 18 -11.91 7.85 -23.46
N MET I 19 -10.69 7.42 -23.11
CA MET I 19 -9.63 8.36 -22.74
C MET I 19 -9.19 9.15 -23.97
N MET I 20 -9.06 8.48 -25.11
CA MET I 20 -8.63 9.11 -26.38
C MET I 20 -9.59 10.22 -26.82
N LEU I 21 -10.89 9.97 -26.67
CA LEU I 21 -11.91 10.96 -27.06
C LEU I 21 -11.94 12.16 -26.12
N TYR I 22 -11.72 11.92 -24.83
CA TYR I 22 -11.73 13.00 -23.86
C TYR I 22 -10.52 13.90 -24.00
N ILE I 23 -9.36 13.31 -24.31
CA ILE I 23 -8.16 14.09 -24.64
C ILE I 23 -8.41 14.89 -25.91
N GLU I 24 -9.13 14.28 -26.85
CA GLU I 24 -9.46 14.92 -28.12
C GLU I 24 -10.33 16.16 -27.95
N ARG I 25 -11.24 16.14 -26.98
CA ARG I 25 -12.02 17.33 -26.62
C ARG I 25 -11.13 18.43 -26.02
N ILE I 26 -10.36 18.07 -24.99
CA ILE I 26 -9.41 18.99 -24.36
C ILE I 26 -8.55 19.68 -25.41
N ALA I 27 -8.12 18.91 -26.39
CA ALA I 27 -7.30 19.39 -27.49
C ALA I 27 -7.99 20.48 -28.29
N LYS I 28 -9.29 20.28 -28.54
CA LYS I 28 -10.10 21.26 -29.28
C LYS I 28 -10.23 22.54 -28.44
N ILE I 29 -10.48 22.38 -27.15
CA ILE I 29 -10.54 23.53 -26.25
C ILE I 29 -9.25 24.33 -26.26
N ILE I 30 -8.10 23.66 -26.07
CA ILE I 30 -6.80 24.33 -26.06
C ILE I 30 -6.54 25.28 -27.24
N GLN I 31 -7.01 24.89 -28.42
CA GLN I 31 -6.81 25.71 -29.62
C GLN I 31 -7.70 26.96 -29.72
N LYS I 32 -8.77 27.04 -28.93
CA LYS I 32 -9.55 28.27 -28.81
C LYS I 32 -8.97 29.23 -27.77
N LEU I 33 -8.02 28.73 -26.97
CA LEU I 33 -7.35 29.50 -25.92
C LEU I 33 -6.30 30.45 -26.48
N PRO I 34 -6.10 31.62 -25.85
CA PRO I 34 -5.10 32.57 -26.33
C PRO I 34 -3.69 31.97 -26.41
N LYS I 35 -2.91 32.46 -27.36
CA LYS I 35 -1.58 31.97 -27.71
C LYS I 35 -0.61 32.03 -26.52
N ARG I 36 -0.63 33.16 -25.82
CA ARG I 36 0.14 33.39 -24.59
C ARG I 36 -0.22 32.46 -23.40
N VAL I 37 -1.20 31.57 -23.55
CA VAL I 37 -1.49 30.57 -22.52
C VAL I 37 -0.79 29.26 -22.84
N HIS I 38 -0.11 28.67 -21.85
CA HIS I 38 0.55 27.39 -22.02
C HIS I 38 -0.06 26.29 -21.14
N ILE I 39 0.18 25.04 -21.52
CA ILE I 39 -0.42 23.86 -20.95
C ILE I 39 0.69 22.93 -20.43
N ASN I 40 0.65 22.63 -19.14
CA ASN I 40 1.58 21.71 -18.51
C ASN I 40 0.77 20.46 -18.21
N VAL I 41 1.27 19.31 -18.66
CA VAL I 41 0.54 18.03 -18.59
C VAL I 41 1.24 17.21 -17.52
N ARG I 42 0.57 16.92 -16.41
CA ARG I 42 1.28 16.32 -15.29
C ARG I 42 0.73 14.98 -14.81
N GLY I 43 1.66 14.06 -14.57
CA GLY I 43 1.34 12.67 -14.28
C GLY I 43 1.48 12.35 -12.79
N PHE I 44 0.58 11.49 -12.33
CA PHE I 44 0.54 11.02 -10.95
C PHE I 44 0.27 9.53 -10.99
N THR I 45 0.72 8.87 -9.93
CA THR I 45 0.45 7.46 -9.71
C THR I 45 -0.13 7.35 -8.31
N ASP I 46 -0.40 6.13 -7.88
CA ASP I 46 -0.61 5.85 -6.47
C ASP I 46 0.64 5.13 -5.91
N ASP I 47 0.46 4.33 -4.84
CA ASP I 47 1.55 3.60 -4.19
C ASP I 47 1.72 2.12 -4.56
N THR I 48 0.92 1.59 -5.48
CA THR I 48 1.04 0.15 -5.71
C THR I 48 2.45 -0.21 -6.20
N PRO I 49 3.10 -1.21 -5.55
CA PRO I 49 4.32 -1.88 -6.01
C PRO I 49 4.44 -2.03 -7.54
N LEU I 50 5.69 -1.55 -8.04
CA LEU I 50 5.91 -1.49 -9.48
C LEU I 50 6.62 -2.73 -10.09
N VAL I 51 6.94 -3.69 -9.19
CA VAL I 51 7.46 -4.97 -9.66
C VAL I 51 6.48 -5.56 -10.73
N LYS I 52 7.04 -6.49 -11.57
CA LYS I 52 6.32 -7.09 -12.71
C LYS I 52 5.89 -6.09 -13.82
N THR I 53 6.43 -4.87 -13.80
CA THR I 53 6.33 -3.95 -14.95
C THR I 53 7.70 -3.39 -15.35
N ARG I 54 7.77 -2.70 -16.49
CA ARG I 54 9.04 -2.16 -16.99
C ARG I 54 9.59 -1.03 -16.12
N PHE I 55 8.69 -0.37 -15.41
CA PHE I 55 8.99 0.85 -14.65
C PHE I 55 9.83 0.62 -13.39
N LYS I 56 10.86 1.46 -13.17
CA LYS I 56 11.76 1.35 -12.01
C LYS I 56 11.43 2.36 -10.91
N SER I 57 10.42 3.20 -11.15
CA SER I 57 9.85 4.07 -10.11
C SER I 57 8.48 4.59 -10.56
N HIS I 58 7.72 5.15 -9.62
CA HIS I 58 6.43 5.78 -9.94
C HIS I 58 6.66 7.05 -10.74
N TYR I 59 7.82 7.67 -10.56
CA TYR I 59 8.20 8.77 -11.42
C TYR I 59 8.17 8.33 -12.90
N GLU I 60 8.80 7.21 -13.23
CA GLU I 60 8.78 6.70 -14.59
C GLU I 60 7.36 6.52 -15.15
N LEU I 61 6.49 5.87 -14.40
CA LEU I 61 5.12 5.67 -14.85
C LEU I 61 4.36 6.98 -15.07
N ALA I 62 4.40 7.85 -14.06
CA ALA I 62 3.76 9.16 -14.14
C ALA I 62 4.32 10.00 -15.31
N ALA I 63 5.60 9.85 -15.62
CA ALA I 63 6.17 10.63 -16.69
C ALA I 63 5.65 10.13 -18.06
N ASN I 64 5.59 8.82 -18.22
CA ASN I 64 5.05 8.20 -19.42
C ASN I 64 3.62 8.55 -19.67
N ARG I 65 2.81 8.46 -18.62
CA ARG I 65 1.41 8.86 -18.66
C ARG I 65 1.27 10.29 -19.19
N ALA I 66 1.95 11.25 -18.54
CA ALA I 66 1.95 12.64 -18.99
C ALA I 66 2.52 12.83 -20.41
N TYR I 67 3.62 12.15 -20.72
CA TYR I 67 4.20 12.22 -22.06
C TYR I 67 3.26 11.68 -23.15
N ARG I 68 2.65 10.52 -22.90
CA ARG I 68 1.67 9.95 -23.81
C ARG I 68 0.47 10.90 -24.04
N VAL I 69 -0.13 11.40 -22.97
CA VAL I 69 -1.24 12.36 -23.08
C VAL I 69 -0.78 13.64 -23.80
N MET I 70 0.41 14.13 -23.46
CA MET I 70 0.99 15.22 -24.25
C MET I 70 1.08 14.88 -25.75
N LYS I 71 1.59 13.69 -26.07
CA LYS I 71 1.79 13.29 -27.47
C LYS I 71 0.46 13.19 -28.18
N VAL I 72 -0.53 12.72 -27.46
CA VAL I 72 -1.89 12.62 -27.97
C VAL I 72 -2.47 14.03 -28.18
N LEU I 73 -2.28 14.93 -27.22
CA LEU I 73 -2.65 16.34 -27.43
C LEU I 73 -2.03 16.91 -28.72
N ILE I 74 -0.72 16.72 -28.93
CA ILE I 74 -0.08 17.12 -30.18
C ILE I 74 -0.66 16.41 -31.43
N GLN I 75 -0.86 15.09 -31.36
CA GLN I 75 -1.46 14.34 -32.47
C GLN I 75 -2.79 15.00 -32.91
N TYR I 76 -3.59 15.45 -31.95
CA TYR I 76 -4.88 16.10 -32.22
C TYR I 76 -4.84 17.64 -32.44
N GLY I 77 -3.66 18.22 -32.61
CA GLY I 77 -3.55 19.60 -33.11
C GLY I 77 -3.04 20.72 -32.20
N VAL I 78 -2.73 20.39 -30.94
CA VAL I 78 -2.20 21.39 -29.99
C VAL I 78 -0.71 21.66 -30.30
N ASN I 79 -0.37 22.89 -30.65
CA ASN I 79 1.02 23.17 -30.98
C ASN I 79 1.97 22.86 -29.82
N PRO I 80 3.01 22.03 -30.10
CA PRO I 80 4.06 21.66 -29.14
C PRO I 80 4.73 22.84 -28.44
N ASN I 81 4.76 23.99 -29.08
CA ASN I 81 5.24 25.19 -28.39
C ASN I 81 4.48 25.56 -27.10
N GLN I 82 3.22 25.12 -26.98
CA GLN I 82 2.41 25.43 -25.79
C GLN I 82 2.43 24.33 -24.77
N LEU I 83 3.18 23.27 -25.04
CA LEU I 83 3.09 22.06 -24.25
C LEU I 83 4.35 21.75 -23.50
N SER I 84 4.17 21.14 -22.34
CA SER I 84 5.26 20.56 -21.55
C SER I 84 4.64 19.47 -20.71
N PHE I 85 5.47 18.64 -20.09
CA PHE I 85 4.98 17.56 -19.29
C PHE I 85 5.88 17.38 -18.08
N SER I 86 5.31 16.86 -17.00
CA SER I 86 6.01 16.72 -15.71
C SER I 86 5.50 15.53 -14.95
N SER I 87 6.37 14.92 -14.17
CA SER I 87 6.01 13.76 -13.40
C SER I 87 6.04 14.06 -11.92
N TYR I 88 5.01 13.64 -11.21
CA TYR I 88 4.98 13.84 -9.77
C TYR I 88 5.09 12.51 -9.02
N GLY I 89 5.36 11.44 -9.75
CA GLY I 89 5.50 10.11 -9.15
C GLY I 89 4.31 9.83 -8.26
N SER I 90 4.58 9.29 -7.07
CA SER I 90 3.52 8.90 -6.14
C SER I 90 3.16 10.00 -5.15
N THR I 91 3.54 11.26 -5.45
CA THR I 91 3.32 12.40 -4.54
C THR I 91 2.07 13.20 -4.90
N ASN I 92 1.71 14.16 -4.04
CA ASN I 92 0.47 14.94 -4.19
C ASN I 92 -0.82 14.17 -4.56
N PRO I 93 -1.18 13.09 -3.81
CA PRO I 93 -2.38 12.32 -4.17
C PRO I 93 -3.68 13.14 -4.06
N ILE I 94 -4.66 12.80 -4.89
CA ILE I 94 -5.90 13.58 -4.93
C ILE I 94 -6.98 12.93 -4.06
N ALA I 95 -6.72 11.69 -3.62
CA ALA I 95 -7.61 10.99 -2.70
C ALA I 95 -6.78 10.05 -1.78
N PRO I 96 -7.42 9.58 -0.67
CA PRO I 96 -6.83 8.49 0.14
C PRO I 96 -6.22 7.35 -0.70
N ASN I 97 -5.17 6.69 -0.04
CA ASN I 97 -4.53 5.51 -0.57
C ASN I 97 -4.86 4.33 0.37
N ASP I 98 -6.04 3.73 0.17
CA ASP I 98 -6.63 2.82 1.16
C ASP I 98 -7.54 1.74 0.53
N SER I 99 -8.52 2.22 -0.28
CA SER I 99 -9.42 1.33 -0.99
C SER I 99 -9.06 1.35 -2.45
N LEU I 100 -9.41 0.29 -3.17
CA LEU I 100 -9.24 0.22 -4.62
C LEU I 100 -9.81 1.47 -5.31
N GLU I 101 -11.10 1.73 -5.06
CA GLU I 101 -11.86 2.83 -5.69
C GLU I 101 -11.12 4.16 -5.67
N ASN I 102 -10.61 4.53 -4.49
CA ASN I 102 -9.88 5.78 -4.30
C ASN I 102 -8.48 5.80 -4.90
N ARG I 103 -7.68 4.77 -4.61
CA ARG I 103 -6.29 4.68 -5.09
C ARG I 103 -6.16 4.97 -6.59
N MET I 104 -6.85 4.17 -7.38
CA MET I 104 -6.85 4.29 -8.84
C MET I 104 -7.13 5.71 -9.30
N LYS I 105 -7.98 6.43 -8.58
CA LYS I 105 -8.22 7.85 -8.87
C LYS I 105 -6.95 8.70 -8.81
N ASN I 106 -5.97 8.26 -8.01
CA ASN I 106 -4.64 8.93 -7.95
C ASN I 106 -3.78 8.58 -9.17
N ASN I 107 -4.22 7.58 -9.95
CA ASN I 107 -3.55 7.25 -11.20
C ASN I 107 -4.13 8.06 -12.37
N ARG I 108 -3.53 9.23 -12.60
CA ARG I 108 -4.15 10.24 -13.45
C ARG I 108 -3.19 11.25 -14.05
N VAL I 109 -3.60 11.81 -15.18
CA VAL I 109 -2.94 12.97 -15.76
C VAL I 109 -3.85 14.20 -15.59
N GLU I 110 -3.25 15.29 -15.09
CA GLU I 110 -3.92 16.57 -14.85
C GLU I 110 -3.41 17.70 -15.81
N ILE I 111 -4.32 18.52 -16.30
CA ILE I 111 -3.99 19.62 -17.22
C ILE I 111 -3.88 20.91 -16.44
N PHE I 112 -2.72 21.55 -16.48
CA PHE I 112 -2.59 22.82 -15.78
C PHE I 112 -2.43 23.97 -16.77
N PHE I 113 -3.24 25.01 -16.58
CA PHE I 113 -3.16 26.18 -17.44
C PHE I 113 -2.20 27.17 -16.81
N SER I 114 -1.51 27.90 -17.68
CA SER I 114 -0.46 28.83 -17.33
C SER I 114 -0.86 30.13 -18.02
N THR I 115 -1.34 31.08 -17.23
CA THR I 115 -2.09 32.19 -17.79
C THR I 115 -1.96 33.49 -17.03
N ASP I 116 -2.05 34.60 -17.74
CA ASP I 116 -2.12 35.84 -17.04
C ASP I 116 -3.58 36.13 -16.62
N ALA I 117 -3.79 37.25 -15.96
CA ALA I 117 -5.03 37.53 -15.30
C ALA I 117 -6.15 37.84 -16.29
N ASN I 118 -5.81 38.58 -17.35
CA ASN I 118 -6.77 38.92 -18.38
C ASN I 118 -7.17 37.70 -19.22
N ASP I 119 -6.19 36.90 -19.63
CA ASP I 119 -6.48 35.67 -20.39
C ASP I 119 -7.23 34.62 -19.56
N LEU I 120 -7.08 34.69 -18.24
CA LEU I 120 -7.74 33.75 -17.35
C LEU I 120 -9.27 33.78 -17.53
N SER I 121 -9.86 34.98 -17.54
CA SER I 121 -11.30 35.15 -17.80
C SER I 121 -11.78 34.50 -19.11
N LYS I 122 -10.96 34.58 -20.16
CA LYS I 122 -11.28 33.97 -21.45
C LYS I 122 -11.28 32.44 -21.40
N ILE I 123 -10.33 31.85 -20.68
CA ILE I 123 -10.28 30.39 -20.48
C ILE I 123 -11.47 29.97 -19.61
N HIS I 124 -11.79 30.80 -18.63
CA HIS I 124 -12.94 30.58 -17.77
C HIS I 124 -14.25 30.60 -18.58
N SER I 125 -14.34 31.53 -19.54
CA SER I 125 -15.53 31.64 -20.39
C SER I 125 -15.63 30.50 -21.40
N ILE I 126 -14.49 30.11 -21.97
CA ILE I 126 -14.48 29.06 -22.98
C ILE I 126 -14.79 27.69 -22.36
N LEU I 127 -14.08 27.35 -21.29
CA LEU I 127 -14.38 26.15 -20.53
C LEU I 127 -15.85 26.09 -20.12
N ASP I 128 -16.35 27.18 -19.56
CA ASP I 128 -17.75 27.24 -19.12
C ASP I 128 -18.71 26.99 -20.27
N ASN I 129 -18.38 27.54 -21.43
CA ASN I 129 -19.16 27.28 -22.64
C ASN I 129 -19.06 25.83 -23.12
N GLU I 130 -17.87 25.25 -22.98
CA GLU I 130 -17.63 23.87 -23.36
C GLU I 130 -18.34 22.91 -22.42
N PHE I 131 -18.42 23.28 -21.14
CA PHE I 131 -18.94 22.37 -20.11
C PHE I 131 -20.24 22.84 -19.43
N ASN I 132 -21.20 23.30 -20.24
CA ASN I 132 -22.59 23.60 -19.79
C ASN I 132 -23.51 23.93 -20.98
N GLY J 1 33.44 19.60 -29.01
CA GLY J 1 33.64 18.28 -29.66
C GLY J 1 32.37 17.45 -29.78
N ILE J 2 31.34 17.85 -29.02
CA ILE J 2 30.02 17.23 -29.09
C ILE J 2 29.12 18.24 -29.82
N ASP J 3 28.62 17.84 -30.97
CA ASP J 3 27.96 18.77 -31.88
C ASP J 3 26.48 18.84 -31.60
N PRO J 4 25.86 20.01 -31.82
CA PRO J 4 24.41 20.08 -31.77
C PRO J 4 23.82 19.33 -32.98
N PHE J 5 22.54 18.98 -32.90
CA PHE J 5 21.84 18.47 -34.08
C PHE J 5 21.43 19.65 -34.95
N THR J 6 22.20 19.86 -36.01
CA THR J 6 21.96 20.95 -36.94
C THR J 6 20.96 20.49 -37.99
N PHE J 7 20.00 21.34 -38.32
CA PHE J 7 19.02 21.01 -39.36
C PHE J 7 19.53 21.52 -40.71
N GLU J 8 19.23 20.78 -41.77
CA GLU J 8 19.87 20.99 -43.08
C GLU J 8 19.58 22.37 -43.68
N ASN J 9 18.38 22.89 -43.40
CA ASN J 9 17.94 24.19 -43.91
C ASN J 9 17.19 25.01 -42.86
N ALA J 10 16.85 26.24 -43.20
CA ALA J 10 16.23 27.20 -42.28
C ALA J 10 14.86 26.82 -41.73
N THR J 11 14.09 26.03 -42.46
CA THR J 11 12.68 25.81 -42.07
C THR J 11 12.29 24.37 -41.79
N SER J 12 13.17 23.41 -42.08
CA SER J 12 12.76 22.03 -41.85
C SER J 12 12.98 21.73 -40.39
N ASP J 13 12.05 20.96 -39.84
CA ASP J 13 12.22 20.32 -38.54
C ASP J 13 12.50 18.85 -38.82
N ALA J 14 12.95 18.56 -40.04
CA ALA J 14 13.14 17.20 -40.49
C ALA J 14 14.44 16.61 -39.95
N ILE J 15 14.34 15.37 -39.51
CA ILE J 15 15.49 14.63 -39.03
C ILE J 15 15.79 13.52 -40.04
N ASN J 16 17.03 13.50 -40.53
CA ASN J 16 17.48 12.52 -41.52
C ASN J 16 18.43 11.45 -40.96
N GLN J 17 18.78 10.46 -41.78
CA GLN J 17 19.59 9.30 -41.37
C GLN J 17 20.87 9.68 -40.62
N ASP J 18 21.65 10.63 -41.15
CA ASP J 18 22.84 11.13 -40.46
C ASP J 18 22.47 11.52 -39.04
N MET J 19 21.47 12.40 -38.92
CA MET J 19 21.05 12.91 -37.63
C MET J 19 20.32 11.85 -36.79
N MET J 20 19.54 10.99 -37.44
CA MET J 20 18.95 9.84 -36.78
C MET J 20 20.02 9.05 -36.02
N LEU J 21 21.10 8.70 -36.72
CA LEU J 21 22.21 7.94 -36.15
C LEU J 21 22.91 8.66 -34.98
N TYR J 22 23.11 9.97 -35.15
CA TYR J 22 23.80 10.78 -34.14
C TYR J 22 22.93 10.96 -32.87
N ILE J 23 21.62 11.13 -33.05
CA ILE J 23 20.69 11.17 -31.91
C ILE J 23 20.68 9.81 -31.20
N GLU J 24 20.86 8.73 -31.97
CA GLU J 24 20.94 7.38 -31.39
C GLU J 24 22.21 7.21 -30.53
N ARG J 25 23.33 7.72 -31.03
CA ARG J 25 24.62 7.68 -30.34
C ARG J 25 24.50 8.34 -28.95
N ILE J 26 23.84 9.50 -28.94
CA ILE J 26 23.58 10.27 -27.74
C ILE J 26 22.54 9.60 -26.84
N ALA J 27 21.51 9.03 -27.44
CA ALA J 27 20.51 8.31 -26.63
C ALA J 27 21.20 7.28 -25.74
N LYS J 28 22.15 6.55 -26.33
CA LYS J 28 22.95 5.53 -25.67
C LYS J 28 23.76 6.14 -24.52
N ILE J 29 24.40 7.27 -24.78
CA ILE J 29 25.14 7.97 -23.74
C ILE J 29 24.25 8.22 -22.55
N ILE J 30 23.09 8.81 -22.80
CA ILE J 30 22.17 9.22 -21.73
C ILE J 30 21.80 8.04 -20.81
N GLN J 31 21.55 6.88 -21.42
CA GLN J 31 21.23 5.66 -20.69
C GLN J 31 22.40 5.21 -19.81
N LYS J 32 23.57 5.83 -20.00
CA LYS J 32 24.79 5.47 -19.25
C LYS J 32 25.02 6.44 -18.09
N LEU J 33 24.26 7.53 -18.08
CA LEU J 33 24.38 8.56 -17.07
C LEU J 33 23.60 8.21 -15.78
N PRO J 34 24.08 8.69 -14.61
CA PRO J 34 23.42 8.37 -13.34
C PRO J 34 21.96 8.75 -13.43
N LYS J 35 21.10 8.05 -12.69
CA LYS J 35 19.66 8.23 -12.85
C LYS J 35 19.14 9.65 -12.53
N ARG J 36 19.87 10.39 -11.69
CA ARG J 36 19.46 11.73 -11.23
C ARG J 36 19.88 12.89 -12.13
N VAL J 37 20.48 12.59 -13.29
CA VAL J 37 20.80 13.61 -14.30
C VAL J 37 19.59 13.78 -15.21
N HIS J 38 19.19 15.01 -15.45
CA HIS J 38 18.12 15.23 -16.41
C HIS J 38 18.61 15.86 -17.70
N ILE J 39 17.86 15.63 -18.77
CA ILE J 39 18.22 16.09 -20.09
C ILE J 39 17.14 17.06 -20.58
N ASN J 40 17.54 18.30 -20.83
CA ASN J 40 16.66 19.31 -21.44
C ASN J 40 17.00 19.43 -22.95
N VAL J 41 16.01 19.24 -23.82
CA VAL J 41 16.26 19.31 -25.28
C VAL J 41 15.86 20.69 -25.80
N ARG J 42 16.85 21.49 -26.24
CA ARG J 42 16.62 22.89 -26.57
C ARG J 42 16.63 23.12 -28.08
N GLY J 43 15.54 23.72 -28.58
CA GLY J 43 15.36 24.02 -30.00
C GLY J 43 15.62 25.49 -30.33
N PHE J 44 16.27 25.76 -31.47
CA PHE J 44 16.57 27.14 -31.85
C PHE J 44 16.42 27.35 -33.36
N THR J 45 16.36 28.62 -33.78
CA THR J 45 16.26 28.95 -35.22
C THR J 45 17.21 30.09 -35.51
N ASP J 46 17.52 30.30 -36.78
CA ASP J 46 18.11 31.57 -37.21
C ASP J 46 16.99 32.62 -37.24
N ASP J 47 17.22 33.76 -37.88
CA ASP J 47 16.16 34.77 -37.93
C ASP J 47 15.63 35.03 -39.34
N THR J 48 15.81 34.07 -40.24
CA THR J 48 15.26 34.20 -41.58
C THR J 48 13.75 34.13 -41.47
N PRO J 49 13.08 35.21 -41.93
CA PRO J 49 11.61 35.33 -41.86
C PRO J 49 10.97 34.07 -42.34
N LEU J 50 9.94 33.61 -41.63
CA LEU J 50 9.31 32.39 -42.05
C LEU J 50 8.45 32.69 -43.24
N VAL J 51 8.72 31.95 -44.31
CA VAL J 51 7.92 32.02 -45.51
C VAL J 51 7.49 30.59 -45.85
N LYS J 52 6.30 30.47 -46.44
CA LYS J 52 5.75 29.19 -46.89
C LYS J 52 6.14 27.96 -46.04
N THR J 53 5.76 27.99 -44.76
CA THR J 53 5.79 26.80 -43.92
C THR J 53 4.58 26.79 -42.99
N ARG J 54 4.27 25.62 -42.44
CA ARG J 54 3.25 25.47 -41.39
C ARG J 54 3.38 26.59 -40.34
N PHE J 55 4.59 26.70 -39.77
CA PHE J 55 4.89 27.52 -38.60
C PHE J 55 4.63 29.02 -38.74
N LYS J 56 3.92 29.55 -37.75
CA LYS J 56 3.59 30.96 -37.66
C LYS J 56 4.58 31.74 -36.77
N SER J 57 5.51 31.03 -36.12
CA SER J 57 6.59 31.67 -35.37
C SER J 57 7.90 30.85 -35.40
N HIS J 58 9.00 31.48 -35.04
CA HIS J 58 10.25 30.74 -34.78
C HIS J 58 10.17 29.87 -33.52
N TYR J 59 9.39 30.31 -32.55
CA TYR J 59 9.16 29.52 -31.36
C TYR J 59 8.53 28.17 -31.70
N GLU J 60 7.53 28.18 -32.60
CA GLU J 60 6.86 26.95 -33.00
C GLU J 60 7.79 26.08 -33.80
N LEU J 61 8.62 26.67 -34.62
CA LEU J 61 9.60 25.90 -35.39
C LEU J 61 10.60 25.26 -34.43
N ALA J 62 11.22 26.08 -33.56
CA ALA J 62 12.15 25.58 -32.56
C ALA J 62 11.53 24.50 -31.66
N ALA J 63 10.26 24.65 -31.33
CA ALA J 63 9.58 23.69 -30.47
C ALA J 63 9.41 22.35 -31.16
N ASN J 64 9.06 22.40 -32.46
CA ASN J 64 8.96 21.19 -33.26
C ASN J 64 10.27 20.44 -33.33
N ARG J 65 11.36 21.14 -33.66
CA ARG J 65 12.70 20.54 -33.67
C ARG J 65 13.06 19.83 -32.34
N ALA J 66 13.01 20.54 -31.22
CA ALA J 66 13.38 19.94 -29.94
C ALA J 66 12.44 18.81 -29.51
N TYR J 67 11.13 19.00 -29.64
CA TYR J 67 10.14 17.96 -29.35
C TYR J 67 10.37 16.72 -30.17
N ARG J 68 10.66 16.91 -31.45
CA ARG J 68 10.92 15.81 -32.35
C ARG J 68 12.19 15.06 -31.98
N VAL J 69 13.27 15.77 -31.69
CA VAL J 69 14.54 15.15 -31.27
C VAL J 69 14.29 14.36 -29.99
N MET J 70 13.47 14.94 -29.11
CA MET J 70 13.11 14.29 -27.85
C MET J 70 12.42 12.96 -28.09
N LYS J 71 11.47 12.94 -29.03
CA LYS J 71 10.81 11.70 -29.42
C LYS J 71 11.83 10.67 -29.80
N VAL J 72 12.80 11.04 -30.62
CA VAL J 72 13.75 10.06 -31.17
C VAL J 72 14.54 9.43 -30.02
N LEU J 73 14.99 10.27 -29.10
CA LEU J 73 15.66 9.82 -27.89
C LEU J 73 14.80 8.80 -27.12
N ILE J 74 13.52 9.11 -26.97
CA ILE J 74 12.59 8.22 -26.29
C ILE J 74 12.49 6.90 -27.05
N GLN J 75 12.43 7.00 -28.38
CA GLN J 75 12.41 5.82 -29.24
C GLN J 75 13.67 4.94 -29.14
N TYR J 76 14.77 5.49 -28.63
CA TYR J 76 15.97 4.67 -28.42
C TYR J 76 16.28 4.33 -26.95
N GLY J 77 15.27 4.45 -26.09
CA GLY J 77 15.37 3.98 -24.72
C GLY J 77 15.81 4.99 -23.67
N VAL J 78 15.68 6.28 -23.97
CA VAL J 78 15.85 7.29 -22.96
C VAL J 78 14.52 7.33 -22.20
N ASN J 79 14.59 7.23 -20.88
CA ASN J 79 13.39 7.30 -20.06
C ASN J 79 12.75 8.70 -20.14
N PRO J 80 11.43 8.78 -20.42
CA PRO J 80 10.73 10.07 -20.52
C PRO J 80 10.85 10.92 -19.27
N ASN J 81 10.99 10.26 -18.13
CA ASN J 81 11.15 10.97 -16.87
C ASN J 81 12.35 11.90 -16.83
N GLN J 82 13.38 11.60 -17.62
CA GLN J 82 14.61 12.40 -17.65
C GLN J 82 14.66 13.45 -18.77
N LEU J 83 13.54 13.57 -19.51
CA LEU J 83 13.49 14.49 -20.64
C LEU J 83 12.49 15.60 -20.47
N SER J 84 12.87 16.74 -21.05
CA SER J 84 12.00 17.88 -21.24
C SER J 84 12.42 18.54 -22.57
N PHE J 85 11.53 19.32 -23.18
CA PHE J 85 11.91 20.07 -24.37
C PHE J 85 11.57 21.55 -24.21
N SER J 86 12.42 22.43 -24.73
CA SER J 86 12.24 23.88 -24.65
C SER J 86 12.49 24.55 -26.01
N SER J 87 11.72 25.60 -26.29
CA SER J 87 11.88 26.34 -27.52
C SER J 87 12.47 27.69 -27.20
N TYR J 88 13.58 28.07 -27.86
CA TYR J 88 14.18 29.38 -27.71
C TYR J 88 13.94 30.23 -28.94
N GLY J 89 13.25 29.68 -29.94
CA GLY J 89 12.97 30.44 -31.16
C GLY J 89 14.27 30.93 -31.76
N SER J 90 14.32 32.21 -32.11
CA SER J 90 15.55 32.78 -32.71
C SER J 90 16.47 33.44 -31.70
N THR J 91 16.18 33.26 -30.40
CA THR J 91 17.00 33.86 -29.34
C THR J 91 18.28 33.03 -29.17
N ASN J 92 19.25 33.59 -28.45
CA ASN J 92 20.46 32.86 -28.08
C ASN J 92 21.20 32.15 -29.22
N PRO J 93 21.43 32.88 -30.32
CA PRO J 93 22.15 32.27 -31.42
C PRO J 93 23.62 31.99 -31.06
N ILE J 94 24.20 30.94 -31.61
CA ILE J 94 25.61 30.68 -31.40
C ILE J 94 26.52 31.47 -32.33
N ALA J 95 25.93 32.04 -33.37
CA ALA J 95 26.64 32.74 -34.43
C ALA J 95 25.78 33.89 -34.97
N PRO J 96 26.41 34.98 -35.45
CA PRO J 96 25.58 36.10 -35.93
C PRO J 96 24.77 35.74 -37.18
N ASN J 97 23.54 36.24 -37.28
CA ASN J 97 22.72 36.02 -38.46
C ASN J 97 23.09 37.00 -39.56
N ASP J 98 24.27 36.82 -40.14
CA ASP J 98 24.74 37.73 -41.17
C ASP J 98 25.11 37.03 -42.48
N SER J 99 25.21 35.72 -42.48
CA SER J 99 25.50 35.00 -43.73
C SER J 99 24.83 33.62 -43.69
N LEU J 100 24.80 32.94 -44.83
CA LEU J 100 24.17 31.63 -44.93
C LEU J 100 24.79 30.63 -43.98
N GLU J 101 26.11 30.48 -44.05
CA GLU J 101 26.81 29.52 -43.19
C GLU J 101 26.51 29.74 -41.71
N ASN J 102 26.60 31.00 -41.26
CA ASN J 102 26.28 31.38 -39.88
C ASN J 102 24.82 31.19 -39.48
N ARG J 103 23.90 31.77 -40.25
CA ARG J 103 22.46 31.51 -40.05
C ARG J 103 22.23 30.02 -39.86
N MET J 104 22.82 29.21 -40.73
CA MET J 104 22.57 27.79 -40.79
C MET J 104 23.14 27.09 -39.56
N LYS J 105 24.16 27.68 -38.94
CA LYS J 105 24.66 27.20 -37.64
C LYS J 105 23.58 27.34 -36.56
N ASN J 106 22.71 28.33 -36.71
CA ASN J 106 21.69 28.64 -35.70
C ASN J 106 20.47 27.74 -35.75
N ASN J 107 20.31 27.01 -36.86
CA ASN J 107 19.25 26.04 -36.93
C ASN J 107 19.64 24.74 -36.24
N ARG J 108 19.38 24.68 -34.93
CA ARG J 108 19.89 23.54 -34.17
C ARG J 108 19.10 23.17 -32.91
N VAL J 109 19.30 21.92 -32.49
CA VAL J 109 18.86 21.44 -31.16
C VAL J 109 20.09 21.17 -30.27
N GLU J 110 20.07 21.61 -29.03
CA GLU J 110 21.19 21.42 -28.11
C GLU J 110 20.74 20.60 -26.91
N ILE J 111 21.59 19.68 -26.46
CA ILE J 111 21.29 18.89 -25.29
C ILE J 111 21.84 19.60 -24.06
N PHE J 112 21.02 19.76 -23.03
CA PHE J 112 21.51 20.28 -21.77
C PHE J 112 21.36 19.21 -20.67
N PHE J 113 22.45 19.04 -19.93
CA PHE J 113 22.50 18.08 -18.81
C PHE J 113 22.24 18.86 -17.55
N SER J 114 21.45 18.30 -16.65
CA SER J 114 21.21 18.92 -15.37
C SER J 114 21.69 17.94 -14.31
N THR J 115 22.64 18.36 -13.48
CA THR J 115 23.46 17.43 -12.67
C THR J 115 24.06 18.09 -11.47
N ASP J 116 24.13 17.37 -10.36
CA ASP J 116 24.90 17.81 -9.22
C ASP J 116 26.41 17.76 -9.51
N ALA J 117 27.20 18.41 -8.67
CA ALA J 117 28.65 18.49 -8.91
C ALA J 117 29.34 17.13 -8.97
N ASN J 118 29.02 16.22 -8.05
CA ASN J 118 29.65 14.90 -8.07
C ASN J 118 29.33 14.11 -9.35
N ASP J 119 28.07 14.09 -9.77
CA ASP J 119 27.70 13.37 -10.99
C ASP J 119 28.28 13.95 -12.26
N LEU J 120 28.49 15.25 -12.26
CA LEU J 120 29.13 15.92 -13.38
C LEU J 120 30.39 15.16 -13.87
N SER J 121 31.21 14.68 -12.93
CA SER J 121 32.44 14.00 -13.32
C SER J 121 32.17 12.64 -13.99
N LYS J 122 31.17 11.92 -13.50
CA LYS J 122 30.76 10.66 -14.11
C LYS J 122 30.29 10.89 -15.54
N ILE J 123 29.55 11.97 -15.77
CA ILE J 123 29.11 12.30 -17.11
C ILE J 123 30.33 12.58 -17.96
N HIS J 124 31.27 13.35 -17.40
CA HIS J 124 32.50 13.77 -18.07
C HIS J 124 33.35 12.56 -18.54
N SER J 125 33.47 11.52 -17.72
CA SER J 125 34.22 10.34 -18.15
C SER J 125 33.49 9.54 -19.23
N ILE J 126 32.18 9.38 -19.08
CA ILE J 126 31.35 8.71 -20.09
C ILE J 126 31.39 9.43 -21.43
N LEU J 127 31.51 10.75 -21.40
CA LEU J 127 31.64 11.55 -22.60
C LEU J 127 33.02 11.40 -23.26
N ASP J 128 34.09 11.49 -22.47
CA ASP J 128 35.46 11.28 -22.95
C ASP J 128 35.67 9.90 -23.55
N ASN J 129 35.14 8.88 -22.88
CA ASN J 129 35.27 7.49 -23.38
C ASN J 129 34.45 7.21 -24.64
N GLU J 130 33.41 8.01 -24.89
CA GLU J 130 32.63 7.86 -26.11
C GLU J 130 33.14 8.73 -27.27
N PHE J 131 33.56 9.95 -26.95
CA PHE J 131 33.95 10.94 -27.95
C PHE J 131 35.45 11.21 -28.07
N ASN J 132 36.25 10.16 -28.25
CA ASN J 132 37.69 10.27 -28.57
C ASN J 132 38.22 8.99 -29.21
N GLY K 1 33.53 14.17 -2.67
CA GLY K 1 32.21 14.87 -2.73
C GLY K 1 32.28 16.37 -2.46
N ILE K 2 31.45 17.12 -3.17
CA ILE K 2 31.30 18.56 -2.92
C ILE K 2 30.06 18.79 -2.08
N ASP K 3 30.24 19.20 -0.83
CA ASP K 3 29.15 19.15 0.15
C ASP K 3 27.96 20.05 -0.12
N PRO K 4 26.78 19.52 0.19
CA PRO K 4 25.54 20.25 0.30
C PRO K 4 25.59 21.27 1.43
N PHE K 5 24.70 22.25 1.41
CA PHE K 5 24.59 23.18 2.51
C PHE K 5 23.62 22.52 3.48
N THR K 6 24.13 22.08 4.63
CA THR K 6 23.37 21.27 5.58
C THR K 6 22.92 22.07 6.79
N PHE K 7 21.59 22.17 6.95
CA PHE K 7 20.95 22.88 8.07
C PHE K 7 21.13 22.24 9.47
N GLU K 8 20.99 23.04 10.52
CA GLU K 8 21.28 22.63 11.89
C GLU K 8 20.26 21.64 12.48
N ASN K 9 18.98 21.92 12.29
CA ASN K 9 17.96 21.02 12.82
C ASN K 9 16.87 20.72 11.79
N ALA K 10 15.99 19.77 12.11
CA ALA K 10 14.94 19.35 11.19
C ALA K 10 14.02 20.47 10.70
N THR K 11 13.88 21.57 11.46
CA THR K 11 12.83 22.57 11.20
C THR K 11 13.37 23.98 10.90
N SER K 12 14.70 24.09 10.89
CA SER K 12 15.37 25.37 10.69
C SER K 12 15.63 25.68 9.21
N ASP K 13 15.38 26.93 8.84
CA ASP K 13 15.87 27.51 7.58
C ASP K 13 17.01 28.48 7.84
N ALA K 14 17.47 28.53 9.09
CA ALA K 14 18.55 29.43 9.45
C ALA K 14 19.84 28.98 8.81
N ILE K 15 20.69 29.97 8.55
CA ILE K 15 21.99 29.78 7.90
C ILE K 15 23.02 30.38 8.84
N ASN K 16 23.84 29.54 9.47
CA ASN K 16 24.78 30.08 10.46
C ASN K 16 26.05 30.61 9.78
N GLN K 17 26.93 31.23 10.55
CA GLN K 17 28.17 31.83 10.02
C GLN K 17 28.92 30.84 9.13
N ASP K 18 29.11 29.62 9.62
CA ASP K 18 29.77 28.58 8.85
C ASP K 18 29.20 28.36 7.46
N MET K 19 27.89 28.27 7.35
CA MET K 19 27.22 28.03 6.06
C MET K 19 27.27 29.27 5.16
N MET K 20 27.14 30.46 5.76
CA MET K 20 27.32 31.73 5.07
C MET K 20 28.64 31.78 4.31
N LEU K 21 29.75 31.46 5.00
CA LEU K 21 31.09 31.39 4.38
C LEU K 21 31.23 30.36 3.25
N TYR K 22 30.57 29.22 3.38
CA TYR K 22 30.67 28.17 2.35
C TYR K 22 29.89 28.58 1.10
N ILE K 23 28.67 29.09 1.32
CA ILE K 23 27.83 29.60 0.24
C ILE K 23 28.59 30.64 -0.60
N GLU K 24 29.24 31.60 0.08
CA GLU K 24 30.16 32.56 -0.56
C GLU K 24 31.27 31.90 -1.40
N ARG K 25 31.91 30.88 -0.84
CA ARG K 25 32.93 30.15 -1.56
C ARG K 25 32.30 29.50 -2.80
N ILE K 26 31.11 28.94 -2.65
CA ILE K 26 30.41 28.39 -3.81
C ILE K 26 29.95 29.47 -4.80
N ALA K 27 29.56 30.63 -4.29
CA ALA K 27 29.23 31.79 -5.14
C ALA K 27 30.41 32.27 -6.00
N LYS K 28 31.60 32.38 -5.42
CA LYS K 28 32.77 32.72 -6.22
C LYS K 28 32.99 31.65 -7.32
N ILE K 29 32.94 30.39 -6.95
CA ILE K 29 33.07 29.32 -7.94
C ILE K 29 32.09 29.51 -9.12
N ILE K 30 30.83 29.83 -8.82
CA ILE K 30 29.83 30.07 -9.87
C ILE K 30 30.19 31.24 -10.78
N GLN K 31 30.86 32.27 -10.23
CA GLN K 31 31.27 33.43 -11.03
C GLN K 31 32.20 33.07 -12.18
N LYS K 32 33.06 32.10 -11.92
CA LYS K 32 34.05 31.58 -12.86
C LYS K 32 33.50 30.71 -14.01
N LEU K 33 32.26 30.26 -13.88
CA LEU K 33 31.69 29.31 -14.85
C LEU K 33 31.23 30.04 -16.12
N PRO K 34 31.02 29.33 -17.24
CA PRO K 34 30.42 30.02 -18.39
C PRO K 34 29.00 30.47 -18.10
N LYS K 35 28.64 31.66 -18.60
CA LYS K 35 27.34 32.27 -18.28
C LYS K 35 26.17 31.55 -18.90
N ARG K 36 26.41 30.64 -19.83
CA ARG K 36 25.39 29.71 -20.29
C ARG K 36 25.06 28.59 -19.28
N VAL K 37 25.74 28.58 -18.13
CA VAL K 37 25.53 27.55 -17.14
C VAL K 37 24.54 28.11 -16.16
N HIS K 38 23.45 27.40 -15.96
CA HIS K 38 22.47 27.85 -14.96
C HIS K 38 22.50 27.01 -13.69
N ILE K 39 22.13 27.64 -12.58
CA ILE K 39 22.19 27.01 -11.27
C ILE K 39 20.81 26.89 -10.68
N ASN K 40 20.46 25.65 -10.34
CA ASN K 40 19.20 25.34 -9.69
C ASN K 40 19.51 24.98 -8.24
N VAL K 41 18.90 25.76 -7.36
CA VAL K 41 19.08 25.68 -5.92
C VAL K 41 17.97 24.81 -5.33
N ARG K 42 18.31 23.62 -4.89
CA ARG K 42 17.32 22.62 -4.50
C ARG K 42 17.27 22.39 -3.02
N GLY K 43 16.05 22.50 -2.48
CA GLY K 43 15.79 22.37 -1.04
C GLY K 43 15.16 21.02 -0.69
N PHE K 44 15.54 20.49 0.47
CA PHE K 44 15.16 19.17 0.91
C PHE K 44 14.96 19.16 2.42
N THR K 45 14.16 18.21 2.90
CA THR K 45 13.98 17.99 4.34
C THR K 45 14.15 16.51 4.64
N ASP K 46 14.40 16.17 5.91
CA ASP K 46 14.10 14.81 6.35
C ASP K 46 12.57 14.66 6.45
N ASP K 47 12.14 13.44 6.78
CA ASP K 47 10.71 13.11 7.02
C ASP K 47 10.23 13.33 8.46
N THR K 48 10.94 14.19 9.19
CA THR K 48 10.55 14.52 10.55
C THR K 48 9.22 15.27 10.67
N PRO K 49 8.27 14.67 11.42
CA PRO K 49 6.96 15.30 11.67
C PRO K 49 7.10 16.76 12.08
N LEU K 50 6.37 17.63 11.40
CA LEU K 50 6.43 19.03 11.69
C LEU K 50 5.60 19.39 12.93
N VAL K 51 6.32 19.70 14.00
CA VAL K 51 5.72 20.12 15.26
C VAL K 51 6.41 21.40 15.71
N LYS K 52 5.65 22.26 16.43
CA LYS K 52 6.18 23.51 16.99
C LYS K 52 7.02 24.23 15.95
N THR K 53 6.38 24.53 14.83
CA THR K 53 7.03 25.02 13.61
C THR K 53 5.98 25.82 12.84
N ARG K 54 6.38 26.88 12.14
CA ARG K 54 5.42 27.69 11.36
C ARG K 54 5.07 27.01 10.02
N PHE K 55 5.79 25.93 9.73
CA PHE K 55 5.59 25.16 8.52
C PHE K 55 4.60 24.03 8.73
N LYS K 56 3.75 23.83 7.72
CA LYS K 56 2.76 22.75 7.73
C LYS K 56 3.11 21.67 6.68
N SER K 57 4.01 22.01 5.77
CA SER K 57 4.48 21.08 4.78
C SER K 57 5.99 21.12 4.64
N HIS K 58 6.62 19.98 4.38
CA HIS K 58 8.07 19.96 4.12
C HIS K 58 8.41 20.71 2.82
N TYR K 59 7.46 20.78 1.89
CA TYR K 59 7.67 21.55 0.68
C TYR K 59 7.88 23.02 1.01
N GLU K 60 7.15 23.55 1.99
CA GLU K 60 7.37 24.93 2.45
C GLU K 60 8.73 25.08 3.09
N LEU K 61 9.05 24.21 4.02
CA LEU K 61 10.33 24.33 4.68
C LEU K 61 11.48 24.16 3.67
N ALA K 62 11.35 23.25 2.71
CA ALA K 62 12.37 23.05 1.65
C ALA K 62 12.52 24.25 0.69
N ALA K 63 11.40 24.85 0.32
CA ALA K 63 11.36 26.03 -0.54
C ALA K 63 12.05 27.21 0.15
N ASN K 64 11.71 27.41 1.41
CA ASN K 64 12.35 28.42 2.17
C ASN K 64 13.85 28.19 2.27
N ARG K 65 14.28 26.94 2.42
CA ARG K 65 15.73 26.70 2.55
C ARG K 65 16.37 27.10 1.24
N ALA K 66 15.76 26.66 0.15
CA ALA K 66 16.29 26.93 -1.18
C ALA K 66 16.32 28.43 -1.47
N TYR K 67 15.17 29.09 -1.29
CA TYR K 67 15.05 30.50 -1.55
C TYR K 67 16.12 31.24 -0.76
N ARG K 68 16.24 30.95 0.54
CA ARG K 68 17.23 31.64 1.34
C ARG K 68 18.68 31.37 0.87
N VAL K 69 19.01 30.14 0.49
CA VAL K 69 20.34 29.92 -0.10
C VAL K 69 20.54 30.81 -1.36
N MET K 70 19.58 30.82 -2.28
CA MET K 70 19.66 31.65 -3.49
C MET K 70 19.81 33.17 -3.26
N LYS K 71 19.00 33.73 -2.36
CA LYS K 71 19.12 35.11 -1.92
C LYS K 71 20.58 35.36 -1.52
N VAL K 72 21.18 34.42 -0.79
CA VAL K 72 22.56 34.62 -0.33
C VAL K 72 23.57 34.49 -1.47
N LEU K 73 23.33 33.56 -2.38
CA LEU K 73 24.16 33.48 -3.57
C LEU K 73 24.12 34.78 -4.40
N ILE K 74 22.94 35.37 -4.52
CA ILE K 74 22.76 36.64 -5.22
C ILE K 74 23.51 37.74 -4.50
N GLN K 75 23.30 37.80 -3.18
CA GLN K 75 23.99 38.76 -2.31
C GLN K 75 25.50 38.71 -2.58
N TYR K 76 26.05 37.51 -2.77
CA TYR K 76 27.49 37.38 -3.00
C TYR K 76 27.97 37.50 -4.43
N GLY K 77 27.09 37.95 -5.30
CA GLY K 77 27.46 38.31 -6.67
C GLY K 77 26.92 37.39 -7.76
N VAL K 78 26.21 36.31 -7.41
CA VAL K 78 25.72 35.43 -8.49
C VAL K 78 24.53 36.06 -9.21
N ASN K 79 24.61 36.10 -10.53
CA ASN K 79 23.53 36.70 -11.29
C ASN K 79 22.19 35.98 -11.26
N PRO K 80 21.12 36.71 -10.86
CA PRO K 80 19.79 36.14 -10.76
C PRO K 80 19.36 35.50 -12.07
N ASN K 81 19.86 35.99 -13.19
CA ASN K 81 19.51 35.35 -14.44
C ASN K 81 20.00 33.89 -14.61
N GLN K 82 21.01 33.49 -13.81
CA GLN K 82 21.52 32.13 -13.83
C GLN K 82 20.94 31.29 -12.69
N LEU K 83 19.94 31.81 -11.99
CA LEU K 83 19.46 31.14 -10.78
C LEU K 83 17.97 30.79 -10.80
N SER K 84 17.64 29.74 -10.07
CA SER K 84 16.26 29.38 -9.79
C SER K 84 16.33 28.55 -8.54
N PHE K 85 15.19 28.41 -7.87
CA PHE K 85 15.13 27.52 -6.71
C PHE K 85 14.01 26.49 -6.81
N SER K 86 14.24 25.30 -6.27
CA SER K 86 13.24 24.26 -6.35
C SER K 86 13.05 23.62 -4.98
N SER K 87 11.88 23.05 -4.79
CA SER K 87 11.49 22.48 -3.53
C SER K 87 11.30 20.99 -3.69
N TYR K 88 11.99 20.19 -2.91
CA TYR K 88 11.86 18.75 -3.11
C TYR K 88 11.19 18.00 -1.97
N GLY K 89 10.86 18.70 -0.89
CA GLY K 89 10.36 18.09 0.36
C GLY K 89 11.33 17.03 0.88
N SER K 90 10.80 15.83 1.12
CA SER K 90 11.56 14.77 1.76
C SER K 90 11.98 13.71 0.75
N THR K 91 11.57 13.93 -0.51
CA THR K 91 11.96 13.06 -1.62
C THR K 91 13.49 13.08 -1.84
N ASN K 92 14.00 12.06 -2.53
CA ASN K 92 15.44 11.91 -2.82
C ASN K 92 16.32 12.17 -1.61
N PRO K 93 16.12 11.43 -0.53
CA PRO K 93 17.03 11.70 0.59
C PRO K 93 18.43 11.24 0.22
N ILE K 94 19.47 11.85 0.81
CA ILE K 94 20.84 11.38 0.59
C ILE K 94 21.24 10.26 1.54
N ALA K 95 20.50 10.12 2.63
CA ALA K 95 20.74 9.11 3.69
C ALA K 95 19.41 8.53 4.17
N PRO K 96 19.39 7.23 4.54
CA PRO K 96 18.16 6.71 5.11
C PRO K 96 17.64 7.56 6.28
N ASN K 97 16.30 7.65 6.38
CA ASN K 97 15.64 8.36 7.48
C ASN K 97 15.49 7.46 8.72
N ASP K 98 16.62 6.89 9.19
CA ASP K 98 16.58 5.79 10.16
C ASP K 98 17.28 6.03 11.51
N SER K 99 18.06 7.10 11.59
CA SER K 99 18.69 7.54 12.83
C SER K 99 18.74 9.05 12.78
N LEU K 100 18.94 9.68 13.94
CA LEU K 100 18.99 11.15 14.01
C LEU K 100 20.15 11.71 13.18
N GLU K 101 21.27 10.99 13.18
CA GLU K 101 22.47 11.36 12.45
C GLU K 101 22.23 11.36 10.95
N ASN K 102 21.53 10.33 10.47
CA ASN K 102 21.13 10.22 9.07
C ASN K 102 19.97 11.15 8.69
N ARG K 103 18.97 11.28 9.56
CA ARG K 103 17.85 12.22 9.28
C ARG K 103 18.42 13.61 9.07
N MET K 104 19.33 14.03 9.96
CA MET K 104 19.97 15.35 9.89
C MET K 104 20.69 15.62 8.55
N LYS K 105 21.31 14.60 7.95
CA LYS K 105 21.90 14.78 6.61
C LYS K 105 20.85 15.17 5.57
N ASN K 106 19.58 14.81 5.77
CA ASN K 106 18.54 15.11 4.77
C ASN K 106 18.07 16.58 4.72
N ASN K 107 18.40 17.34 5.76
CA ASN K 107 18.00 18.76 5.83
C ASN K 107 19.07 19.60 5.18
N ARG K 108 18.88 19.88 3.89
CA ARG K 108 19.96 20.46 3.11
C ARG K 108 19.47 21.11 1.84
N VAL K 109 20.37 21.88 1.25
CA VAL K 109 20.23 22.48 -0.05
C VAL K 109 21.40 21.99 -0.94
N GLU K 110 21.10 21.63 -2.18
CA GLU K 110 22.10 21.25 -3.14
C GLU K 110 22.04 22.12 -4.37
N ILE K 111 23.18 22.22 -5.05
CA ILE K 111 23.34 23.02 -6.24
C ILE K 111 23.26 22.09 -7.46
N PHE K 112 22.37 22.40 -8.42
CA PHE K 112 22.42 21.66 -9.71
C PHE K 112 22.83 22.56 -10.84
N PHE K 113 23.79 22.10 -11.61
CA PHE K 113 24.29 22.80 -12.81
C PHE K 113 23.51 22.32 -14.01
N SER K 114 23.10 23.26 -14.85
CA SER K 114 22.51 22.96 -16.15
C SER K 114 23.48 23.52 -17.20
N THR K 115 23.90 22.66 -18.13
CA THR K 115 25.10 22.87 -18.93
C THR K 115 25.07 21.97 -20.14
N ASP K 116 25.60 22.46 -21.24
CA ASP K 116 25.81 21.63 -22.41
C ASP K 116 27.12 20.84 -22.27
N ALA K 117 27.37 19.89 -23.18
CA ALA K 117 28.48 18.96 -23.05
C ALA K 117 29.83 19.66 -23.04
N ASN K 118 30.00 20.60 -23.96
CA ASN K 118 31.22 21.37 -24.09
C ASN K 118 31.57 22.22 -22.87
N ASP K 119 30.56 22.69 -22.15
CA ASP K 119 30.79 23.50 -20.93
C ASP K 119 30.94 22.65 -19.65
N LEU K 120 30.44 21.42 -19.72
CA LEU K 120 30.54 20.49 -18.62
C LEU K 120 32.02 20.31 -18.19
N SER K 121 32.92 20.15 -19.15
CA SER K 121 34.34 19.97 -18.85
C SER K 121 34.95 21.23 -18.24
N LYS K 122 34.48 22.39 -18.68
CA LYS K 122 34.94 23.62 -18.09
C LYS K 122 34.55 23.63 -16.61
N ILE K 123 33.33 23.19 -16.31
CA ILE K 123 32.91 23.14 -14.93
C ILE K 123 33.78 22.14 -14.20
N HIS K 124 33.97 20.99 -14.82
CA HIS K 124 34.76 19.94 -14.23
C HIS K 124 36.13 20.40 -13.74
N SER K 125 36.93 21.03 -14.60
CA SER K 125 38.22 21.62 -14.22
C SER K 125 38.16 22.66 -13.11
N ILE K 126 37.14 23.50 -13.11
CA ILE K 126 37.04 24.53 -12.08
C ILE K 126 36.70 23.92 -10.72
N LEU K 127 35.74 23.01 -10.72
CA LEU K 127 35.43 22.23 -9.53
C LEU K 127 36.70 21.51 -9.00
N ASP K 128 37.41 20.81 -9.89
CA ASP K 128 38.59 20.05 -9.51
C ASP K 128 39.69 20.93 -8.90
N ASN K 129 40.00 22.05 -9.56
CA ASN K 129 40.95 23.02 -9.02
C ASN K 129 40.58 23.51 -7.64
N GLU K 130 39.29 23.77 -7.42
CA GLU K 130 38.84 24.28 -6.14
C GLU K 130 38.85 23.20 -5.06
N PHE K 131 38.18 22.08 -5.34
CA PHE K 131 37.89 21.08 -4.31
C PHE K 131 38.76 19.82 -4.29
N ASN K 132 40.07 19.98 -4.45
CA ASN K 132 41.00 18.84 -4.36
C ASN K 132 42.43 19.29 -4.13
N GLY L 1 -9.51 43.63 -14.48
CA GLY L 1 -8.30 42.89 -14.95
C GLY L 1 -6.98 43.54 -14.55
N ILE L 2 -6.03 42.72 -14.10
CA ILE L 2 -4.77 43.24 -13.57
C ILE L 2 -3.81 43.93 -14.57
N ASP L 3 -3.17 45.04 -14.15
CA ASP L 3 -2.12 45.68 -14.93
C ASP L 3 -0.79 45.06 -14.59
N PRO L 4 0.16 45.09 -15.54
CA PRO L 4 1.51 44.61 -15.22
C PRO L 4 2.21 45.54 -14.23
N PHE L 5 3.31 45.06 -13.64
CA PHE L 5 4.15 45.95 -12.83
C PHE L 5 5.16 46.61 -13.77
N THR L 6 5.05 47.91 -13.94
CA THR L 6 5.88 48.72 -14.86
C THR L 6 7.02 49.42 -14.12
N PHE L 7 8.05 49.84 -14.86
CA PHE L 7 9.25 50.39 -14.25
C PHE L 7 9.52 51.80 -14.76
N GLU L 8 9.88 52.72 -13.86
CA GLU L 8 10.04 54.12 -14.25
C GLU L 8 11.01 54.23 -15.42
N ASN L 9 12.27 53.91 -15.17
CA ASN L 9 13.25 54.04 -16.23
C ASN L 9 13.64 52.73 -16.91
N ALA L 10 13.75 52.84 -18.22
CA ALA L 10 14.08 51.80 -19.15
C ALA L 10 15.20 50.90 -18.68
N THR L 11 16.14 51.44 -17.91
CA THR L 11 17.29 50.59 -17.60
C THR L 11 17.36 50.15 -16.14
N SER L 12 16.30 50.41 -15.37
CA SER L 12 16.37 50.10 -13.96
C SER L 12 15.42 48.96 -13.46
N ASP L 13 15.78 48.40 -12.30
CA ASP L 13 14.95 47.41 -11.61
C ASP L 13 14.30 48.04 -10.41
N ALA L 14 14.57 49.33 -10.21
CA ALA L 14 13.97 50.11 -9.12
C ALA L 14 12.44 50.01 -9.08
N ILE L 15 11.90 49.73 -7.91
CA ILE L 15 10.44 49.64 -7.73
C ILE L 15 9.92 50.87 -6.93
N ASN L 16 9.03 51.64 -7.55
CA ASN L 16 8.26 52.77 -6.90
C ASN L 16 7.49 52.50 -5.62
N GLN L 17 7.24 53.56 -4.88
CA GLN L 17 6.32 53.54 -3.73
C GLN L 17 4.92 53.06 -4.21
N ASP L 18 4.42 53.62 -5.32
CA ASP L 18 3.22 53.14 -6.00
C ASP L 18 3.28 51.68 -6.48
N MET L 19 4.42 51.26 -7.02
CA MET L 19 4.53 49.86 -7.41
C MET L 19 4.59 48.93 -6.19
N MET L 20 5.16 49.41 -5.09
CA MET L 20 5.24 48.62 -3.86
C MET L 20 3.85 48.31 -3.32
N LEU L 21 3.02 49.34 -3.14
CA LEU L 21 1.64 49.16 -2.72
C LEU L 21 0.85 48.26 -3.69
N TYR L 22 1.06 48.45 -4.99
CA TYR L 22 0.39 47.59 -5.93
C TYR L 22 0.86 46.14 -5.79
N ILE L 23 2.16 45.92 -5.62
CA ILE L 23 2.64 44.57 -5.36
C ILE L 23 2.03 43.97 -4.08
N GLU L 24 1.93 44.77 -3.02
CA GLU L 24 1.30 44.30 -1.82
C GLU L 24 -0.16 43.96 -2.04
N ARG L 25 -0.83 44.66 -2.95
CA ARG L 25 -2.22 44.29 -3.24
C ARG L 25 -2.30 42.89 -3.92
N ILE L 26 -1.47 42.67 -4.94
CA ILE L 26 -1.31 41.34 -5.56
C ILE L 26 -0.89 40.24 -4.59
N ALA L 27 -0.02 40.56 -3.62
CA ALA L 27 0.32 39.56 -2.59
C ALA L 27 -0.89 39.16 -1.75
N LYS L 28 -1.78 40.11 -1.46
CA LYS L 28 -2.96 39.79 -0.66
C LYS L 28 -3.87 38.82 -1.41
N ILE L 29 -4.06 39.07 -2.70
CA ILE L 29 -4.85 38.19 -3.57
C ILE L 29 -4.25 36.79 -3.64
N ILE L 30 -2.97 36.68 -3.96
CA ILE L 30 -2.30 35.38 -4.08
C ILE L 30 -2.56 34.52 -2.84
N GLN L 31 -2.52 35.17 -1.68
CA GLN L 31 -2.62 34.44 -0.42
C GLN L 31 -4.01 33.89 -0.18
N LYS L 32 -4.99 34.37 -0.94
CA LYS L 32 -6.38 33.89 -0.88
C LYS L 32 -6.67 32.80 -1.90
N LEU L 33 -5.70 32.53 -2.76
CA LEU L 33 -5.88 31.55 -3.82
C LEU L 33 -5.69 30.15 -3.28
N PRO L 34 -6.18 29.12 -4.01
CA PRO L 34 -5.94 27.72 -3.58
C PRO L 34 -4.43 27.37 -3.54
N LYS L 35 -4.04 26.48 -2.62
CA LYS L 35 -2.64 26.19 -2.33
C LYS L 35 -1.90 25.66 -3.56
N ARG L 36 -2.60 24.92 -4.40
CA ARG L 36 -2.05 24.30 -5.60
C ARG L 36 -1.95 25.27 -6.78
N VAL L 37 -2.22 26.55 -6.57
CA VAL L 37 -1.99 27.55 -7.62
C VAL L 37 -0.57 28.12 -7.47
N HIS L 38 0.25 27.99 -8.51
CA HIS L 38 1.59 28.56 -8.50
C HIS L 38 1.69 29.85 -9.34
N ILE L 39 2.59 30.73 -8.90
CA ILE L 39 2.78 32.04 -9.49
C ILE L 39 4.18 32.16 -10.09
N ASN L 40 4.22 32.45 -11.39
CA ASN L 40 5.47 32.70 -12.12
C ASN L 40 5.58 34.20 -12.33
N VAL L 41 6.69 34.77 -11.81
CA VAL L 41 6.96 36.21 -11.90
C VAL L 41 7.90 36.44 -13.08
N ARG L 42 7.40 37.14 -14.10
CA ARG L 42 8.05 37.26 -15.43
C ARG L 42 8.51 38.66 -15.69
N GLY L 43 9.80 38.82 -15.97
CA GLY L 43 10.37 40.12 -16.30
C GLY L 43 10.64 40.37 -17.78
N PHE L 44 10.55 41.64 -18.17
CA PHE L 44 10.67 42.05 -19.57
C PHE L 44 11.35 43.40 -19.68
N THR L 45 11.92 43.66 -20.84
CA THR L 45 12.48 44.97 -21.14
C THR L 45 12.03 45.49 -22.53
N ASP L 46 12.31 46.75 -22.79
CA ASP L 46 12.26 47.24 -24.16
C ASP L 46 13.54 46.78 -24.86
N ASP L 47 13.67 47.09 -26.14
CA ASP L 47 14.89 46.69 -26.84
C ASP L 47 15.92 47.81 -26.88
N THR L 48 15.86 48.69 -25.88
CA THR L 48 16.80 49.80 -25.76
C THR L 48 18.19 49.27 -25.43
N PRO L 49 19.15 49.48 -26.34
CA PRO L 49 20.54 49.02 -26.13
C PRO L 49 21.08 49.48 -24.80
N LEU L 50 21.80 48.59 -24.12
CA LEU L 50 22.30 48.85 -22.76
C LEU L 50 23.74 49.30 -22.76
N VAL L 51 23.99 50.43 -23.42
CA VAL L 51 25.32 51.04 -23.45
C VAL L 51 25.67 51.57 -22.06
N LYS L 52 26.89 51.26 -21.61
CA LYS L 52 27.40 51.68 -20.31
C LYS L 52 26.33 51.87 -19.21
N THR L 53 25.54 50.82 -18.97
CA THR L 53 24.77 50.69 -17.72
C THR L 53 25.40 49.58 -16.85
N ARG L 54 24.82 49.31 -15.69
CA ARG L 54 25.30 48.22 -14.81
C ARG L 54 24.89 46.80 -15.28
N PHE L 55 23.77 46.67 -15.98
CA PHE L 55 23.35 45.37 -16.50
C PHE L 55 24.06 44.95 -17.81
N LYS L 56 24.58 43.72 -17.90
CA LYS L 56 25.29 43.24 -19.11
C LYS L 56 24.36 42.92 -20.29
N SER L 57 23.08 42.63 -20.01
CA SER L 57 22.14 42.25 -21.06
C SER L 57 20.68 42.49 -20.63
N HIS L 58 19.78 42.51 -21.61
CA HIS L 58 18.35 42.60 -21.31
C HIS L 58 17.82 41.47 -20.45
N TYR L 59 18.31 40.25 -20.67
CA TYR L 59 17.93 39.11 -19.79
C TYR L 59 18.31 39.41 -18.35
N GLU L 60 19.46 40.05 -18.17
CA GLU L 60 19.97 40.31 -16.85
C GLU L 60 19.05 41.33 -16.17
N LEU L 61 18.83 42.48 -16.83
CA LEU L 61 17.84 43.45 -16.34
C LEU L 61 16.47 42.80 -16.04
N ALA L 62 15.92 42.07 -16.97
CA ALA L 62 14.61 41.44 -16.77
C ALA L 62 14.60 40.44 -15.61
N ALA L 63 15.70 39.70 -15.46
CA ALA L 63 15.85 38.76 -14.34
C ALA L 63 15.82 39.46 -12.99
N ASN L 64 16.53 40.59 -12.88
CA ASN L 64 16.58 41.28 -11.63
C ASN L 64 15.20 41.89 -11.31
N ARG L 65 14.56 42.49 -12.31
CA ARG L 65 13.21 42.96 -12.18
C ARG L 65 12.31 41.87 -11.64
N ALA L 66 12.42 40.68 -12.22
CA ALA L 66 11.49 39.62 -11.87
C ALA L 66 11.82 39.14 -10.47
N TYR L 67 13.11 39.03 -10.21
CA TYR L 67 13.56 38.56 -8.92
C TYR L 67 13.13 39.49 -7.81
N ARG L 68 13.30 40.80 -8.01
CA ARG L 68 12.92 41.78 -6.98
C ARG L 68 11.43 41.75 -6.68
N VAL L 69 10.61 41.75 -7.72
CA VAL L 69 9.15 41.77 -7.52
C VAL L 69 8.77 40.52 -6.71
N MET L 70 9.41 39.39 -7.02
CA MET L 70 9.18 38.12 -6.32
C MET L 70 9.50 38.24 -4.83
N LYS L 71 10.63 38.89 -4.55
CA LYS L 71 11.17 39.09 -3.21
C LYS L 71 10.21 39.95 -2.39
N VAL L 72 9.62 40.93 -3.05
CA VAL L 72 8.62 41.79 -2.42
C VAL L 72 7.29 41.06 -2.20
N LEU L 73 6.89 40.23 -3.17
CA LEU L 73 5.71 39.36 -2.99
C LEU L 73 5.83 38.51 -1.71
N ILE L 74 7.01 37.93 -1.53
CA ILE L 74 7.36 37.14 -0.37
C ILE L 74 7.39 37.95 0.94
N GLN L 75 8.06 39.11 0.92
CA GLN L 75 8.01 40.04 2.05
C GLN L 75 6.55 40.41 2.41
N TYR L 76 5.64 40.49 1.44
CA TYR L 76 4.22 40.68 1.78
C TYR L 76 3.44 39.42 2.13
N GLY L 77 4.14 38.30 2.29
CA GLY L 77 3.53 37.10 2.88
C GLY L 77 3.25 35.94 1.94
N VAL L 78 3.54 36.10 0.65
CA VAL L 78 3.33 34.99 -0.25
C VAL L 78 4.35 33.92 0.05
N ASN L 79 3.86 32.69 0.14
CA ASN L 79 4.70 31.54 0.33
C ASN L 79 5.73 31.29 -0.78
N PRO L 80 7.02 31.29 -0.44
CA PRO L 80 8.05 30.94 -1.45
C PRO L 80 7.76 29.68 -2.28
N ASN L 81 7.18 28.66 -1.67
CA ASN L 81 6.86 27.43 -2.40
C ASN L 81 5.89 27.61 -3.56
N GLN L 82 5.13 28.69 -3.58
CA GLN L 82 4.21 28.92 -4.69
C GLN L 82 4.80 29.84 -5.75
N LEU L 83 6.09 30.18 -5.63
CA LEU L 83 6.68 31.24 -6.47
C LEU L 83 7.85 30.79 -7.32
N SER L 84 8.06 31.47 -8.43
CA SER L 84 9.32 31.38 -9.17
C SER L 84 9.43 32.60 -10.07
N PHE L 85 10.57 32.76 -10.72
CA PHE L 85 10.75 33.98 -11.53
C PHE L 85 11.42 33.61 -12.84
N SER L 86 11.05 34.27 -13.93
CA SER L 86 11.69 33.98 -15.21
C SER L 86 12.06 35.28 -15.94
N SER L 87 13.17 35.22 -16.67
CA SER L 87 13.61 36.35 -17.46
C SER L 87 13.27 36.18 -18.93
N TYR L 88 12.51 37.12 -19.47
CA TYR L 88 12.21 37.04 -20.91
C TYR L 88 13.03 38.05 -21.74
N GLY L 89 13.85 38.85 -21.07
CA GLY L 89 14.61 39.89 -21.74
C GLY L 89 13.71 40.82 -22.54
N SER L 90 14.20 41.23 -23.71
CA SER L 90 13.42 42.10 -24.58
C SER L 90 12.53 41.35 -25.59
N THR L 91 12.32 40.06 -25.38
CA THR L 91 11.44 39.28 -26.23
C THR L 91 10.00 39.47 -25.72
N ASN L 92 9.00 39.19 -26.57
CA ASN L 92 7.58 39.25 -26.14
C ASN L 92 7.11 40.65 -25.75
N PRO L 93 7.45 41.67 -26.56
CA PRO L 93 7.07 43.01 -26.13
C PRO L 93 5.56 43.23 -26.24
N ILE L 94 5.01 44.03 -25.30
CA ILE L 94 3.57 44.36 -25.30
C ILE L 94 3.24 45.28 -26.46
N ALA L 95 4.19 46.17 -26.76
CA ALA L 95 3.98 47.33 -27.66
C ALA L 95 5.16 47.50 -28.63
N PRO L 96 4.96 48.25 -29.73
CA PRO L 96 6.12 48.61 -30.56
C PRO L 96 7.25 49.22 -29.71
N ASN L 97 8.51 48.96 -30.04
CA ASN L 97 9.58 49.70 -29.41
C ASN L 97 9.92 50.99 -30.17
N ASP L 98 8.91 51.73 -30.60
CA ASP L 98 9.18 52.91 -31.43
C ASP L 98 9.25 54.26 -30.68
N SER L 99 8.39 54.51 -29.70
CA SER L 99 8.42 55.77 -28.98
C SER L 99 8.69 55.51 -27.51
N LEU L 100 8.68 56.56 -26.70
CA LEU L 100 9.00 56.45 -25.29
C LEU L 100 7.85 55.84 -24.51
N GLU L 101 6.62 56.30 -24.80
CA GLU L 101 5.41 55.76 -24.16
C GLU L 101 5.38 54.25 -24.29
N ASN L 102 5.53 53.81 -25.55
CA ASN L 102 5.52 52.41 -25.96
C ASN L 102 6.66 51.61 -25.32
N ARG L 103 7.90 52.06 -25.46
CA ARG L 103 9.06 51.35 -24.89
C ARG L 103 8.88 51.11 -23.39
N MET L 104 8.37 52.14 -22.71
CA MET L 104 8.08 52.06 -21.30
C MET L 104 7.08 50.95 -21.04
N LYS L 105 6.05 50.81 -21.87
CA LYS L 105 5.09 49.73 -21.66
C LYS L 105 5.73 48.36 -21.59
N ASN L 106 6.87 48.22 -22.26
CA ASN L 106 7.57 46.95 -22.39
C ASN L 106 8.47 46.66 -21.19
N ASN L 107 8.80 47.68 -20.41
CA ASN L 107 9.61 47.49 -19.20
C ASN L 107 8.76 47.09 -17.99
N ARG L 108 8.55 45.79 -17.85
CA ARG L 108 7.46 45.36 -16.97
C ARG L 108 7.67 43.98 -16.43
N VAL L 109 7.01 43.71 -15.31
CA VAL L 109 6.89 42.36 -14.79
C VAL L 109 5.42 41.99 -14.85
N GLU L 110 5.17 40.76 -15.26
CA GLU L 110 3.81 40.23 -15.42
C GLU L 110 3.70 39.00 -14.55
N ILE L 111 2.59 38.83 -13.87
CA ILE L 111 2.43 37.59 -13.14
C ILE L 111 1.53 36.57 -13.86
N PHE L 112 2.03 35.33 -13.90
CA PHE L 112 1.26 34.24 -14.49
C PHE L 112 0.82 33.26 -13.42
N PHE L 113 -0.40 32.77 -13.57
CA PHE L 113 -0.97 31.79 -12.67
C PHE L 113 -0.82 30.44 -13.29
N SER L 114 -0.45 29.45 -12.49
CA SER L 114 -0.45 28.09 -12.95
C SER L 114 -1.51 27.39 -12.07
N THR L 115 -2.56 26.87 -12.71
CA THR L 115 -3.83 26.46 -12.08
C THR L 115 -4.50 25.38 -12.92
N ASP L 116 -5.18 24.45 -12.27
CA ASP L 116 -6.04 23.53 -12.99
C ASP L 116 -7.37 24.19 -13.36
N ALA L 117 -8.25 23.48 -14.05
CA ALA L 117 -9.51 24.05 -14.54
C ALA L 117 -10.48 24.42 -13.41
N ASN L 118 -10.47 23.61 -12.37
CA ASN L 118 -11.33 23.80 -11.24
C ASN L 118 -10.92 25.05 -10.47
N ASP L 119 -9.64 25.13 -10.11
CA ASP L 119 -9.09 26.31 -9.41
C ASP L 119 -9.15 27.61 -10.22
N LEU L 120 -9.32 27.48 -11.53
CA LEU L 120 -9.40 28.65 -12.37
C LEU L 120 -10.64 29.52 -12.05
N SER L 121 -11.80 28.91 -11.87
CA SER L 121 -12.97 29.70 -11.47
C SER L 121 -12.74 30.53 -10.18
N LYS L 122 -12.16 29.91 -9.16
CA LYS L 122 -11.86 30.58 -7.90
C LYS L 122 -10.99 31.81 -8.10
N ILE L 123 -9.95 31.70 -8.94
CA ILE L 123 -9.06 32.82 -9.17
C ILE L 123 -9.88 33.94 -9.78
N HIS L 124 -10.68 33.59 -10.79
CA HIS L 124 -11.53 34.54 -11.49
C HIS L 124 -12.45 35.28 -10.52
N SER L 125 -13.17 34.52 -9.68
CA SER L 125 -14.04 35.07 -8.63
C SER L 125 -13.31 36.06 -7.75
N ILE L 126 -12.12 35.68 -7.31
CA ILE L 126 -11.37 36.44 -6.32
C ILE L 126 -10.79 37.71 -6.92
N LEU L 127 -10.33 37.63 -8.16
CA LEU L 127 -9.89 38.84 -8.86
C LEU L 127 -11.09 39.78 -9.06
N ASP L 128 -12.14 39.28 -9.69
CA ASP L 128 -13.29 40.11 -9.99
C ASP L 128 -13.73 40.99 -8.81
N ASN L 129 -14.15 40.38 -7.69
CA ASN L 129 -14.53 41.19 -6.52
C ASN L 129 -13.34 41.74 -5.72
N GLU L 130 -12.26 42.01 -6.44
CA GLU L 130 -11.11 42.74 -5.92
C GLU L 130 -10.71 43.90 -6.86
N PHE L 131 -10.96 43.71 -8.17
CA PHE L 131 -10.65 44.73 -9.18
C PHE L 131 -11.86 45.29 -9.91
N ASN L 132 -13.05 44.83 -9.51
CA ASN L 132 -14.29 45.38 -10.06
C ASN L 132 -15.41 45.35 -9.01
#